data_9OAS
#
_entry.id   9OAS
#
_cell.length_a   261.056
_cell.length_b   75.518
_cell.length_c   158.146
_cell.angle_alpha   90.000
_cell.angle_beta   92.359
_cell.angle_gamma   90.000
#
_symmetry.space_group_name_H-M   'C 1 2 1'
#
loop_
_entity.id
_entity.type
_entity.pdbx_description
1 polymer 'G001-14 Fab light chain'
2 polymer 'Germline-targeting HIV-1 gp120 engineered outer domain eOD-GT8-mingly-N276'
3 polymer 'G001-14 Fab heavy chain'
4 non-polymer 2-acetamido-2-deoxy-beta-D-glucopyranose
5 water water
#
loop_
_entity_poly.entity_id
_entity_poly.type
_entity_poly.pdbx_seq_one_letter_code
_entity_poly.pdbx_strand_id
1 'polypeptide(L)'
;DIQMTQSPSSLSASVGDRVTITCQASQDINNYLNWYQQKPGKAPKLLIYDASNLETGVPSRFSGSGSGTDFTFTISSLQP
EDIATYYCQQYEFFGGGTKVEIKRTVAAPSVFIFPPSDEQLKSGTASVVCLLNNFYPREAKVQWKVDNALQSGNSQESVT
EQDSKDSTYSLSSTLTLSKADYEKHKVYACEVTHQGLSSPVTKSFNRGEC
;
K,L,R,F
2 'polypeptide(L)'
;ETGDTITLPCRPAPPPHCSSNITGLILTRQGGYSNANTVIFRPSGGDWRDIARCQIAGTVVSTQLFLNGSLAEEEVVIRS
ENWTDNAKSICVQLATSVEIACTGAGHCAISRAKWANTLKQIASKLREQYGAKTIIFKPSSGGDPEFVNHSFNCGGEFFY
CASTQLFASTWFASTGTKHHHHHH
;
M,C,D,P
3 'polypeptide(L)'
;QVQSVQSGAEVKKPGASVKVSCKASGYTFTGYYMHWVRQAPGQGLEWVGWINPNSGGTNYAQKFQGRVTMTRDTSISTAY
MELSRLRSDDTAVYYCARVSQYSSGWYFGYWGQGTLVTVSSASTKGPSVFPLAPSSKSTSGGTAALGCLVKDYFPEPVTV
SWNSGALTSGVHTFPAVLQSSGLYSLSSVVTVPSSSLGTQTYICNVNHKPSNTKVDKKVEPKSC
;
J,H,Q,E
#
# COMPACT_ATOMS: atom_id res chain seq x y z
N ILE A 2 3.92 35.96 -15.28
CA ILE A 2 4.06 37.37 -15.63
C ILE A 2 2.72 38.07 -15.82
N GLN A 3 2.55 39.19 -15.12
CA GLN A 3 1.42 40.08 -15.32
C GLN A 3 1.93 41.39 -15.91
N MET A 4 1.32 41.83 -17.01
CA MET A 4 1.70 43.07 -17.67
C MET A 4 0.62 44.12 -17.42
N THR A 5 0.97 45.15 -16.67
CA THR A 5 0.09 46.26 -16.40
C THR A 5 0.58 47.46 -17.19
N GLN A 6 -0.16 47.82 -18.23
CA GLN A 6 0.18 48.95 -19.07
C GLN A 6 -0.89 50.02 -18.86
N SER A 7 -0.45 51.22 -18.51
CA SER A 7 -1.35 52.31 -18.18
C SER A 7 -0.82 53.60 -18.77
N PRO A 8 -1.72 54.52 -19.20
CA PRO A 8 -3.18 54.36 -19.13
C PRO A 8 -3.74 53.47 -20.24
N SER A 9 -5.04 53.16 -20.16
CA SER A 9 -5.67 52.40 -21.22
C SER A 9 -5.83 53.23 -22.48
N SER A 10 -6.12 54.51 -22.32
CA SER A 10 -6.27 55.42 -23.44
C SER A 10 -5.84 56.82 -23.00
N LEU A 11 -5.47 57.64 -23.97
CA LEU A 11 -5.06 59.01 -23.70
C LEU A 11 -5.30 59.84 -24.95
N SER A 12 -5.49 61.14 -24.75
CA SER A 12 -5.69 62.08 -25.84
C SER A 12 -4.66 63.18 -25.74
N ALA A 13 -4.01 63.49 -26.86
CA ALA A 13 -3.00 64.54 -26.88
C ALA A 13 -3.09 65.28 -28.21
N SER A 14 -2.62 66.53 -28.19
CA SER A 14 -2.60 67.35 -29.39
C SER A 14 -1.37 67.04 -30.23
N VAL A 15 -1.30 67.64 -31.41
CA VAL A 15 -0.12 67.51 -32.26
C VAL A 15 1.02 68.31 -31.66
N GLY A 16 2.12 67.65 -31.36
CA GLY A 16 3.31 68.29 -30.84
C GLY A 16 3.55 68.07 -29.34
N ASP A 17 2.59 67.53 -28.61
CA ASP A 17 2.75 67.29 -27.19
C ASP A 17 3.62 66.05 -26.94
N ARG A 18 4.07 65.91 -25.70
CA ARG A 18 4.94 64.81 -25.31
C ARG A 18 4.09 63.71 -24.69
N VAL A 19 3.99 62.60 -25.38
CA VAL A 19 3.19 61.47 -24.93
C VAL A 19 4.10 60.52 -24.17
N THR A 20 3.62 60.02 -23.04
CA THR A 20 4.41 59.13 -22.21
C THR A 20 3.53 57.95 -21.80
N ILE A 21 3.94 56.75 -22.19
CA ILE A 21 3.22 55.52 -21.87
C ILE A 21 4.09 54.68 -20.94
N THR A 22 3.48 54.14 -19.90
CA THR A 22 4.21 53.36 -18.90
C THR A 22 3.73 51.92 -18.90
N CYS A 23 4.68 50.98 -18.91
CA CYS A 23 4.39 49.56 -18.74
C CYS A 23 5.25 49.06 -17.59
N GLN A 24 4.62 48.51 -16.57
CA GLN A 24 5.31 48.02 -15.39
C GLN A 24 4.99 46.54 -15.21
N ALA A 25 6.03 45.72 -15.11
CA ALA A 25 5.86 44.30 -14.87
C ALA A 25 5.90 44.00 -13.39
N SER A 26 5.39 42.81 -13.03
CA SER A 26 5.36 42.37 -11.64
C SER A 26 6.64 41.64 -11.23
N GLN A 27 7.52 41.32 -12.17
CA GLN A 27 8.75 40.59 -11.86
C GLN A 27 9.93 41.25 -12.58
N ASP A 28 11.12 41.01 -12.04
CA ASP A 28 12.36 41.58 -12.55
C ASP A 28 12.69 40.98 -13.93
N ILE A 29 12.49 41.76 -14.98
CA ILE A 29 12.77 41.31 -16.35
C ILE A 29 14.02 41.96 -16.90
N ASN A 30 14.81 42.61 -16.06
CA ASN A 30 16.07 43.24 -16.48
C ASN A 30 15.72 44.33 -17.51
N ASN A 31 16.56 44.53 -18.53
CA ASN A 31 16.38 45.61 -19.49
C ASN A 31 15.57 45.18 -20.71
N TYR A 32 15.18 43.91 -20.81
CA TYR A 32 14.53 43.40 -22.01
C TYR A 32 13.03 43.68 -21.94
N LEU A 33 12.57 44.59 -22.79
CA LEU A 33 11.15 44.88 -22.95
C LEU A 33 10.96 45.55 -24.29
N ASN A 34 9.98 45.07 -25.06
CA ASN A 34 9.74 45.56 -26.42
C ASN A 34 8.46 46.37 -26.47
N TRP A 35 8.41 47.31 -27.39
CA TRP A 35 7.26 48.18 -27.60
C TRP A 35 6.82 48.09 -29.05
N TYR A 36 5.53 47.79 -29.25
CA TYR A 36 4.96 47.65 -30.58
C TYR A 36 3.91 48.72 -30.81
N GLN A 37 3.79 49.15 -32.06
CA GLN A 37 2.78 50.11 -32.48
C GLN A 37 1.87 49.44 -33.50
N GLN A 38 0.57 49.40 -33.20
CA GLN A 38 -0.42 48.79 -34.09
C GLN A 38 -1.41 49.84 -34.56
N LYS A 39 -1.28 50.28 -35.82
CA LYS A 39 -2.28 51.14 -36.40
C LYS A 39 -3.53 50.32 -36.75
N PRO A 40 -4.70 50.96 -36.72
CA PRO A 40 -5.95 50.21 -36.95
C PRO A 40 -5.96 49.51 -38.30
N GLY A 41 -6.29 48.22 -38.28
CA GLY A 41 -6.34 47.40 -39.47
C GLY A 41 -5.04 46.75 -39.87
N LYS A 42 -3.93 47.10 -39.23
CA LYS A 42 -2.62 46.55 -39.56
C LYS A 42 -2.08 45.71 -38.42
N ALA A 43 -0.96 45.05 -38.69
CA ALA A 43 -0.27 44.23 -37.72
C ALA A 43 0.65 45.07 -36.83
N PRO A 44 0.96 44.60 -35.63
CA PRO A 44 1.87 45.35 -34.75
C PRO A 44 3.23 45.55 -35.41
N LYS A 45 3.89 46.65 -35.06
CA LYS A 45 5.18 47.00 -35.62
C LYS A 45 6.13 47.36 -34.49
N LEU A 46 7.31 46.74 -34.49
CA LEU A 46 8.28 46.95 -33.42
C LEU A 46 8.97 48.31 -33.55
N LEU A 47 8.90 49.10 -32.48
CA LEU A 47 9.56 50.39 -32.43
C LEU A 47 10.75 50.42 -31.46
N ILE A 48 10.56 49.95 -30.24
CA ILE A 48 11.59 49.95 -29.21
C ILE A 48 11.82 48.51 -28.76
N TYR A 49 13.08 48.08 -28.74
CA TYR A 49 13.46 46.79 -28.20
C TYR A 49 14.46 46.96 -27.07
N ASP A 50 14.39 46.08 -26.08
CA ASP A 50 15.24 46.15 -24.88
C ASP A 50 15.13 47.51 -24.20
N ALA A 51 13.89 47.92 -23.95
CA ALA A 51 13.56 49.13 -23.19
C ALA A 51 14.03 50.42 -23.86
N SER A 52 15.28 50.49 -24.30
CA SER A 52 15.85 51.76 -24.74
C SER A 52 16.35 51.79 -26.18
N ASN A 53 16.50 50.64 -26.85
CA ASN A 53 17.07 50.63 -28.19
C ASN A 53 15.99 50.76 -29.25
N LEU A 54 16.36 51.37 -30.37
CA LEU A 54 15.46 51.75 -31.44
C LEU A 54 15.69 50.87 -32.66
N GLU A 55 14.63 50.19 -33.13
CA GLU A 55 14.73 49.40 -34.35
C GLU A 55 15.00 50.30 -35.55
N THR A 56 15.73 49.75 -36.53
CA THR A 56 16.09 50.53 -37.70
C THR A 56 14.84 50.95 -38.47
N GLY A 57 14.83 52.21 -38.88
CA GLY A 57 13.73 52.76 -39.66
C GLY A 57 12.68 53.51 -38.86
N VAL A 58 12.81 53.56 -37.54
CA VAL A 58 11.83 54.22 -36.68
C VAL A 58 12.31 55.65 -36.41
N PRO A 59 11.45 56.65 -36.53
CA PRO A 59 11.89 58.03 -36.27
C PRO A 59 12.41 58.22 -34.86
N SER A 60 13.25 59.24 -34.70
CA SER A 60 13.93 59.50 -33.43
C SER A 60 13.02 60.07 -32.36
N ARG A 61 11.81 60.52 -32.71
CA ARG A 61 10.91 61.07 -31.69
C ARG A 61 10.48 60.00 -30.69
N PHE A 62 10.50 58.73 -31.10
CA PHE A 62 10.16 57.64 -30.21
C PHE A 62 11.35 57.29 -29.31
N SER A 63 11.07 57.04 -28.04
CA SER A 63 12.10 56.70 -27.08
C SER A 63 11.49 55.88 -25.96
N GLY A 64 12.34 55.19 -25.22
CA GLY A 64 11.89 54.39 -24.09
C GLY A 64 12.99 54.31 -23.05
N SER A 65 12.60 54.00 -21.83
CA SER A 65 13.55 53.93 -20.74
C SER A 65 12.98 53.01 -19.66
N GLY A 66 13.83 52.68 -18.69
CA GLY A 66 13.41 51.85 -17.57
C GLY A 66 14.20 50.57 -17.44
N SER A 67 14.18 49.98 -16.25
CA SER A 67 14.87 48.72 -16.00
C SER A 67 14.29 48.10 -14.73
N GLY A 68 14.39 46.77 -14.65
CA GLY A 68 13.83 46.08 -13.51
C GLY A 68 12.36 45.77 -13.71
N THR A 69 11.50 46.62 -13.15
CA THR A 69 10.06 46.44 -13.26
C THR A 69 9.30 47.65 -13.79
N ASP A 70 9.89 48.85 -13.78
CA ASP A 70 9.22 50.07 -14.24
C ASP A 70 9.82 50.49 -15.57
N PHE A 71 8.97 50.64 -16.58
CA PHE A 71 9.39 51.03 -17.92
C PHE A 71 8.47 52.13 -18.45
N THR A 72 9.04 53.03 -19.24
CA THR A 72 8.30 54.13 -19.84
C THR A 72 8.57 54.19 -21.33
N PHE A 73 7.52 54.48 -22.09
CA PHE A 73 7.61 54.66 -23.54
C PHE A 73 7.12 56.08 -23.85
N THR A 74 7.97 56.86 -24.53
CA THR A 74 7.74 58.28 -24.70
C THR A 74 7.79 58.65 -26.19
N ILE A 75 6.86 59.49 -26.62
CA ILE A 75 6.86 60.07 -27.94
C ILE A 75 7.13 61.56 -27.76
N SER A 76 8.28 62.04 -28.24
CA SER A 76 8.71 63.40 -27.96
C SER A 76 7.79 64.43 -28.60
N SER A 77 7.49 64.27 -29.89
CA SER A 77 6.62 65.20 -30.63
C SER A 77 5.61 64.41 -31.44
N LEU A 78 4.37 64.38 -30.96
CA LEU A 78 3.32 63.62 -31.63
C LEU A 78 3.06 64.17 -33.04
N GLN A 79 2.92 63.26 -33.99
CA GLN A 79 2.73 63.49 -35.41
C GLN A 79 1.44 62.85 -35.89
N PRO A 80 0.87 63.34 -37.00
CA PRO A 80 -0.37 62.76 -37.51
C PRO A 80 -0.24 61.29 -37.93
N GLU A 81 0.97 60.73 -38.00
CA GLU A 81 1.14 59.32 -38.30
C GLU A 81 1.46 58.48 -37.06
N ASP A 82 1.32 59.02 -35.85
CA ASP A 82 1.61 58.28 -34.63
C ASP A 82 0.37 57.87 -33.85
N ILE A 83 -0.83 58.14 -34.36
CA ILE A 83 -2.05 57.74 -33.67
C ILE A 83 -2.25 56.24 -33.85
N ALA A 84 -2.23 55.50 -32.75
CA ALA A 84 -2.28 54.05 -32.80
C ALA A 84 -2.44 53.52 -31.38
N THR A 85 -2.47 52.19 -31.27
CA THR A 85 -2.43 51.49 -29.99
C THR A 85 -1.05 50.88 -29.79
N TYR A 86 -0.44 51.15 -28.64
CA TYR A 86 0.91 50.71 -28.34
C TYR A 86 0.89 49.61 -27.30
N TYR A 87 1.65 48.54 -27.54
CA TYR A 87 1.72 47.37 -26.67
C TYR A 87 3.15 47.15 -26.21
N CYS A 88 3.31 46.79 -24.94
CA CYS A 88 4.58 46.28 -24.41
C CYS A 88 4.56 44.75 -24.42
N GLN A 89 5.68 44.15 -24.82
CA GLN A 89 5.77 42.71 -24.98
C GLN A 89 7.07 42.18 -24.40
N GLN A 90 6.99 41.08 -23.67
CA GLN A 90 8.15 40.40 -23.10
C GLN A 90 7.85 38.89 -23.16
N TYR A 91 8.48 38.21 -24.13
CA TYR A 91 8.26 36.78 -24.40
C TYR A 91 6.80 36.61 -24.84
N GLU A 92 6.08 35.62 -24.31
CA GLU A 92 4.72 35.37 -24.77
C GLU A 92 3.68 36.32 -24.16
N PHE A 93 4.07 37.22 -23.27
CA PHE A 93 3.13 38.07 -22.56
C PHE A 93 3.16 39.50 -23.11
N PHE A 94 1.97 40.02 -23.42
CA PHE A 94 1.79 41.36 -23.94
C PHE A 94 1.10 42.22 -22.89
N GLY A 95 1.34 43.53 -22.96
CA GLY A 95 0.60 44.46 -22.15
C GLY A 95 -0.82 44.64 -22.65
N GLY A 96 -1.65 45.27 -21.81
CA GLY A 96 -3.03 45.50 -22.17
C GLY A 96 -3.21 46.44 -23.35
N GLY A 97 -2.23 47.29 -23.62
CA GLY A 97 -2.31 48.24 -24.70
C GLY A 97 -2.69 49.62 -24.23
N THR A 98 -2.24 50.63 -24.96
CA THR A 98 -2.57 52.03 -24.70
C THR A 98 -2.90 52.68 -26.03
N LYS A 99 -4.16 53.04 -26.22
CA LYS A 99 -4.60 53.68 -27.45
C LYS A 99 -4.36 55.19 -27.39
N VAL A 100 -3.76 55.73 -28.45
CA VAL A 100 -3.47 57.15 -28.55
C VAL A 100 -4.61 57.80 -29.34
N GLU A 101 -5.18 58.84 -28.75
CA GLU A 101 -6.31 59.55 -29.32
C GLU A 101 -5.97 61.03 -29.45
N ILE A 102 -6.85 61.77 -30.13
CA ILE A 102 -6.62 63.17 -30.47
C ILE A 102 -7.49 64.03 -29.56
N LYS A 103 -6.88 65.07 -28.99
CA LYS A 103 -7.57 66.01 -28.10
C LYS A 103 -8.16 67.19 -28.84
N ARG A 104 -9.45 67.43 -28.60
CA ARG A 104 -10.19 68.55 -29.14
C ARG A 104 -11.02 69.16 -28.02
N THR A 105 -11.81 70.17 -28.35
CA THR A 105 -12.70 70.76 -27.36
C THR A 105 -13.86 69.81 -27.06
N VAL A 106 -14.49 70.01 -25.90
CA VAL A 106 -15.60 69.15 -25.51
C VAL A 106 -16.81 69.46 -26.37
N ALA A 107 -17.49 68.41 -26.82
CA ALA A 107 -18.67 68.56 -27.67
C ALA A 107 -19.80 67.70 -27.12
N ALA A 108 -20.96 68.31 -26.93
CA ALA A 108 -22.14 67.59 -26.46
C ALA A 108 -22.79 66.81 -27.61
N PRO A 109 -23.28 65.61 -27.34
CA PRO A 109 -23.93 64.83 -28.41
C PRO A 109 -25.35 65.29 -28.67
N SER A 110 -25.72 65.30 -29.94
CA SER A 110 -27.11 65.49 -30.34
C SER A 110 -27.79 64.12 -30.32
N VAL A 111 -28.86 64.00 -29.56
CA VAL A 111 -29.50 62.71 -29.30
C VAL A 111 -30.79 62.62 -30.10
N PHE A 112 -30.98 61.48 -30.76
CA PHE A 112 -32.18 61.18 -31.53
C PHE A 112 -32.67 59.80 -31.13
N ILE A 113 -33.96 59.56 -31.36
CA ILE A 113 -34.57 58.27 -31.11
C ILE A 113 -35.40 57.90 -32.34
N PHE A 114 -35.46 56.60 -32.62
CA PHE A 114 -36.16 56.09 -33.79
C PHE A 114 -37.05 54.93 -33.38
N PRO A 115 -38.36 55.04 -33.52
CA PRO A 115 -39.22 53.89 -33.25
C PRO A 115 -39.08 52.85 -34.35
N PRO A 116 -39.36 51.57 -34.05
CA PRO A 116 -39.26 50.54 -35.09
C PRO A 116 -40.32 50.75 -36.18
N SER A 117 -39.88 50.63 -37.42
CA SER A 117 -40.78 50.75 -38.55
C SER A 117 -41.72 49.54 -38.64
N ASP A 118 -42.94 49.78 -39.14
CA ASP A 118 -43.90 48.69 -39.28
C ASP A 118 -43.39 47.61 -40.21
N GLU A 119 -42.58 47.95 -41.22
CA GLU A 119 -42.01 46.90 -42.06
C GLU A 119 -41.25 45.89 -41.21
N GLN A 120 -40.63 46.35 -40.12
CA GLN A 120 -40.00 45.42 -39.19
C GLN A 120 -41.02 44.79 -38.25
N LEU A 121 -42.09 45.53 -37.91
CA LEU A 121 -43.14 44.97 -37.07
C LEU A 121 -43.83 43.79 -37.75
N LYS A 122 -43.90 43.81 -39.09
CA LYS A 122 -44.42 42.67 -39.85
C LYS A 122 -43.53 41.44 -39.75
N SER A 123 -42.25 41.62 -39.46
CA SER A 123 -41.34 40.48 -39.39
C SER A 123 -41.40 39.73 -38.07
N GLY A 124 -41.94 40.35 -37.02
CA GLY A 124 -42.04 39.73 -35.72
C GLY A 124 -41.05 40.24 -34.69
N THR A 125 -40.20 41.20 -35.05
CA THR A 125 -39.23 41.79 -34.14
C THR A 125 -39.31 43.30 -34.22
N ALA A 126 -38.91 43.96 -33.13
CA ALA A 126 -38.93 45.41 -33.04
C ALA A 126 -37.59 45.90 -32.52
N SER A 127 -36.94 46.79 -33.27
CA SER A 127 -35.65 47.35 -32.91
C SER A 127 -35.81 48.84 -32.71
N VAL A 128 -35.45 49.32 -31.52
CA VAL A 128 -35.48 50.75 -31.20
C VAL A 128 -34.04 51.25 -31.20
N VAL A 129 -33.79 52.35 -31.90
CA VAL A 129 -32.45 52.85 -32.14
C VAL A 129 -32.28 54.22 -31.47
N CYS A 130 -31.23 54.36 -30.67
CA CYS A 130 -30.85 55.63 -30.06
C CYS A 130 -29.55 56.12 -30.71
N LEU A 131 -29.47 57.43 -30.94
CA LEU A 131 -28.36 58.04 -31.67
C LEU A 131 -27.74 59.17 -30.86
N LEU A 132 -26.41 59.19 -30.79
CA LEU A 132 -25.64 60.30 -30.24
C LEU A 132 -24.67 60.75 -31.32
N ASN A 133 -24.94 61.90 -31.94
CA ASN A 133 -24.19 62.36 -33.10
C ASN A 133 -23.12 63.36 -32.71
N ASN A 134 -21.90 63.12 -33.19
CA ASN A 134 -20.78 64.07 -33.15
C ASN A 134 -20.54 64.62 -31.75
N PHE A 135 -19.81 63.88 -30.92
CA PHE A 135 -19.52 64.33 -29.56
C PHE A 135 -18.10 63.94 -29.16
N TYR A 136 -17.64 64.55 -28.07
CA TYR A 136 -16.32 64.28 -27.52
C TYR A 136 -16.37 64.61 -26.04
N PRO A 137 -15.78 63.80 -25.16
CA PRO A 137 -15.02 62.59 -25.49
C PRO A 137 -15.91 61.37 -25.72
N ARG A 138 -15.30 60.23 -26.03
CA ARG A 138 -16.07 59.03 -26.30
C ARG A 138 -16.80 58.54 -25.05
N GLU A 139 -16.25 58.84 -23.87
CA GLU A 139 -16.79 58.32 -22.62
C GLU A 139 -18.23 58.79 -22.49
N ALA A 140 -19.18 57.87 -22.64
CA ALA A 140 -20.60 58.19 -22.56
C ALA A 140 -21.34 57.00 -21.98
N LYS A 141 -22.61 57.24 -21.62
CA LYS A 141 -23.44 56.22 -21.00
C LYS A 141 -24.85 56.30 -21.55
N VAL A 142 -25.32 55.19 -22.11
CA VAL A 142 -26.67 55.07 -22.65
C VAL A 142 -27.45 54.10 -21.78
N GLN A 143 -28.64 54.51 -21.35
CA GLN A 143 -29.51 53.68 -20.54
C GLN A 143 -30.86 53.59 -21.23
N TRP A 144 -31.35 52.36 -21.42
CA TRP A 144 -32.65 52.12 -22.03
C TRP A 144 -33.69 51.94 -20.95
N LYS A 145 -34.81 52.64 -21.08
CA LYS A 145 -35.87 52.61 -20.09
C LYS A 145 -37.19 52.28 -20.78
N VAL A 146 -37.76 51.14 -20.45
CA VAL A 146 -39.03 50.68 -21.01
C VAL A 146 -40.09 50.74 -19.92
N ASP A 147 -41.09 51.59 -20.09
CA ASP A 147 -42.11 51.79 -19.06
C ASP A 147 -41.41 52.28 -17.83
N ASN A 148 -40.53 53.24 -18.01
CA ASN A 148 -39.78 53.84 -16.91
C ASN A 148 -39.08 52.78 -16.06
N ALA A 149 -38.82 51.62 -16.63
CA ALA A 149 -38.11 50.54 -15.97
C ALA A 149 -36.77 50.30 -16.66
N LEU A 150 -35.70 50.23 -15.88
CA LEU A 150 -34.36 50.08 -16.44
C LEU A 150 -34.23 48.72 -17.11
N GLN A 151 -33.70 48.72 -18.34
CA GLN A 151 -33.55 47.53 -19.15
C GLN A 151 -32.09 47.08 -19.19
N SER A 152 -31.88 45.77 -19.30
CA SER A 152 -30.53 45.22 -19.34
C SER A 152 -30.55 43.93 -20.14
N GLY A 153 -29.45 43.66 -20.84
CA GLY A 153 -29.30 42.44 -21.60
C GLY A 153 -29.90 42.48 -22.99
N ASN A 154 -30.66 43.51 -23.34
CA ASN A 154 -31.29 43.62 -24.65
C ASN A 154 -30.78 44.83 -25.43
N SER A 155 -29.68 45.43 -25.01
CA SER A 155 -29.09 46.59 -25.66
C SER A 155 -27.78 46.20 -26.34
N GLN A 156 -27.50 46.87 -27.46
CA GLN A 156 -26.25 46.67 -28.17
C GLN A 156 -25.73 48.03 -28.61
N GLU A 157 -24.47 48.31 -28.32
CA GLU A 157 -23.87 49.61 -28.59
C GLU A 157 -22.89 49.52 -29.75
N SER A 158 -22.70 50.65 -30.43
CA SER A 158 -21.74 50.72 -31.52
C SER A 158 -21.20 52.14 -31.59
N VAL A 159 -19.87 52.26 -31.64
CA VAL A 159 -19.17 53.53 -31.63
C VAL A 159 -18.45 53.68 -32.95
N THR A 160 -18.60 54.84 -33.59
CA THR A 160 -17.83 55.06 -34.80
C THR A 160 -16.40 55.40 -34.41
N GLU A 161 -15.47 55.17 -35.33
CA GLU A 161 -14.11 55.60 -35.04
C GLU A 161 -14.02 57.12 -35.08
N GLN A 162 -12.97 57.67 -34.47
CA GLN A 162 -12.82 59.11 -34.38
C GLN A 162 -12.92 59.76 -35.75
N ASP A 163 -13.69 60.83 -35.84
CA ASP A 163 -13.85 61.54 -37.09
C ASP A 163 -12.55 62.26 -37.43
N SER A 164 -12.17 62.22 -38.69
CA SER A 164 -10.95 62.91 -39.13
C SER A 164 -11.13 64.41 -39.25
N LYS A 165 -12.36 64.90 -39.25
CA LYS A 165 -12.62 66.34 -39.43
C LYS A 165 -12.74 67.05 -38.09
N ASP A 166 -13.76 66.72 -37.31
CA ASP A 166 -13.98 67.40 -36.03
C ASP A 166 -13.48 66.60 -34.85
N SER A 167 -12.89 65.43 -35.08
CA SER A 167 -12.26 64.62 -34.04
C SER A 167 -13.28 64.18 -32.97
N THR A 168 -14.52 63.94 -33.38
CA THR A 168 -15.58 63.53 -32.47
C THR A 168 -15.96 62.07 -32.70
N TYR A 169 -16.92 61.60 -31.91
CA TYR A 169 -17.44 60.24 -32.01
C TYR A 169 -18.94 60.27 -32.24
N SER A 170 -19.47 59.12 -32.64
CA SER A 170 -20.91 58.93 -32.79
C SER A 170 -21.28 57.58 -32.21
N LEU A 171 -22.51 57.49 -31.69
CA LEU A 171 -22.95 56.35 -30.92
C LEU A 171 -24.33 55.91 -31.39
N SER A 172 -24.52 54.60 -31.47
CA SER A 172 -25.80 54.01 -31.83
C SER A 172 -26.09 52.87 -30.86
N SER A 173 -27.16 52.99 -30.10
CA SER A 173 -27.61 51.94 -29.19
C SER A 173 -28.93 51.38 -29.71
N THR A 174 -29.01 50.06 -29.84
CA THR A 174 -30.18 49.39 -30.38
C THR A 174 -30.82 48.52 -29.32
N LEU A 175 -32.13 48.67 -29.14
CA LEU A 175 -32.91 47.87 -28.21
C LEU A 175 -33.81 46.96 -29.02
N THR A 176 -33.58 45.65 -28.92
CA THR A 176 -34.29 44.64 -29.71
C THR A 176 -35.24 43.87 -28.82
N LEU A 177 -36.54 43.95 -29.13
CA LEU A 177 -37.56 43.19 -28.45
C LEU A 177 -38.40 42.46 -29.50
N SER A 178 -39.09 41.42 -29.09
CA SER A 178 -40.04 40.77 -29.97
C SER A 178 -41.27 41.65 -30.15
N LYS A 179 -42.04 41.34 -31.19
CA LYS A 179 -43.28 42.08 -31.44
C LYS A 179 -44.24 41.94 -30.27
N ALA A 180 -44.39 40.71 -29.76
CA ALA A 180 -45.30 40.48 -28.64
C ALA A 180 -44.89 41.30 -27.42
N ASP A 181 -43.58 41.46 -27.21
CA ASP A 181 -43.09 42.24 -26.08
C ASP A 181 -43.09 43.74 -26.37
N TYR A 182 -42.94 44.13 -27.64
CA TYR A 182 -42.97 45.55 -27.98
C TYR A 182 -44.36 46.15 -27.85
N GLU A 183 -45.39 45.35 -28.11
CA GLU A 183 -46.76 45.84 -28.07
C GLU A 183 -47.29 46.03 -26.65
N LYS A 184 -46.66 45.39 -25.67
CA LYS A 184 -47.07 45.48 -24.27
C LYS A 184 -46.82 46.88 -23.75
N HIS A 185 -45.57 47.16 -23.36
CA HIS A 185 -45.24 48.47 -22.82
C HIS A 185 -45.43 49.57 -23.86
N LYS A 186 -45.85 50.74 -23.38
CA LYS A 186 -46.19 51.88 -24.23
C LYS A 186 -45.04 52.87 -24.45
N VAL A 187 -44.32 53.25 -23.40
CA VAL A 187 -43.35 54.34 -23.46
C VAL A 187 -41.94 53.78 -23.56
N TYR A 188 -41.13 54.39 -24.42
CA TYR A 188 -39.75 53.98 -24.66
C TYR A 188 -38.85 55.21 -24.65
N ALA A 189 -37.72 55.13 -23.93
CA ALA A 189 -36.81 56.25 -23.82
C ALA A 189 -35.38 55.76 -23.63
N CYS A 190 -34.42 56.51 -24.18
CA CYS A 190 -33.00 56.29 -23.92
C CYS A 190 -32.43 57.53 -23.24
N GLU A 191 -31.90 57.35 -22.03
CA GLU A 191 -31.28 58.44 -21.27
C GLU A 191 -29.76 58.41 -21.49
N VAL A 192 -29.17 59.57 -21.75
CA VAL A 192 -27.75 59.71 -22.06
C VAL A 192 -27.09 60.64 -21.05
N THR A 193 -25.90 60.24 -20.58
CA THR A 193 -25.08 61.05 -19.68
C THR A 193 -23.71 61.28 -20.31
N HIS A 194 -23.24 62.52 -20.29
CA HIS A 194 -22.01 62.92 -20.95
C HIS A 194 -21.46 64.16 -20.27
N GLN A 195 -20.16 64.41 -20.48
CA GLN A 195 -19.53 65.58 -19.89
C GLN A 195 -20.16 66.86 -20.41
N GLY A 196 -20.45 66.91 -21.70
CA GLY A 196 -21.03 68.10 -22.31
C GLY A 196 -22.45 68.38 -21.94
N LEU A 197 -23.05 67.56 -21.08
CA LEU A 197 -24.43 67.73 -20.64
C LEU A 197 -24.43 68.05 -19.15
N SER A 198 -25.07 69.16 -18.79
CA SER A 198 -25.19 69.51 -17.38
C SER A 198 -26.00 68.46 -16.63
N SER A 199 -27.18 68.14 -17.16
CA SER A 199 -28.07 67.11 -16.64
C SER A 199 -28.27 66.03 -17.69
N PRO A 200 -28.56 64.79 -17.27
CA PRO A 200 -28.80 63.72 -18.25
C PRO A 200 -29.96 64.03 -19.19
N VAL A 201 -29.73 63.80 -20.48
CA VAL A 201 -30.72 64.07 -21.53
C VAL A 201 -31.47 62.79 -21.86
N THR A 202 -32.79 62.91 -21.99
CA THR A 202 -33.67 61.81 -22.33
C THR A 202 -34.45 62.13 -23.60
N LYS A 203 -34.50 61.19 -24.52
CA LYS A 203 -35.40 61.24 -25.67
C LYS A 203 -36.37 60.08 -25.55
N SER A 204 -37.64 60.34 -25.77
CA SER A 204 -38.67 59.35 -25.51
C SER A 204 -39.77 59.44 -26.57
N PHE A 205 -40.53 58.35 -26.68
CA PHE A 205 -41.72 58.33 -27.50
C PHE A 205 -42.68 57.29 -26.92
N ASN A 206 -43.95 57.45 -27.23
CA ASN A 206 -44.98 56.48 -26.87
C ASN A 206 -45.41 55.71 -28.12
N ARG A 207 -45.60 54.41 -27.94
CA ARG A 207 -45.95 53.57 -29.07
C ARG A 207 -47.36 53.93 -29.53
N GLY A 208 -47.51 54.15 -30.83
CA GLY A 208 -48.82 54.45 -31.38
C GLY A 208 -49.21 55.91 -31.41
N GLU A 209 -48.24 56.82 -31.26
CA GLU A 209 -48.54 58.25 -31.29
C GLU A 209 -47.96 58.89 -32.55
N ASP B 4 6.60 -3.73 -11.20
CA ASP B 4 6.02 -3.15 -12.41
C ASP B 4 7.09 -2.35 -13.17
N THR B 5 6.94 -2.28 -14.49
CA THR B 5 7.87 -1.55 -15.34
C THR B 5 7.09 -0.69 -16.33
N ILE B 6 7.81 0.23 -16.97
CA ILE B 6 7.24 1.11 -17.99
C ILE B 6 7.67 0.61 -19.35
N THR B 7 6.69 0.38 -20.23
CA THR B 7 6.93 -0.22 -21.54
C THR B 7 6.86 0.85 -22.62
N LEU B 8 7.85 0.87 -23.51
CA LEU B 8 7.89 1.82 -24.62
C LEU B 8 7.81 1.04 -25.94
N PRO B 9 6.75 1.22 -26.72
CA PRO B 9 6.69 0.56 -28.04
C PRO B 9 7.70 1.19 -28.99
N CYS B 10 8.51 0.34 -29.62
CA CYS B 10 9.54 0.79 -30.54
C CYS B 10 9.31 0.20 -31.92
N ARG B 11 9.93 0.83 -32.92
CA ARG B 11 9.86 0.36 -34.29
C ARG B 11 11.11 0.80 -35.04
N PRO B 12 11.93 -0.14 -35.55
CA PRO B 12 11.72 -1.59 -35.41
C PRO B 12 12.11 -2.13 -34.04
N ALA B 13 12.15 -3.44 -33.89
CA ALA B 13 12.44 -4.05 -32.60
C ALA B 13 13.93 -3.95 -32.29
N PRO B 14 14.33 -3.26 -31.22
CA PRO B 14 15.74 -3.16 -30.88
C PRO B 14 16.23 -4.46 -30.25
N PRO B 15 17.37 -4.98 -30.70
CA PRO B 15 17.90 -6.21 -30.10
C PRO B 15 18.30 -5.97 -28.65
N PRO B 16 18.40 -7.04 -27.86
CA PRO B 16 18.77 -6.86 -26.44
C PRO B 16 20.10 -6.16 -26.23
N HIS B 17 21.00 -6.19 -27.21
CA HIS B 17 22.30 -5.54 -27.04
C HIS B 17 22.25 -4.04 -27.29
N CYS B 18 21.08 -3.48 -27.59
CA CYS B 18 20.91 -2.03 -27.70
C CYS B 18 20.45 -1.39 -26.40
N SER B 19 20.39 -2.16 -25.32
CA SER B 19 20.06 -1.59 -24.02
C SER B 19 21.13 -0.60 -23.58
N SER B 20 20.68 0.54 -23.06
CA SER B 20 21.58 1.63 -22.70
C SER B 20 21.23 2.14 -21.31
N ASN B 21 21.93 3.18 -20.89
CA ASN B 21 21.69 3.86 -19.63
C ASN B 21 21.22 5.27 -19.92
N ILE B 22 20.05 5.64 -19.40
CA ILE B 22 19.53 6.99 -19.55
C ILE B 22 20.34 7.90 -18.63
N THR B 23 21.20 8.73 -19.21
CA THR B 23 22.07 9.63 -18.45
C THR B 23 21.60 11.08 -18.53
N GLY B 24 20.34 11.30 -18.85
CA GLY B 24 19.80 12.65 -18.91
C GLY B 24 18.71 12.75 -19.96
N LEU B 25 18.03 13.89 -19.95
CA LEU B 25 16.96 14.14 -20.90
C LEU B 25 16.92 15.63 -21.21
N ILE B 26 16.10 15.99 -22.20
CA ILE B 26 15.98 17.37 -22.67
C ILE B 26 14.51 17.75 -22.66
N LEU B 27 14.18 18.90 -22.08
CA LEU B 27 12.80 19.27 -21.80
C LEU B 27 12.45 20.61 -22.44
N THR B 28 11.14 20.85 -22.55
CA THR B 28 10.60 22.12 -22.99
C THR B 28 9.48 22.53 -22.04
N ARG B 29 9.54 23.75 -21.53
CA ARG B 29 8.54 24.25 -20.60
C ARG B 29 7.39 24.88 -21.38
N GLN B 30 6.16 24.53 -21.00
CA GLN B 30 4.99 25.04 -21.69
C GLN B 30 4.69 26.46 -21.23
N GLY B 31 4.41 27.35 -22.19
CA GLY B 31 4.21 28.75 -21.92
C GLY B 31 2.74 29.13 -21.83
N GLY B 32 2.50 30.44 -21.76
CA GLY B 32 1.17 30.97 -21.58
C GLY B 32 0.85 31.21 -20.12
N TYR B 33 -0.33 31.80 -19.89
CA TYR B 33 -0.78 32.07 -18.53
C TYR B 33 -1.13 30.75 -17.84
N SER B 34 -0.27 30.32 -16.94
CA SER B 34 -0.48 29.06 -16.23
C SER B 34 -1.66 29.19 -15.26
N ASN B 35 -2.19 28.04 -14.84
CA ASN B 35 -3.35 27.98 -13.96
C ASN B 35 -2.95 27.33 -12.64
N ALA B 36 -3.40 27.94 -11.55
CA ALA B 36 -3.29 27.40 -10.20
C ALA B 36 -1.81 27.21 -9.89
N ASN B 37 -1.40 26.08 -9.32
CA ASN B 37 -0.03 26.02 -8.84
C ASN B 37 0.81 25.02 -9.61
N THR B 38 0.85 25.13 -10.93
CA THR B 38 1.43 24.10 -11.77
C THR B 38 2.43 24.73 -12.74
N VAL B 39 3.52 24.00 -13.03
CA VAL B 39 4.43 24.31 -14.14
C VAL B 39 4.60 23.04 -14.95
N ILE B 40 4.46 23.16 -16.27
CA ILE B 40 4.34 22.00 -17.16
C ILE B 40 5.62 21.82 -17.99
N PHE B 41 6.06 20.57 -18.13
CA PHE B 41 7.25 20.23 -18.88
C PHE B 41 6.97 19.04 -19.79
N ARG B 42 7.50 19.09 -21.00
CA ARG B 42 7.35 18.05 -22.01
C ARG B 42 8.70 17.71 -22.60
N PRO B 43 8.81 16.60 -23.33
CA PRO B 43 9.99 16.37 -24.17
C PRO B 43 10.23 17.58 -25.07
N SER B 44 11.50 17.80 -25.40
CA SER B 44 11.89 19.03 -26.07
C SER B 44 11.18 19.20 -27.41
N GLY B 45 10.80 20.44 -27.69
CA GLY B 45 10.24 20.82 -28.97
C GLY B 45 11.24 21.43 -29.92
N GLY B 46 12.53 21.39 -29.60
CA GLY B 46 13.56 21.91 -30.46
C GLY B 46 14.10 20.86 -31.40
N ASP B 47 15.13 21.26 -32.16
CA ASP B 47 15.75 20.38 -33.14
C ASP B 47 17.07 19.84 -32.62
N TRP B 48 17.99 19.51 -33.53
CA TRP B 48 19.30 19.00 -33.14
C TRP B 48 20.17 20.07 -32.49
N ARG B 49 19.82 21.35 -32.67
CA ARG B 49 20.55 22.41 -31.99
C ARG B 49 20.38 22.32 -30.48
N ASP B 50 19.17 22.01 -30.01
CA ASP B 50 18.93 21.93 -28.58
C ASP B 50 19.66 20.75 -27.96
N ILE B 51 19.75 19.63 -28.68
CA ILE B 51 20.48 18.48 -28.16
C ILE B 51 21.98 18.75 -28.14
N ALA B 52 22.48 19.45 -29.16
CA ALA B 52 23.91 19.74 -29.20
C ALA B 52 24.32 20.76 -28.14
N ARG B 53 23.45 21.72 -27.80
CA ARG B 53 23.77 22.70 -26.77
C ARG B 53 24.05 22.03 -25.43
N CYS B 54 23.49 20.84 -25.19
CA CYS B 54 23.70 20.15 -23.92
C CYS B 54 25.16 19.77 -23.72
N GLN B 55 25.74 19.12 -24.73
CA GLN B 55 27.11 18.59 -24.63
C GLN B 55 27.27 17.66 -23.43
N ILE B 56 26.24 16.84 -23.19
CA ILE B 56 26.30 15.78 -22.19
C ILE B 56 26.09 14.41 -22.81
N ALA B 57 25.91 14.32 -24.11
CA ALA B 57 25.72 13.05 -24.79
C ALA B 57 27.06 12.42 -25.16
N GLY B 58 27.02 11.13 -25.47
CA GLY B 58 28.21 10.40 -25.84
C GLY B 58 28.30 10.14 -27.33
N THR B 59 28.58 8.89 -27.70
CA THR B 59 28.70 8.51 -29.10
C THR B 59 27.35 8.17 -29.73
N VAL B 60 26.31 8.00 -28.94
CA VAL B 60 25.00 7.59 -29.42
C VAL B 60 24.18 8.83 -29.75
N VAL B 61 23.75 8.94 -31.01
CA VAL B 61 22.81 10.00 -31.38
C VAL B 61 21.44 9.62 -30.84
N SER B 62 20.74 10.61 -30.28
CA SER B 62 19.51 10.30 -29.56
C SER B 62 18.72 11.58 -29.34
N THR B 63 17.40 11.45 -29.36
CA THR B 63 16.49 12.54 -29.02
C THR B 63 15.79 12.24 -27.71
N GLN B 64 15.25 13.30 -27.10
CA GLN B 64 14.52 13.22 -25.84
C GLN B 64 15.38 12.72 -24.70
N LEU B 65 15.89 11.49 -24.81
CA LEU B 65 16.72 10.88 -23.79
C LEU B 65 18.16 10.76 -24.27
N PHE B 66 19.11 11.02 -23.38
CA PHE B 66 20.52 10.88 -23.68
C PHE B 66 20.99 9.50 -23.21
N LEU B 67 21.55 8.72 -24.13
CA LEU B 67 21.96 7.36 -23.86
C LEU B 67 23.48 7.26 -23.81
N ASN B 68 23.99 6.55 -22.81
CA ASN B 68 25.42 6.29 -22.67
C ASN B 68 26.23 7.59 -22.65
N GLY B 69 25.68 8.62 -22.03
CA GLY B 69 26.27 9.94 -22.02
C GLY B 69 27.07 10.22 -20.77
N SER B 70 27.11 11.50 -20.38
CA SER B 70 27.90 11.95 -19.23
C SER B 70 27.01 12.02 -17.99
N LEU B 71 27.51 11.48 -16.88
CA LEU B 71 26.79 11.53 -15.62
C LEU B 71 27.24 12.72 -14.79
N ALA B 72 26.40 13.09 -13.82
CA ALA B 72 26.72 14.16 -12.88
C ALA B 72 27.48 13.58 -11.68
N GLU B 73 28.13 14.48 -10.94
CA GLU B 73 29.01 14.06 -9.85
C GLU B 73 28.21 13.49 -8.69
N GLU B 74 27.34 14.30 -8.08
CA GLU B 74 26.58 13.86 -6.91
C GLU B 74 25.08 13.88 -7.16
N GLU B 75 24.51 15.03 -7.50
CA GLU B 75 23.08 15.18 -7.68
C GLU B 75 22.77 15.54 -9.13
N VAL B 76 21.50 15.36 -9.52
CA VAL B 76 21.08 15.76 -10.85
C VAL B 76 21.15 17.28 -10.95
N VAL B 77 21.43 17.77 -12.15
CA VAL B 77 21.69 19.19 -12.36
C VAL B 77 21.13 19.60 -13.70
N ILE B 78 20.51 20.79 -13.75
CA ILE B 78 19.78 21.26 -14.91
C ILE B 78 20.39 22.59 -15.37
N ARG B 79 20.35 22.81 -16.69
CA ARG B 79 20.86 24.05 -17.27
C ARG B 79 19.88 24.56 -18.32
N SER B 80 20.02 25.84 -18.64
CA SER B 80 19.25 26.51 -19.69
C SER B 80 19.88 27.87 -19.93
N GLU B 81 19.85 28.31 -21.18
CA GLU B 81 20.33 29.66 -21.50
C GLU B 81 19.50 30.71 -20.77
N ASN B 82 18.19 30.49 -20.68
CA ASN B 82 17.28 31.48 -20.11
C ASN B 82 16.07 30.72 -19.57
N TRP B 83 15.90 30.74 -18.26
CA TRP B 83 14.80 30.01 -17.65
C TRP B 83 13.44 30.59 -18.00
N THR B 84 13.37 31.85 -18.38
CA THR B 84 12.11 32.50 -18.69
C THR B 84 11.73 32.38 -20.17
N ASP B 85 12.64 31.94 -21.03
CA ASP B 85 12.37 31.76 -22.44
C ASP B 85 11.97 30.31 -22.67
N ASN B 86 10.68 30.06 -22.91
CA ASN B 86 10.23 28.69 -23.14
C ASN B 86 10.75 28.12 -24.44
N ALA B 87 11.16 28.97 -25.38
CA ALA B 87 11.79 28.49 -26.60
C ALA B 87 13.22 28.00 -26.37
N LYS B 88 13.76 28.21 -25.18
CA LYS B 88 15.07 27.66 -24.81
C LYS B 88 14.83 26.40 -24.00
N SER B 89 15.37 25.28 -24.48
CA SER B 89 15.13 23.99 -23.84
C SER B 89 15.89 23.89 -22.52
N ILE B 90 15.42 22.97 -21.68
CA ILE B 90 16.01 22.71 -20.37
C ILE B 90 16.78 21.41 -20.45
N CYS B 91 18.09 21.47 -20.20
CA CYS B 91 18.94 20.30 -20.27
C CYS B 91 19.06 19.67 -18.89
N VAL B 92 18.73 18.39 -18.79
CA VAL B 92 18.79 17.65 -17.53
C VAL B 92 19.92 16.63 -17.63
N GLN B 93 20.80 16.63 -16.61
CA GLN B 93 21.88 15.66 -16.51
C GLN B 93 21.67 14.88 -15.22
N LEU B 94 21.32 13.61 -15.34
CA LEU B 94 21.08 12.77 -14.16
C LEU B 94 22.40 12.49 -13.44
N ALA B 95 22.28 11.99 -12.21
CA ALA B 95 23.41 11.54 -11.43
C ALA B 95 23.48 10.03 -11.28
N THR B 96 22.33 9.36 -11.31
CA THR B 96 22.25 7.90 -11.37
C THR B 96 21.50 7.54 -12.65
N SER B 97 22.17 6.80 -13.53
CA SER B 97 21.56 6.44 -14.80
C SER B 97 20.46 5.41 -14.61
N VAL B 98 19.43 5.52 -15.44
CA VAL B 98 18.30 4.58 -15.44
C VAL B 98 18.52 3.57 -16.55
N GLU B 99 18.45 2.29 -16.22
CA GLU B 99 18.67 1.23 -17.18
C GLU B 99 17.42 1.06 -18.06
N ILE B 100 17.60 1.13 -19.37
CA ILE B 100 16.55 0.86 -20.33
C ILE B 100 16.96 -0.39 -21.11
N ALA B 101 16.23 -1.48 -20.90
CA ALA B 101 16.55 -2.77 -21.49
C ALA B 101 15.46 -3.17 -22.46
N CYS B 102 15.86 -3.53 -23.68
CA CYS B 102 14.93 -3.93 -24.73
C CYS B 102 14.89 -5.44 -24.86
N THR B 103 13.69 -5.99 -25.08
CA THR B 103 13.50 -7.43 -25.12
C THR B 103 13.85 -8.01 -26.48
N GLY B 104 13.61 -7.27 -27.56
CA GLY B 104 13.82 -7.76 -28.91
C GLY B 104 12.54 -8.03 -29.66
N ALA B 105 11.39 -7.99 -28.99
CA ALA B 105 10.09 -8.21 -29.62
C ALA B 105 9.35 -6.91 -29.88
N GLY B 106 10.02 -5.76 -29.79
CA GLY B 106 9.43 -4.49 -30.09
C GLY B 106 9.10 -3.62 -28.89
N HIS B 107 9.43 -4.06 -27.68
CA HIS B 107 9.14 -3.29 -26.47
C HIS B 107 10.41 -3.17 -25.65
N CYS B 108 10.81 -1.92 -25.37
CA CYS B 108 11.86 -1.64 -24.42
C CYS B 108 11.23 -1.28 -23.08
N ALA B 109 11.90 -1.66 -21.99
CA ALA B 109 11.34 -1.53 -20.66
C ALA B 109 12.24 -0.70 -19.76
N ILE B 110 11.63 -0.09 -18.75
CA ILE B 110 12.31 0.79 -17.80
C ILE B 110 11.67 0.57 -16.43
N SER B 111 12.51 0.49 -15.39
CA SER B 111 12.00 0.34 -14.03
C SER B 111 11.14 1.53 -13.65
N ARG B 112 9.88 1.25 -13.31
CA ARG B 112 8.95 2.33 -12.98
C ARG B 112 9.36 3.05 -11.69
N ALA B 113 9.83 2.29 -10.70
CA ALA B 113 10.19 2.89 -9.42
C ALA B 113 11.42 3.80 -9.56
N LYS B 114 12.45 3.32 -10.25
CA LYS B 114 13.66 4.13 -10.42
C LYS B 114 13.42 5.33 -11.32
N TRP B 115 12.48 5.22 -12.27
CA TRP B 115 12.15 6.37 -13.11
C TRP B 115 11.38 7.41 -12.30
N ALA B 116 10.41 6.97 -11.49
CA ALA B 116 9.74 7.90 -10.59
C ALA B 116 10.71 8.48 -9.56
N ASN B 117 11.77 7.72 -9.23
CA ASN B 117 12.77 8.23 -8.31
C ASN B 117 13.55 9.39 -8.92
N THR B 118 13.95 9.26 -10.19
CA THR B 118 14.69 10.33 -10.84
C THR B 118 13.80 11.50 -11.22
N LEU B 119 12.54 11.24 -11.57
CA LEU B 119 11.62 12.33 -11.89
C LEU B 119 11.39 13.23 -10.68
N LYS B 120 11.30 12.64 -9.49
CA LYS B 120 11.13 13.44 -8.29
C LYS B 120 12.37 14.30 -8.02
N GLN B 121 13.56 13.76 -8.30
CA GLN B 121 14.77 14.56 -8.19
C GLN B 121 14.77 15.69 -9.21
N ILE B 122 14.26 15.42 -10.41
CA ILE B 122 14.17 16.47 -11.43
C ILE B 122 13.17 17.53 -11.00
N ALA B 123 12.00 17.10 -10.50
CA ALA B 123 10.97 18.06 -10.09
C ALA B 123 11.45 18.92 -8.93
N SER B 124 12.22 18.35 -8.01
CA SER B 124 12.76 19.14 -6.91
C SER B 124 13.75 20.19 -7.39
N LYS B 125 14.60 19.82 -8.36
CA LYS B 125 15.56 20.79 -8.89
C LYS B 125 14.87 21.82 -9.77
N LEU B 126 13.73 21.46 -10.36
CA LEU B 126 12.97 22.44 -11.15
C LEU B 126 12.24 23.44 -10.27
N ARG B 127 11.81 23.02 -9.07
CA ARG B 127 11.20 23.96 -8.13
C ARG B 127 12.18 25.03 -7.67
N GLU B 128 13.48 24.75 -7.76
CA GLU B 128 14.47 25.77 -7.40
C GLU B 128 14.45 26.93 -8.38
N GLN B 129 14.23 26.63 -9.67
CA GLN B 129 14.28 27.66 -10.70
C GLN B 129 12.94 28.34 -10.95
N TYR B 130 11.83 27.75 -10.50
CA TYR B 130 10.52 28.32 -10.76
C TYR B 130 9.67 28.45 -9.50
N GLY B 131 10.26 28.30 -8.32
CA GLY B 131 9.53 28.44 -7.08
C GLY B 131 8.84 27.17 -6.65
N ALA B 132 8.32 27.20 -5.42
CA ALA B 132 7.60 26.07 -4.84
C ALA B 132 6.28 25.87 -5.56
N LYS B 133 6.33 25.11 -6.65
CA LYS B 133 5.19 24.88 -7.50
C LYS B 133 4.94 23.39 -7.66
N THR B 134 3.84 23.04 -8.32
CA THR B 134 3.56 21.67 -8.70
C THR B 134 4.18 21.40 -10.07
N ILE B 135 5.03 20.39 -10.14
CA ILE B 135 5.70 20.03 -11.38
C ILE B 135 4.87 18.97 -12.07
N ILE B 136 4.63 19.16 -13.38
CA ILE B 136 3.85 18.23 -14.18
C ILE B 136 4.63 17.89 -15.44
N PHE B 137 4.77 16.60 -15.72
CA PHE B 137 5.37 16.12 -16.95
C PHE B 137 4.27 15.55 -17.85
N LYS B 138 4.36 15.87 -19.13
CA LYS B 138 3.36 15.50 -20.12
C LYS B 138 4.06 15.03 -21.39
N PRO B 139 3.37 14.24 -22.22
CA PRO B 139 4.02 13.73 -23.44
C PRO B 139 4.44 14.85 -24.38
N SER B 140 5.16 14.45 -25.42
CA SER B 140 5.66 15.40 -26.41
C SER B 140 4.50 16.10 -27.12
N SER B 141 4.73 17.36 -27.47
CA SER B 141 3.72 18.14 -28.18
C SER B 141 3.56 17.72 -29.64
N GLY B 142 4.56 17.06 -30.20
CA GLY B 142 4.52 16.59 -31.57
C GLY B 142 5.83 16.85 -32.26
N GLY B 143 5.82 16.69 -33.58
CA GLY B 143 6.98 16.91 -34.42
C GLY B 143 7.25 15.73 -35.32
N ASP B 144 8.34 15.83 -36.08
CA ASP B 144 8.77 14.75 -36.95
C ASP B 144 9.03 13.48 -36.15
N PRO B 145 8.92 12.31 -36.77
CA PRO B 145 9.10 11.05 -36.01
C PRO B 145 10.42 10.97 -35.28
N GLU B 146 11.43 11.70 -35.70
CA GLU B 146 12.71 11.65 -35.03
C GLU B 146 12.66 12.34 -33.70
N PHE B 147 11.82 13.34 -33.54
CA PHE B 147 11.78 14.11 -32.30
C PHE B 147 10.53 13.88 -31.46
N VAL B 148 9.41 13.47 -32.05
CA VAL B 148 8.23 13.17 -31.25
C VAL B 148 8.42 11.85 -30.49
N ASN B 149 9.19 10.93 -31.05
CA ASN B 149 9.55 9.69 -30.38
C ASN B 149 10.93 9.81 -29.77
N HIS B 150 11.23 8.88 -28.86
CA HIS B 150 12.60 8.70 -28.38
C HIS B 150 13.34 7.90 -29.45
N SER B 151 14.12 8.59 -30.28
CA SER B 151 14.83 7.99 -31.39
C SER B 151 16.31 7.90 -31.08
N PHE B 152 16.93 6.79 -31.51
CA PHE B 152 18.34 6.55 -31.26
C PHE B 152 18.86 5.54 -32.27
N ASN B 153 20.15 5.65 -32.57
CA ASN B 153 20.81 4.72 -33.48
C ASN B 153 21.58 3.68 -32.69
N CYS B 154 21.64 2.46 -33.24
CA CYS B 154 22.30 1.36 -32.54
C CYS B 154 22.75 0.34 -33.60
N GLY B 155 24.05 0.34 -33.90
CA GLY B 155 24.64 -0.65 -34.79
C GLY B 155 23.96 -0.79 -36.14
N GLY B 156 24.10 0.22 -36.99
CA GLY B 156 23.47 0.16 -38.30
C GLY B 156 21.96 0.13 -38.25
N GLU B 157 21.36 0.87 -37.34
CA GLU B 157 19.91 0.91 -37.20
C GLU B 157 19.49 2.25 -36.63
N PHE B 158 18.19 2.50 -36.65
CA PHE B 158 17.63 3.72 -36.06
C PHE B 158 16.20 3.41 -35.64
N PHE B 159 15.95 3.42 -34.35
CA PHE B 159 14.67 3.00 -33.78
C PHE B 159 13.86 4.21 -33.35
N TYR B 160 12.54 4.02 -33.28
CA TYR B 160 11.61 5.06 -32.86
C TYR B 160 10.76 4.51 -31.73
N CYS B 161 10.95 5.04 -30.52
CA CYS B 161 10.27 4.55 -29.33
C CYS B 161 9.37 5.66 -28.78
N ALA B 162 8.09 5.35 -28.61
CA ALA B 162 7.15 6.30 -28.03
C ALA B 162 7.42 6.45 -26.54
N SER B 163 7.77 7.65 -26.12
CA SER B 163 8.07 7.95 -24.72
C SER B 163 6.86 8.48 -23.96
N THR B 164 5.65 8.22 -24.45
CA THR B 164 4.45 8.78 -23.82
C THR B 164 4.31 8.34 -22.38
N GLN B 165 4.56 7.05 -22.11
CA GLN B 165 4.42 6.52 -20.76
C GLN B 165 5.48 7.04 -19.80
N LEU B 166 6.53 7.69 -20.31
CA LEU B 166 7.57 8.22 -19.44
C LEU B 166 7.21 9.57 -18.84
N PHE B 167 6.36 10.34 -19.53
CA PHE B 167 6.01 11.69 -19.11
C PHE B 167 4.51 11.74 -18.87
N ALA B 168 4.09 11.38 -17.66
CA ALA B 168 2.67 11.41 -17.29
C ALA B 168 2.49 11.41 -15.78
N SER B 169 3.29 12.22 -15.08
CA SER B 169 3.27 12.27 -13.63
C SER B 169 3.08 13.70 -13.15
N THR B 170 2.71 13.83 -11.88
CA THR B 170 2.51 15.12 -11.22
C THR B 170 3.25 15.09 -9.89
N TRP B 171 3.83 16.23 -9.52
CA TRP B 171 4.67 16.32 -8.31
C TRP B 171 4.33 17.61 -7.58
N PHE B 172 3.76 17.48 -6.38
CA PHE B 172 3.43 18.63 -5.55
C PHE B 172 4.62 19.06 -4.71
N GLN C 1 9.77 42.15 -52.11
CA GLN C 1 9.51 42.55 -50.73
C GLN C 1 9.36 41.33 -49.83
N VAL C 2 10.22 41.22 -48.83
CA VAL C 2 10.15 40.09 -47.90
C VAL C 2 9.00 40.34 -46.93
N GLN C 3 8.12 39.34 -46.80
CA GLN C 3 6.91 39.49 -46.00
C GLN C 3 6.31 38.11 -45.78
N SER C 4 5.36 38.06 -44.85
CA SER C 4 4.61 36.85 -44.54
C SER C 4 3.17 37.05 -44.98
N VAL C 5 2.72 36.22 -45.91
CA VAL C 5 1.37 36.31 -46.47
C VAL C 5 0.52 35.20 -45.87
N GLN C 6 -0.68 35.56 -45.44
CA GLN C 6 -1.62 34.65 -44.80
C GLN C 6 -2.82 34.37 -45.70
N SER C 7 -3.53 33.30 -45.37
CA SER C 7 -4.72 32.94 -46.11
C SER C 7 -5.85 33.92 -45.79
N GLY C 8 -6.89 33.89 -46.63
CA GLY C 8 -7.97 34.83 -46.51
C GLY C 8 -8.82 34.61 -45.28
N ALA C 9 -9.76 35.53 -45.09
CA ALA C 9 -10.66 35.47 -43.94
C ALA C 9 -11.59 34.28 -44.05
N GLU C 10 -11.95 33.71 -42.91
CA GLU C 10 -12.74 32.48 -42.90
C GLU C 10 -13.89 32.63 -41.90
N VAL C 11 -14.99 31.95 -42.19
CA VAL C 11 -16.12 31.87 -41.28
C VAL C 11 -16.40 30.39 -41.02
N LYS C 12 -16.58 30.05 -39.74
CA LYS C 12 -16.79 28.68 -39.33
C LYS C 12 -17.94 28.58 -38.34
N LYS C 13 -18.63 27.44 -38.37
CA LYS C 13 -19.71 27.18 -37.43
C LYS C 13 -19.11 26.80 -36.08
N PRO C 14 -19.82 27.05 -34.98
CA PRO C 14 -19.30 26.63 -33.67
C PRO C 14 -19.15 25.12 -33.61
N GLY C 15 -18.01 24.67 -33.09
CA GLY C 15 -17.68 23.26 -33.04
C GLY C 15 -16.89 22.74 -34.22
N ALA C 16 -16.71 23.54 -35.27
CA ALA C 16 -15.94 23.13 -36.43
C ALA C 16 -14.47 23.49 -36.21
N SER C 17 -13.67 23.42 -37.29
CA SER C 17 -12.26 23.72 -37.22
C SER C 17 -11.86 24.57 -38.41
N VAL C 18 -10.81 25.38 -38.22
CA VAL C 18 -10.31 26.27 -39.25
C VAL C 18 -8.80 26.09 -39.35
N LYS C 19 -8.28 26.07 -40.59
CA LYS C 19 -6.86 25.96 -40.84
C LYS C 19 -6.39 27.24 -41.52
N VAL C 20 -5.45 27.93 -40.90
CA VAL C 20 -4.92 29.19 -41.40
C VAL C 20 -3.49 28.97 -41.87
N SER C 21 -3.16 29.52 -43.04
CA SER C 21 -1.83 29.37 -43.61
C SER C 21 -1.04 30.67 -43.45
N CYS C 22 0.28 30.53 -43.47
CA CYS C 22 1.19 31.66 -43.33
C CYS C 22 2.41 31.34 -44.19
N LYS C 23 2.44 31.87 -45.40
CA LYS C 23 3.49 31.52 -46.35
C LYS C 23 4.59 32.57 -46.35
N ALA C 24 5.82 32.11 -46.24
CA ALA C 24 6.99 32.98 -46.27
C ALA C 24 7.27 33.40 -47.70
N SER C 25 7.33 34.71 -47.92
CA SER C 25 7.61 35.27 -49.24
C SER C 25 8.96 35.97 -49.17
N GLY C 26 9.94 35.42 -49.88
CA GLY C 26 11.27 35.98 -49.91
C GLY C 26 12.22 35.48 -48.85
N TYR C 27 11.78 34.58 -47.97
CA TYR C 27 12.67 34.01 -46.96
C TYR C 27 12.24 32.58 -46.66
N THR C 28 13.07 31.90 -45.89
CA THR C 28 12.82 30.52 -45.47
C THR C 28 12.71 30.47 -43.96
N PHE C 29 12.24 29.33 -43.45
CA PHE C 29 11.99 29.16 -42.03
C PHE C 29 13.20 28.68 -41.23
N THR C 30 14.23 28.17 -41.90
CA THR C 30 15.25 27.36 -41.23
C THR C 30 15.93 28.05 -40.07
N GLY C 31 15.95 29.39 -40.03
CA GLY C 31 16.62 30.10 -38.96
C GLY C 31 15.72 30.75 -37.92
N TYR C 32 14.42 30.50 -37.94
CA TYR C 32 13.50 31.22 -37.08
C TYR C 32 12.51 30.24 -36.45
N TYR C 33 11.86 30.70 -35.39
CA TYR C 33 10.63 30.07 -34.88
C TYR C 33 9.45 30.89 -35.39
N MET C 34 8.36 30.19 -35.73
CA MET C 34 7.16 30.86 -36.19
C MET C 34 6.13 30.88 -35.07
N HIS C 35 5.71 32.07 -34.67
CA HIS C 35 4.74 32.25 -33.60
C HIS C 35 3.41 32.70 -34.17
N TRP C 36 2.34 32.40 -33.42
CA TRP C 36 0.99 32.80 -33.77
C TRP C 36 0.39 33.63 -32.64
N VAL C 37 -0.09 34.82 -32.98
CA VAL C 37 -0.72 35.72 -32.01
C VAL C 37 -2.09 36.11 -32.53
N ARG C 38 -3.10 36.02 -31.69
CA ARG C 38 -4.46 36.38 -32.07
C ARG C 38 -4.91 37.62 -31.32
N GLN C 39 -5.88 38.31 -31.90
CA GLN C 39 -6.41 39.55 -31.33
C GLN C 39 -7.91 39.59 -31.61
N ALA C 40 -8.71 39.48 -30.55
CA ALA C 40 -10.14 39.64 -30.67
C ALA C 40 -10.48 41.04 -31.15
N PRO C 41 -11.67 41.23 -31.77
CA PRO C 41 -12.01 42.50 -32.44
C PRO C 41 -11.61 43.79 -31.71
N GLY C 42 -11.84 43.85 -30.40
CA GLY C 42 -11.52 45.05 -29.66
C GLY C 42 -10.52 44.82 -28.54
N GLN C 43 -9.98 43.61 -28.45
CA GLN C 43 -9.12 43.21 -27.34
C GLN C 43 -7.65 43.38 -27.71
N GLY C 44 -6.77 42.88 -26.84
CA GLY C 44 -5.34 42.97 -27.01
C GLY C 44 -4.77 41.75 -27.70
N LEU C 45 -3.46 41.58 -27.58
CA LEU C 45 -2.75 40.51 -28.24
C LEU C 45 -2.60 39.33 -27.30
N GLU C 46 -2.78 38.12 -27.84
CA GLU C 46 -2.68 36.90 -27.07
C GLU C 46 -1.82 35.89 -27.84
N TRP C 47 -0.82 35.34 -27.17
CA TRP C 47 0.09 34.40 -27.81
C TRP C 47 -0.49 33.00 -27.77
N VAL C 48 -0.43 32.31 -28.90
CA VAL C 48 -1.00 30.97 -29.05
C VAL C 48 0.07 29.89 -28.91
N GLY C 49 1.17 30.03 -29.62
CA GLY C 49 2.24 29.05 -29.55
C GLY C 49 3.27 29.30 -30.63
N TRP C 50 4.35 28.52 -30.57
CA TRP C 50 5.38 28.56 -31.60
C TRP C 50 5.61 27.15 -32.15
N ILE C 51 6.27 27.09 -33.31
CA ILE C 51 6.63 25.84 -33.96
C ILE C 51 8.09 25.90 -34.40
N ASN C 52 8.80 24.78 -34.24
CA ASN C 52 10.17 24.66 -34.72
C ASN C 52 10.12 24.12 -36.14
N PRO C 53 10.54 24.87 -37.14
CA PRO C 53 10.41 24.41 -38.53
C PRO C 53 11.35 23.28 -38.90
N ASN C 54 12.45 23.10 -38.16
CA ASN C 54 13.37 22.01 -38.48
C ASN C 54 12.90 20.67 -37.94
N SER C 55 12.20 20.67 -36.80
CA SER C 55 11.77 19.43 -36.16
C SER C 55 10.26 19.27 -36.12
N GLY C 56 9.49 20.32 -36.37
CA GLY C 56 8.06 20.27 -36.18
C GLY C 56 7.61 20.36 -34.74
N GLY C 57 8.54 20.48 -33.79
CA GLY C 57 8.15 20.61 -32.40
C GLY C 57 7.39 21.90 -32.14
N THR C 58 6.53 21.87 -31.13
CA THR C 58 5.65 22.99 -30.84
C THR C 58 5.61 23.24 -29.34
N ASN C 59 5.09 24.41 -28.98
CA ASN C 59 4.85 24.75 -27.59
C ASN C 59 3.65 25.71 -27.57
N TYR C 60 2.47 25.16 -27.36
CA TYR C 60 1.23 25.94 -27.34
C TYR C 60 1.02 26.53 -25.96
N ALA C 61 0.30 27.64 -25.92
CA ALA C 61 -0.16 28.17 -24.65
C ALA C 61 -1.13 27.19 -24.00
N GLN C 62 -1.07 27.10 -22.67
CA GLN C 62 -1.93 26.15 -21.95
C GLN C 62 -3.40 26.40 -22.23
N LYS C 63 -3.76 27.62 -22.64
CA LYS C 63 -5.16 27.94 -22.93
C LYS C 63 -5.69 27.11 -24.10
N PHE C 64 -4.82 26.77 -25.06
CA PHE C 64 -5.24 26.08 -26.27
C PHE C 64 -4.64 24.69 -26.40
N GLN C 65 -4.17 24.10 -25.29
CA GLN C 65 -3.33 22.91 -25.36
C GLN C 65 -4.01 21.77 -26.10
N GLY C 66 -5.27 21.47 -25.76
CA GLY C 66 -5.93 20.34 -26.39
C GLY C 66 -6.55 20.59 -27.73
N ARG C 67 -6.68 21.84 -28.15
CA ARG C 67 -7.42 22.15 -29.35
C ARG C 67 -6.70 22.79 -30.52
N VAL C 68 -5.45 23.16 -30.33
CA VAL C 68 -4.71 23.81 -31.41
C VAL C 68 -3.59 22.87 -31.87
N THR C 69 -3.29 22.96 -33.16
CA THR C 69 -2.27 22.13 -33.79
C THR C 69 -1.54 22.98 -34.83
N MET C 70 -0.22 22.96 -34.76
CA MET C 70 0.63 23.74 -35.67
C MET C 70 1.49 22.79 -36.48
N THR C 71 1.52 23.02 -37.79
CA THR C 71 2.37 22.24 -38.69
C THR C 71 3.09 23.20 -39.62
N ARG C 72 3.99 22.65 -40.43
CA ARG C 72 4.71 23.47 -41.40
C ARG C 72 5.05 22.62 -42.60
N ASP C 73 5.23 23.29 -43.74
CA ASP C 73 5.60 22.63 -44.99
C ASP C 73 6.90 23.29 -45.45
N THR C 74 8.02 22.59 -45.25
CA THR C 74 9.33 23.17 -45.55
C THR C 74 9.54 23.34 -47.05
N SER C 75 8.95 22.47 -47.87
CA SER C 75 9.15 22.56 -49.32
C SER C 75 8.59 23.85 -49.89
N ILE C 76 7.56 24.42 -49.25
CA ILE C 76 6.92 25.63 -49.73
C ILE C 76 7.03 26.78 -48.75
N SER C 77 7.75 26.60 -47.63
CA SER C 77 7.96 27.63 -46.61
C SER C 77 6.65 28.24 -46.15
N THR C 78 5.75 27.38 -45.68
CA THR C 78 4.43 27.79 -45.23
C THR C 78 4.15 27.16 -43.87
N ALA C 79 3.79 27.98 -42.90
CA ALA C 79 3.38 27.52 -41.59
C ALA C 79 1.86 27.47 -41.51
N TYR C 80 1.35 26.50 -40.75
CA TYR C 80 -0.09 26.32 -40.61
C TYR C 80 -0.49 26.29 -39.14
N MET C 81 -1.71 26.76 -38.89
CA MET C 81 -2.36 26.65 -37.59
C MET C 81 -3.79 26.18 -37.81
N GLU C 82 -4.16 25.10 -37.14
CA GLU C 82 -5.53 24.59 -37.21
C GLU C 82 -6.09 24.57 -35.80
N LEU C 83 -7.18 25.29 -35.58
CA LEU C 83 -7.85 25.36 -34.28
C LEU C 83 -9.14 24.57 -34.36
N SER C 84 -9.26 23.56 -33.49
CA SER C 84 -10.37 22.63 -33.52
C SER C 84 -11.37 22.98 -32.43
N ARG C 85 -12.59 22.47 -32.60
CA ARG C 85 -13.68 22.72 -31.66
C ARG C 85 -13.85 24.22 -31.41
N LEU C 86 -14.12 24.94 -32.49
CA LEU C 86 -14.22 26.39 -32.42
C LEU C 86 -15.42 26.81 -31.58
N ARG C 87 -15.26 27.92 -30.87
CA ARG C 87 -16.33 28.53 -30.11
C ARG C 87 -16.35 30.02 -30.40
N SER C 88 -17.43 30.67 -29.96
CA SER C 88 -17.63 32.09 -30.27
C SER C 88 -16.52 32.95 -29.70
N ASP C 89 -15.87 32.50 -28.63
CA ASP C 89 -14.78 33.27 -28.04
C ASP C 89 -13.55 33.31 -28.95
N ASP C 90 -13.46 32.41 -29.93
CA ASP C 90 -12.30 32.33 -30.81
C ASP C 90 -12.35 33.31 -31.98
N THR C 91 -13.45 34.04 -32.15
CA THR C 91 -13.50 35.06 -33.19
C THR C 91 -12.46 36.13 -32.94
N ALA C 92 -11.46 36.21 -33.83
CA ALA C 92 -10.34 37.12 -33.65
C ALA C 92 -9.57 37.20 -34.96
N VAL C 93 -8.58 38.09 -34.98
CA VAL C 93 -7.62 38.17 -36.08
C VAL C 93 -6.38 37.40 -35.66
N TYR C 94 -5.99 36.40 -36.46
CA TYR C 94 -4.87 35.54 -36.15
C TYR C 94 -3.66 35.96 -36.98
N TYR C 95 -2.59 36.33 -36.30
CA TYR C 95 -1.35 36.75 -36.94
C TYR C 95 -0.30 35.66 -36.80
N CYS C 96 0.62 35.62 -37.76
CA CYS C 96 1.86 34.87 -37.64
C CYS C 96 3.02 35.84 -37.65
N ALA C 97 4.09 35.47 -36.94
CA ALA C 97 5.23 36.36 -36.79
C ALA C 97 6.51 35.55 -36.74
N ARG C 98 7.62 36.21 -37.05
CA ARG C 98 8.93 35.59 -37.07
C ARG C 98 9.67 35.92 -35.78
N VAL C 99 10.34 34.92 -35.22
CA VAL C 99 11.21 35.10 -34.05
C VAL C 99 12.49 34.32 -34.29
N SER C 100 13.64 34.98 -34.11
CA SER C 100 14.91 34.34 -34.36
C SER C 100 15.15 33.19 -33.38
N GLN C 101 15.63 32.07 -33.93
CA GLN C 101 15.94 30.91 -33.08
C GLN C 101 17.17 31.17 -32.23
N TYR C 102 18.14 31.90 -32.76
CA TYR C 102 19.40 32.16 -32.08
C TYR C 102 19.35 33.40 -31.19
N SER C 103 18.20 34.07 -31.09
CA SER C 103 18.10 35.28 -30.32
C SER C 103 17.93 34.98 -28.83
N SER C 104 18.42 35.92 -28.00
CA SER C 104 18.27 35.80 -26.56
C SER C 104 16.87 36.12 -26.09
N GLY C 105 16.13 36.93 -26.86
CA GLY C 105 14.77 37.28 -26.53
C GLY C 105 13.85 37.13 -27.73
N TRP C 106 12.56 37.34 -27.47
CA TRP C 106 11.54 37.25 -28.51
C TRP C 106 11.28 38.63 -29.09
N TYR C 107 11.69 38.83 -30.34
CA TYR C 107 11.44 40.08 -31.06
C TYR C 107 10.55 39.74 -32.26
N PHE C 108 9.24 39.94 -32.10
CA PHE C 108 8.28 39.63 -33.14
C PHE C 108 8.47 40.54 -34.34
N GLY C 109 8.83 39.95 -35.48
CA GLY C 109 9.03 40.70 -36.70
C GLY C 109 8.39 39.99 -37.87
N TYR C 110 8.19 40.76 -38.94
CA TYR C 110 7.61 40.27 -40.19
C TYR C 110 6.27 39.59 -39.95
N TRP C 111 5.35 40.34 -39.35
CA TRP C 111 4.01 39.85 -39.11
C TRP C 111 3.27 39.63 -40.43
N GLY C 112 2.34 38.67 -40.41
CA GLY C 112 1.41 38.53 -41.51
C GLY C 112 0.38 39.65 -41.51
N GLN C 113 -0.37 39.73 -42.60
CA GLN C 113 -1.41 40.75 -42.69
C GLN C 113 -2.60 40.46 -41.78
N GLY C 114 -2.67 39.29 -41.18
CA GLY C 114 -3.77 38.93 -40.32
C GLY C 114 -4.83 38.10 -41.05
N THR C 115 -5.52 37.25 -40.29
CA THR C 115 -6.59 36.41 -40.83
C THR C 115 -7.79 36.50 -39.90
N LEU C 116 -8.89 37.04 -40.41
CA LEU C 116 -10.12 37.17 -39.65
C LEU C 116 -10.88 35.84 -39.67
N VAL C 117 -11.03 35.22 -38.51
CA VAL C 117 -11.81 34.00 -38.35
C VAL C 117 -13.04 34.33 -37.52
N THR C 118 -14.22 34.12 -38.09
CA THR C 118 -15.48 34.41 -37.43
C THR C 118 -16.19 33.10 -37.11
N VAL C 119 -16.54 32.92 -35.84
CA VAL C 119 -17.31 31.76 -35.40
C VAL C 119 -18.76 32.18 -35.22
N SER C 120 -19.65 31.56 -35.98
CA SER C 120 -21.07 31.86 -35.93
C SER C 120 -21.85 30.69 -36.51
N SER C 121 -23.01 30.40 -35.92
CA SER C 121 -23.88 29.33 -36.38
C SER C 121 -24.76 29.74 -37.55
N ALA C 122 -24.58 30.92 -38.12
CA ALA C 122 -25.43 31.37 -39.21
C ALA C 122 -24.86 30.96 -40.56
N SER C 123 -25.77 30.91 -41.54
CA SER C 123 -25.49 30.62 -42.94
C SER C 123 -25.53 31.93 -43.71
N THR C 124 -25.10 31.89 -44.98
CA THR C 124 -25.11 33.12 -45.75
C THR C 124 -26.56 33.57 -45.94
N LYS C 125 -26.84 34.79 -45.47
CA LYS C 125 -28.17 35.37 -45.48
C LYS C 125 -28.10 36.81 -45.94
N GLY C 126 -29.01 37.19 -46.82
CA GLY C 126 -29.10 38.57 -47.27
C GLY C 126 -29.69 39.44 -46.18
N PRO C 127 -29.35 40.72 -46.18
CA PRO C 127 -29.81 41.62 -45.11
C PRO C 127 -31.20 42.17 -45.38
N SER C 128 -31.95 42.33 -44.30
CA SER C 128 -33.22 43.05 -44.34
C SER C 128 -32.98 44.50 -43.91
N VAL C 129 -33.49 45.44 -44.71
CA VAL C 129 -33.28 46.86 -44.48
C VAL C 129 -34.60 47.48 -44.03
N PHE C 130 -34.55 48.24 -42.95
CA PHE C 130 -35.69 48.93 -42.39
C PHE C 130 -35.35 50.40 -42.25
N PRO C 131 -36.29 51.30 -42.53
CA PRO C 131 -35.98 52.72 -42.47
C PRO C 131 -36.07 53.26 -41.05
N LEU C 132 -35.27 54.27 -40.78
CA LEU C 132 -35.31 55.02 -39.54
C LEU C 132 -35.88 56.37 -39.91
N ALA C 133 -37.19 56.53 -39.75
CA ALA C 133 -37.87 57.73 -40.22
C ALA C 133 -37.53 58.92 -39.33
N PRO C 134 -37.25 60.07 -39.92
CA PRO C 134 -37.01 61.27 -39.10
C PRO C 134 -38.29 61.68 -38.39
N SER C 135 -38.12 62.42 -37.30
CA SER C 135 -39.26 62.80 -36.47
C SER C 135 -38.90 64.04 -35.67
N SER C 136 -39.91 64.58 -35.00
CA SER C 136 -39.74 65.77 -34.17
C SER C 136 -38.77 65.52 -33.01
N SER C 140 -34.17 68.04 -33.73
CA SER C 140 -33.24 68.76 -32.88
C SER C 140 -32.64 69.95 -33.60
N GLY C 141 -33.23 71.13 -33.40
CA GLY C 141 -32.67 72.31 -34.03
C GLY C 141 -32.94 72.32 -35.52
N GLY C 142 -31.98 72.90 -36.25
CA GLY C 142 -32.09 73.01 -37.70
C GLY C 142 -31.71 71.77 -38.47
N THR C 143 -31.23 70.73 -37.80
CA THR C 143 -30.77 69.51 -38.45
C THR C 143 -31.62 68.35 -37.99
N ALA C 144 -32.09 67.54 -38.94
CA ALA C 144 -32.87 66.34 -38.65
C ALA C 144 -32.02 65.12 -38.93
N ALA C 145 -32.32 64.01 -38.24
CA ALA C 145 -31.57 62.78 -38.37
C ALA C 145 -32.45 61.67 -38.93
N LEU C 146 -31.90 60.95 -39.91
CA LEU C 146 -32.56 59.81 -40.54
C LEU C 146 -31.51 58.77 -40.89
N GLY C 147 -31.93 57.52 -40.99
CA GLY C 147 -31.00 56.46 -41.28
C GLY C 147 -31.68 55.19 -41.75
N CYS C 148 -30.86 54.15 -41.93
CA CYS C 148 -31.33 52.83 -42.31
C CYS C 148 -30.78 51.79 -41.34
N LEU C 149 -31.60 50.77 -41.09
CA LEU C 149 -31.27 49.68 -40.17
C LEU C 149 -31.05 48.41 -40.98
N VAL C 150 -29.82 47.92 -41.02
CA VAL C 150 -29.46 46.71 -41.76
C VAL C 150 -29.34 45.56 -40.75
N LYS C 151 -30.34 44.68 -40.69
CA LYS C 151 -30.34 43.62 -39.69
C LYS C 151 -30.30 42.25 -40.37
N ASP C 152 -29.70 41.30 -39.65
CA ASP C 152 -29.74 39.89 -40.01
C ASP C 152 -29.10 39.61 -41.36
N TYR C 153 -27.77 39.61 -41.40
CA TYR C 153 -27.04 39.20 -42.60
C TYR C 153 -25.76 38.51 -42.15
N PHE C 154 -25.19 37.73 -43.07
CA PHE C 154 -23.94 37.04 -42.78
C PHE C 154 -23.33 36.59 -44.08
N PRO C 155 -22.02 36.75 -44.29
CA PRO C 155 -21.09 37.42 -43.37
C PRO C 155 -20.82 38.86 -43.77
N GLU C 156 -19.83 39.48 -43.13
CA GLU C 156 -19.38 40.81 -43.53
C GLU C 156 -18.75 40.76 -44.92
N PRO C 157 -18.72 41.90 -45.63
CA PRO C 157 -19.26 43.21 -45.26
C PRO C 157 -20.49 43.63 -46.06
N VAL C 158 -21.07 44.77 -45.68
CA VAL C 158 -22.12 45.42 -46.44
C VAL C 158 -21.72 46.87 -46.68
N THR C 159 -21.92 47.35 -47.90
CA THR C 159 -21.62 48.73 -48.25
C THR C 159 -22.93 49.51 -48.29
N VAL C 160 -22.97 50.66 -47.64
CA VAL C 160 -24.16 51.49 -47.57
C VAL C 160 -23.84 52.86 -48.15
N SER C 161 -24.53 53.22 -49.24
CA SER C 161 -24.45 54.55 -49.81
C SER C 161 -25.80 55.25 -49.65
N TRP C 162 -25.77 56.58 -49.73
CA TRP C 162 -26.95 57.42 -49.57
C TRP C 162 -27.19 58.23 -50.84
N ASN C 163 -28.42 58.12 -51.37
CA ASN C 163 -28.80 58.80 -52.61
C ASN C 163 -27.92 58.38 -53.77
N SER C 164 -27.69 57.06 -53.88
CA SER C 164 -26.89 56.47 -54.95
C SER C 164 -25.47 57.03 -54.96
N GLY C 165 -24.93 57.30 -53.78
CA GLY C 165 -23.58 57.78 -53.64
C GLY C 165 -23.41 59.28 -53.71
N ALA C 166 -24.50 60.03 -53.93
CA ALA C 166 -24.39 61.47 -54.04
C ALA C 166 -24.31 62.16 -52.69
N LEU C 167 -24.93 61.59 -51.66
CA LEU C 167 -24.91 62.17 -50.31
C LEU C 167 -23.86 61.47 -49.48
N THR C 168 -22.76 62.17 -49.20
CA THR C 168 -21.67 61.65 -48.40
C THR C 168 -21.29 62.54 -47.21
N SER C 169 -21.88 63.73 -47.09
CA SER C 169 -21.61 64.61 -45.96
C SER C 169 -22.55 64.27 -44.81
N GLY C 170 -21.99 64.21 -43.60
CA GLY C 170 -22.79 63.92 -42.42
C GLY C 170 -23.24 62.49 -42.28
N VAL C 171 -22.79 61.58 -43.14
CA VAL C 171 -23.13 60.17 -43.02
C VAL C 171 -22.21 59.51 -42.00
N HIS C 172 -22.79 58.79 -41.05
CA HIS C 172 -22.02 58.04 -40.06
C HIS C 172 -22.51 56.60 -40.12
N THR C 173 -21.78 55.74 -40.80
CA THR C 173 -22.11 54.33 -40.87
C THR C 173 -21.35 53.59 -39.76
N PHE C 174 -22.09 53.00 -38.85
CA PHE C 174 -21.49 52.39 -37.66
C PHE C 174 -20.98 50.99 -37.98
N PRO C 175 -19.92 50.55 -37.30
CA PRO C 175 -19.44 49.18 -37.50
C PRO C 175 -20.50 48.17 -37.11
N ALA C 176 -20.54 47.06 -37.84
CA ALA C 176 -21.52 46.02 -37.58
C ALA C 176 -21.25 45.36 -36.22
N VAL C 177 -22.30 44.79 -35.66
CA VAL C 177 -22.22 44.07 -34.39
C VAL C 177 -22.79 42.67 -34.59
N LEU C 178 -22.08 41.66 -34.08
CA LEU C 178 -22.55 40.28 -34.14
C LEU C 178 -23.58 40.06 -33.06
N GLN C 179 -24.78 39.65 -33.45
CA GLN C 179 -25.85 39.42 -32.49
C GLN C 179 -25.80 38.00 -31.95
N SER C 180 -26.61 37.75 -30.92
CA SER C 180 -26.69 36.41 -30.33
C SER C 180 -27.22 35.38 -31.32
N SER C 181 -28.02 35.82 -32.29
CA SER C 181 -28.51 34.92 -33.32
C SER C 181 -27.42 34.45 -34.28
N GLY C 182 -26.26 35.10 -34.27
CA GLY C 182 -25.19 34.76 -35.18
C GLY C 182 -25.16 35.60 -36.43
N LEU C 183 -26.03 36.60 -36.53
CA LEU C 183 -26.14 37.49 -37.68
C LEU C 183 -25.58 38.85 -37.33
N TYR C 184 -25.20 39.59 -38.36
CA TYR C 184 -24.67 40.93 -38.22
C TYR C 184 -25.79 41.96 -38.28
N SER C 185 -25.55 43.12 -37.68
CA SER C 185 -26.51 44.21 -37.75
C SER C 185 -25.76 45.52 -37.54
N LEU C 186 -26.00 46.47 -38.44
CA LEU C 186 -25.44 47.81 -38.34
C LEU C 186 -26.51 48.85 -38.64
N SER C 187 -26.21 50.10 -38.30
CA SER C 187 -27.06 51.23 -38.60
C SER C 187 -26.25 52.28 -39.34
N SER C 188 -26.85 52.87 -40.36
CA SER C 188 -26.24 53.95 -41.14
C SER C 188 -27.14 55.17 -41.05
N VAL C 189 -26.61 56.25 -40.49
CA VAL C 189 -27.39 57.47 -40.26
C VAL C 189 -26.73 58.63 -40.99
N VAL C 190 -27.51 59.69 -41.18
CA VAL C 190 -27.04 60.93 -41.81
C VAL C 190 -27.88 62.08 -41.27
N THR C 191 -27.21 63.19 -40.97
CA THR C 191 -27.88 64.39 -40.47
C THR C 191 -28.08 65.36 -41.63
N VAL C 192 -29.32 65.78 -41.85
CA VAL C 192 -29.67 66.68 -42.94
C VAL C 192 -30.49 67.83 -42.37
N PRO C 193 -30.50 68.99 -43.05
CA PRO C 193 -31.34 70.10 -42.60
C PRO C 193 -32.82 69.73 -42.59
N SER C 194 -33.53 70.25 -41.59
CA SER C 194 -34.95 69.95 -41.45
C SER C 194 -35.77 70.50 -42.61
N SER C 195 -35.26 71.52 -43.30
CA SER C 195 -35.99 72.08 -44.44
C SER C 195 -36.04 71.10 -45.61
N SER C 196 -35.00 70.30 -45.80
CA SER C 196 -34.95 69.37 -46.92
C SER C 196 -35.93 68.21 -46.79
N LEU C 197 -36.49 67.97 -45.61
CA LEU C 197 -37.48 66.92 -45.44
C LEU C 197 -38.76 67.33 -46.18
N GLY C 198 -39.30 66.40 -46.96
CA GLY C 198 -40.46 66.65 -47.78
C GLY C 198 -40.12 67.21 -49.15
N THR C 199 -38.95 67.85 -49.26
CA THR C 199 -38.46 68.39 -50.52
C THR C 199 -37.27 67.64 -51.07
N GLN C 200 -36.75 66.65 -50.34
CA GLN C 200 -35.61 65.87 -50.79
C GLN C 200 -35.85 64.39 -50.52
N THR C 201 -35.61 63.57 -51.54
CA THR C 201 -35.79 62.12 -51.45
C THR C 201 -34.51 61.47 -50.95
N TYR C 202 -34.59 60.77 -49.81
CA TYR C 202 -33.44 60.12 -49.21
C TYR C 202 -33.59 58.60 -49.35
N ILE C 203 -32.62 57.98 -50.01
CA ILE C 203 -32.63 56.54 -50.25
C ILE C 203 -31.28 55.97 -49.85
N CYS C 204 -31.28 54.88 -49.08
CA CYS C 204 -30.06 54.18 -48.72
C CYS C 204 -29.88 52.94 -49.58
N ASN C 205 -28.68 52.75 -50.07
CA ASN C 205 -28.42 51.67 -50.97
C ASN C 205 -27.49 50.68 -50.30
N VAL C 206 -28.03 49.53 -49.93
CA VAL C 206 -27.25 48.53 -49.26
C VAL C 206 -26.82 47.41 -50.18
N ASN C 207 -25.55 47.03 -50.13
CA ASN C 207 -24.98 46.00 -51.00
C ASN C 207 -24.34 44.93 -50.13
N HIS C 208 -24.73 43.68 -50.36
CA HIS C 208 -24.19 42.51 -49.65
C HIS C 208 -23.69 41.51 -50.68
N LYS C 209 -22.41 41.56 -50.97
CA LYS C 209 -21.78 40.76 -52.02
C LYS C 209 -21.74 39.26 -51.71
N PRO C 210 -21.58 38.84 -50.45
CA PRO C 210 -21.64 37.39 -50.18
C PRO C 210 -22.95 36.73 -50.57
N SER C 211 -24.08 37.46 -50.53
CA SER C 211 -25.38 36.88 -50.87
C SER C 211 -25.95 37.40 -52.18
N ASN C 212 -25.23 38.25 -52.91
CA ASN C 212 -25.72 38.81 -54.18
C ASN C 212 -27.06 39.50 -53.99
N THR C 213 -27.11 40.38 -52.98
CA THR C 213 -28.31 41.13 -52.64
C THR C 213 -27.99 42.62 -52.61
N LYS C 214 -28.79 43.41 -53.33
CA LYS C 214 -28.73 44.86 -53.30
C LYS C 214 -30.12 45.38 -52.99
N VAL C 215 -30.23 46.19 -51.95
CA VAL C 215 -31.53 46.68 -51.48
C VAL C 215 -31.47 48.19 -51.36
N ASP C 216 -32.47 48.85 -51.95
CA ASP C 216 -32.59 50.30 -51.86
C ASP C 216 -33.83 50.61 -51.07
N LYS C 217 -33.69 51.36 -50.01
CA LYS C 217 -34.80 51.69 -49.11
C LYS C 217 -34.94 53.20 -49.04
N LYS C 218 -36.11 53.70 -49.43
CA LYS C 218 -36.43 55.12 -49.31
C LYS C 218 -37.01 55.40 -47.93
N VAL C 219 -36.45 56.38 -47.24
CA VAL C 219 -36.86 56.72 -45.88
C VAL C 219 -37.73 57.97 -45.96
N GLU C 220 -39.03 57.83 -45.63
CA GLU C 220 -40.01 58.89 -45.64
C GLU C 220 -40.31 59.36 -44.22
N PRO C 221 -40.57 60.65 -44.02
CA PRO C 221 -40.97 61.13 -42.70
C PRO C 221 -42.44 60.80 -42.44
N LYS C 222 -42.91 61.19 -41.25
CA LYS C 222 -44.27 60.94 -40.73
C LYS C 222 -45.21 60.12 -41.62
N ILE D 2 6.97 6.64 7.86
CA ILE D 2 6.17 5.42 7.75
C ILE D 2 4.95 5.63 6.88
N GLN D 3 4.76 4.71 5.94
CA GLN D 3 3.55 4.63 5.13
C GLN D 3 2.79 3.39 5.55
N MET D 4 1.50 3.54 5.85
CA MET D 4 0.67 2.43 6.29
C MET D 4 -0.30 2.04 5.18
N THR D 5 -0.14 0.84 4.63
CA THR D 5 -1.02 0.30 3.59
C THR D 5 -1.90 -0.78 4.20
N GLN D 6 -3.19 -0.49 4.30
CA GLN D 6 -4.18 -1.40 4.86
C GLN D 6 -5.08 -1.88 3.73
N SER D 7 -5.25 -3.19 3.62
CA SER D 7 -6.03 -3.80 2.56
C SER D 7 -6.88 -4.93 3.12
N PRO D 8 -8.09 -5.14 2.57
CA PRO D 8 -8.72 -4.38 1.49
C PRO D 8 -9.36 -3.08 1.96
N SER D 9 -9.83 -2.26 1.03
CA SER D 9 -10.54 -1.05 1.42
C SER D 9 -11.94 -1.37 1.94
N SER D 10 -12.61 -2.34 1.33
CA SER D 10 -13.94 -2.76 1.75
C SER D 10 -14.11 -4.23 1.42
N LEU D 11 -15.01 -4.89 2.14
CA LEU D 11 -15.28 -6.30 1.92
C LEU D 11 -16.67 -6.65 2.42
N SER D 12 -17.26 -7.67 1.81
CA SER D 12 -18.57 -8.18 2.20
C SER D 12 -18.46 -9.67 2.48
N ALA D 13 -18.98 -10.11 3.61
CA ALA D 13 -18.95 -11.51 4.00
C ALA D 13 -20.25 -11.87 4.71
N SER D 14 -20.57 -13.15 4.72
CA SER D 14 -21.77 -13.60 5.41
C SER D 14 -21.51 -13.74 6.91
N VAL D 15 -22.58 -13.99 7.66
CA VAL D 15 -22.44 -14.22 9.09
C VAL D 15 -21.78 -15.58 9.31
N GLY D 16 -20.66 -15.57 10.01
CA GLY D 16 -19.91 -16.77 10.32
C GLY D 16 -18.66 -16.97 9.49
N ASP D 17 -18.48 -16.17 8.44
CA ASP D 17 -17.30 -16.29 7.61
C ASP D 17 -16.09 -15.69 8.32
N ARG D 18 -14.91 -16.00 7.78
CA ARG D 18 -13.64 -15.59 8.36
C ARG D 18 -13.13 -14.35 7.63
N VAL D 19 -13.08 -13.23 8.34
CA VAL D 19 -12.61 -11.97 7.78
C VAL D 19 -11.12 -11.83 8.06
N THR D 20 -10.37 -11.37 7.06
CA THR D 20 -8.92 -11.22 7.17
C THR D 20 -8.53 -9.87 6.59
N ILE D 21 -7.95 -9.02 7.44
CA ILE D 21 -7.50 -7.69 7.04
C ILE D 21 -5.99 -7.64 7.22
N THR D 22 -5.29 -7.09 6.22
CA THR D 22 -3.83 -7.00 6.22
C THR D 22 -3.39 -5.55 6.27
N CYS D 23 -2.42 -5.26 7.14
CA CYS D 23 -1.81 -3.94 7.27
C CYS D 23 -0.31 -4.07 7.10
N GLN D 24 0.27 -3.27 6.21
CA GLN D 24 1.70 -3.34 5.92
C GLN D 24 2.36 -2.00 6.23
N ALA D 25 3.40 -2.04 7.05
CA ALA D 25 4.19 -0.87 7.34
C ALA D 25 5.38 -0.80 6.38
N SER D 26 5.95 0.40 6.26
CA SER D 26 7.12 0.59 5.40
C SER D 26 8.44 0.38 6.14
N GLN D 27 8.39 0.24 7.47
CA GLN D 27 9.58 0.05 8.30
C GLN D 27 9.33 -1.08 9.29
N ASP D 28 10.44 -1.64 9.78
CA ASP D 28 10.37 -2.68 10.80
C ASP D 28 9.85 -2.05 12.08
N ILE D 29 8.58 -2.29 12.39
CA ILE D 29 7.94 -1.73 13.58
C ILE D 29 7.76 -2.77 14.67
N ASN D 30 8.36 -3.94 14.50
CA ASN D 30 8.36 -5.06 15.44
C ASN D 30 6.91 -5.53 15.64
N ASN D 31 6.57 -5.98 16.84
CA ASN D 31 5.25 -6.55 17.11
C ASN D 31 4.23 -5.55 17.61
N TYR D 32 4.64 -4.31 17.77
CA TYR D 32 3.73 -3.32 18.29
C TYR D 32 2.90 -2.81 17.16
N LEU D 33 1.60 -3.04 17.24
CA LEU D 33 0.69 -2.48 16.24
C LEU D 33 -0.74 -2.63 16.76
N ASN D 34 -1.52 -1.56 16.66
CA ASN D 34 -2.85 -1.51 17.24
C ASN D 34 -3.92 -1.54 16.16
N TRP D 35 -5.07 -2.11 16.51
CA TRP D 35 -6.22 -2.22 15.62
C TRP D 35 -7.44 -1.61 16.28
N TYR D 36 -8.11 -0.69 15.58
CA TYR D 36 -9.27 0.00 16.10
C TYR D 36 -10.50 -0.35 15.27
N GLN D 37 -11.66 -0.35 15.93
CA GLN D 37 -12.95 -0.57 15.28
C GLN D 37 -13.80 0.68 15.47
N GLN D 38 -14.26 1.26 14.36
CA GLN D 38 -15.09 2.46 14.40
C GLN D 38 -16.46 2.12 13.84
N LYS D 39 -17.45 1.98 14.72
CA LYS D 39 -18.82 1.78 14.28
C LYS D 39 -19.39 3.11 13.76
N PRO D 40 -20.35 3.05 12.83
CA PRO D 40 -20.82 4.27 12.18
C PRO D 40 -21.38 5.28 13.18
N GLY D 41 -20.88 6.51 13.09
CA GLY D 41 -21.30 7.57 13.97
C GLY D 41 -20.57 7.63 15.30
N LYS D 42 -19.72 6.65 15.60
CA LYS D 42 -19.05 6.59 16.90
C LYS D 42 -17.55 6.80 16.74
N ALA D 43 -16.87 6.92 17.87
CA ALA D 43 -15.43 7.06 17.88
C ALA D 43 -14.75 5.68 17.81
N PRO D 44 -13.52 5.62 17.30
CA PRO D 44 -12.81 4.35 17.26
C PRO D 44 -12.58 3.78 18.65
N LYS D 45 -12.52 2.45 18.72
CA LYS D 45 -12.27 1.75 19.96
C LYS D 45 -11.15 0.73 19.71
N LEU D 46 -10.16 0.72 20.61
CA LEU D 46 -9.03 -0.19 20.45
C LEU D 46 -9.48 -1.62 20.75
N LEU D 47 -9.22 -2.52 19.81
CA LEU D 47 -9.54 -3.94 19.96
C LEU D 47 -8.31 -4.79 20.18
N ILE D 48 -7.28 -4.61 19.35
CA ILE D 48 -6.04 -5.38 19.44
C ILE D 48 -4.90 -4.40 19.65
N TYR D 49 -4.08 -4.65 20.67
CA TYR D 49 -2.87 -3.87 20.90
C TYR D 49 -1.67 -4.80 20.87
N ASP D 50 -0.54 -4.26 20.39
CA ASP D 50 0.70 -5.03 20.24
C ASP D 50 0.49 -6.29 19.40
N ALA D 51 -0.10 -6.09 18.22
CA ALA D 51 -0.33 -7.11 17.19
C ALA D 51 -1.25 -8.24 17.60
N SER D 52 -1.05 -8.83 18.79
CA SER D 52 -1.73 -10.06 19.14
C SER D 52 -2.60 -10.00 20.38
N ASN D 53 -2.48 -8.97 21.20
CA ASN D 53 -3.21 -8.94 22.48
C ASN D 53 -4.58 -8.30 22.33
N LEU D 54 -5.52 -8.79 23.13
CA LEU D 54 -6.92 -8.38 23.09
C LEU D 54 -7.22 -7.57 24.34
N GLU D 55 -7.73 -6.36 24.15
CA GLU D 55 -8.16 -5.58 25.31
C GLU D 55 -9.33 -6.27 26.01
N THR D 56 -9.42 -6.03 27.32
CA THR D 56 -10.47 -6.65 28.12
C THR D 56 -11.83 -6.23 27.61
N GLY D 57 -12.73 -7.20 27.48
CA GLY D 57 -14.07 -6.95 26.99
C GLY D 57 -14.27 -7.23 25.52
N VAL D 58 -13.23 -7.62 24.80
CA VAL D 58 -13.33 -7.89 23.37
C VAL D 58 -13.57 -9.39 23.16
N PRO D 59 -14.53 -9.77 22.33
CA PRO D 59 -14.78 -11.20 22.09
C PRO D 59 -13.57 -11.91 21.54
N SER D 60 -13.52 -13.23 21.76
CA SER D 60 -12.37 -14.03 21.37
C SER D 60 -12.28 -14.25 19.86
N ARG D 61 -13.35 -13.97 19.11
CA ARG D 61 -13.31 -14.12 17.67
C ARG D 61 -12.34 -13.14 17.01
N PHE D 62 -12.06 -12.01 17.65
CA PHE D 62 -11.09 -11.06 17.14
C PHE D 62 -9.67 -11.52 17.47
N SER D 63 -8.77 -11.40 16.50
CA SER D 63 -7.40 -11.84 16.68
C SER D 63 -6.49 -11.06 15.74
N GLY D 64 -5.20 -11.09 16.05
CA GLY D 64 -4.21 -10.44 15.23
C GLY D 64 -2.88 -11.15 15.34
N SER D 65 -2.05 -10.97 14.32
CA SER D 65 -0.74 -11.60 14.27
C SER D 65 0.17 -10.78 13.38
N GLY D 66 1.45 -11.16 13.40
CA GLY D 66 2.42 -10.51 12.54
C GLY D 66 3.56 -9.85 13.28
N SER D 67 4.66 -9.61 12.56
CA SER D 67 5.82 -8.92 13.12
C SER D 67 6.66 -8.39 11.98
N GLY D 68 7.41 -7.33 12.26
CA GLY D 68 8.21 -6.69 11.23
C GLY D 68 7.41 -5.68 10.43
N THR D 69 6.94 -6.09 9.26
CA THR D 69 6.17 -5.21 8.39
C THR D 69 4.82 -5.75 7.96
N ASP D 70 4.59 -7.06 8.07
CA ASP D 70 3.34 -7.68 7.64
C ASP D 70 2.51 -8.07 8.86
N PHE D 71 1.28 -7.56 8.93
CA PHE D 71 0.38 -7.82 10.04
C PHE D 71 -0.99 -8.19 9.51
N THR D 72 -1.69 -9.06 10.24
CA THR D 72 -3.03 -9.48 9.86
C THR D 72 -3.98 -9.29 11.03
N PHE D 73 -5.20 -8.85 10.72
CA PHE D 73 -6.28 -8.72 11.68
C PHE D 73 -7.42 -9.60 11.20
N THR D 74 -7.84 -10.54 12.04
CA THR D 74 -8.77 -11.59 11.61
C THR D 74 -9.95 -11.67 12.56
N ILE D 75 -11.13 -11.84 11.98
CA ILE D 75 -12.35 -12.13 12.73
C ILE D 75 -12.74 -13.56 12.38
N SER D 76 -12.71 -14.45 13.37
CA SER D 76 -12.90 -15.88 13.09
C SER D 76 -14.30 -16.17 12.56
N SER D 77 -15.32 -15.62 13.22
CA SER D 77 -16.71 -15.81 12.80
C SER D 77 -17.40 -14.45 12.83
N LEU D 78 -17.59 -13.87 11.65
CA LEU D 78 -18.20 -12.55 11.55
C LEU D 78 -19.63 -12.57 12.08
N GLN D 79 -19.98 -11.56 12.86
CA GLN D 79 -21.26 -11.47 13.51
C GLN D 79 -21.95 -10.15 13.13
N PRO D 80 -23.28 -10.10 13.21
CA PRO D 80 -24.00 -8.89 12.73
C PRO D 80 -23.65 -7.60 13.48
N GLU D 81 -22.98 -7.67 14.62
CA GLU D 81 -22.57 -6.48 15.36
C GLU D 81 -21.11 -6.11 15.09
N ASP D 82 -20.50 -6.69 14.07
CA ASP D 82 -19.11 -6.42 13.74
C ASP D 82 -18.95 -5.52 12.51
N ILE D 83 -20.06 -5.02 11.96
CA ILE D 83 -19.99 -4.14 10.81
C ILE D 83 -19.44 -2.79 11.25
N ALA D 84 -18.32 -2.40 10.67
CA ALA D 84 -17.64 -1.16 11.02
C ALA D 84 -16.50 -0.95 10.03
N THR D 85 -15.76 0.14 10.22
CA THR D 85 -14.52 0.37 9.52
C THR D 85 -13.39 0.15 10.49
N TYR D 86 -12.43 -0.70 10.11
CA TYR D 86 -11.33 -1.07 10.99
C TYR D 86 -10.05 -0.40 10.50
N TYR D 87 -9.31 0.19 11.43
CA TYR D 87 -8.08 0.90 11.15
C TYR D 87 -6.92 0.29 11.91
N CYS D 88 -5.77 0.18 11.25
CA CYS D 88 -4.52 -0.13 11.92
C CYS D 88 -3.78 1.17 12.23
N GLN D 89 -3.22 1.26 13.43
CA GLN D 89 -2.58 2.48 13.87
C GLN D 89 -1.23 2.14 14.48
N GLN D 90 -0.20 2.89 14.07
CA GLN D 90 1.12 2.77 14.67
C GLN D 90 1.62 4.19 14.85
N TYR D 91 1.71 4.66 16.08
CA TYR D 91 2.13 6.03 16.42
C TYR D 91 1.13 6.98 15.76
N GLU D 92 1.58 8.05 15.09
CA GLU D 92 0.70 9.03 14.47
C GLU D 92 0.15 8.57 13.12
N PHE D 93 0.53 7.39 12.64
CA PHE D 93 0.18 6.94 11.31
C PHE D 93 -0.95 5.91 11.38
N PHE D 94 -2.01 6.15 10.61
CA PHE D 94 -3.15 5.27 10.53
C PHE D 94 -3.23 4.59 9.17
N GLY D 95 -3.83 3.41 9.15
CA GLY D 95 -4.15 2.76 7.90
C GLY D 95 -5.32 3.43 7.22
N GLY D 96 -5.51 3.08 5.94
CA GLY D 96 -6.60 3.65 5.17
C GLY D 96 -7.98 3.28 5.66
N GLY D 97 -8.09 2.17 6.37
CA GLY D 97 -9.37 1.70 6.87
C GLY D 97 -9.95 0.62 6.00
N THR D 98 -10.75 -0.25 6.62
CA THR D 98 -11.43 -1.33 5.90
C THR D 98 -12.86 -1.40 6.42
N LYS D 99 -13.82 -1.02 5.58
CA LYS D 99 -15.22 -1.15 5.96
C LYS D 99 -15.68 -2.57 5.68
N VAL D 100 -16.22 -3.22 6.70
CA VAL D 100 -16.72 -4.59 6.60
C VAL D 100 -18.23 -4.56 6.47
N GLU D 101 -18.76 -5.22 5.45
CA GLU D 101 -20.21 -5.25 5.26
C GLU D 101 -20.66 -6.70 5.30
N ILE D 102 -21.96 -6.90 5.49
CA ILE D 102 -22.52 -8.22 5.66
C ILE D 102 -23.43 -8.57 4.49
N LYS D 103 -23.21 -9.75 3.93
CA LYS D 103 -24.08 -10.33 2.91
C LYS D 103 -25.08 -11.26 3.60
N ARG D 104 -26.37 -11.03 3.36
CA ARG D 104 -27.41 -11.85 3.99
C ARG D 104 -28.48 -12.22 2.96
N THR D 105 -29.50 -12.92 3.44
CA THR D 105 -30.63 -13.32 2.59
C THR D 105 -31.52 -12.12 2.26
N VAL D 106 -32.30 -12.28 1.20
CA VAL D 106 -33.19 -11.22 0.75
C VAL D 106 -34.34 -11.04 1.73
N ALA D 107 -34.67 -9.79 2.04
CA ALA D 107 -35.75 -9.44 2.96
C ALA D 107 -36.63 -8.40 2.30
N ALA D 108 -37.94 -8.65 2.29
CA ALA D 108 -38.88 -7.71 1.71
C ALA D 108 -39.13 -6.54 2.67
N PRO D 109 -39.24 -5.32 2.16
CA PRO D 109 -39.49 -4.18 3.04
C PRO D 109 -40.95 -4.04 3.42
N SER D 110 -41.19 -3.67 4.67
CA SER D 110 -42.52 -3.25 5.12
C SER D 110 -42.65 -1.75 4.87
N VAL D 111 -43.70 -1.36 4.15
CA VAL D 111 -43.84 0.00 3.63
C VAL D 111 -44.87 0.76 4.46
N PHE D 112 -44.55 2.02 4.77
CA PHE D 112 -45.44 2.91 5.51
C PHE D 112 -45.57 4.24 4.78
N ILE D 113 -46.65 4.95 5.09
CA ILE D 113 -46.91 6.27 4.53
C ILE D 113 -47.27 7.23 5.65
N PHE D 114 -46.86 8.48 5.49
CA PHE D 114 -47.09 9.53 6.49
C PHE D 114 -47.61 10.76 5.78
N PRO D 115 -48.84 11.21 6.06
CA PRO D 115 -49.33 12.46 5.49
C PRO D 115 -48.61 13.65 6.10
N PRO D 116 -48.61 14.80 5.43
CA PRO D 116 -47.94 15.98 6.00
C PRO D 116 -48.58 16.40 7.32
N SER D 117 -47.74 16.74 8.27
CA SER D 117 -48.20 17.11 9.61
C SER D 117 -48.96 18.43 9.59
N ASP D 118 -49.96 18.52 10.47
CA ASP D 118 -50.83 19.70 10.53
C ASP D 118 -50.03 20.95 10.84
N GLU D 119 -49.08 20.83 11.77
CA GLU D 119 -48.21 21.94 12.15
C GLU D 119 -47.37 22.44 10.98
N GLN D 120 -47.00 21.55 10.05
CA GLN D 120 -46.16 21.95 8.94
C GLN D 120 -46.92 22.67 7.83
N LEU D 121 -48.19 22.35 7.61
CA LEU D 121 -48.96 23.07 6.58
C LEU D 121 -49.08 24.55 6.89
N LYS D 122 -49.09 24.93 8.17
CA LYS D 122 -49.16 26.34 8.51
C LYS D 122 -47.90 27.10 8.08
N SER D 123 -46.79 26.41 7.90
CA SER D 123 -45.55 27.09 7.50
C SER D 123 -45.48 27.36 6.00
N GLY D 124 -46.32 26.70 5.20
CA GLY D 124 -46.32 26.89 3.77
C GLY D 124 -45.73 25.74 2.97
N THR D 125 -45.31 24.66 3.62
CA THR D 125 -44.74 23.51 2.92
C THR D 125 -45.44 22.25 3.41
N ALA D 126 -45.45 21.24 2.55
CA ALA D 126 -46.05 19.95 2.86
C ALA D 126 -45.06 18.85 2.49
N SER D 127 -44.71 18.02 3.47
CA SER D 127 -43.76 16.94 3.26
C SER D 127 -44.47 15.61 3.51
N VAL D 128 -44.46 14.74 2.51
CA VAL D 128 -45.01 13.40 2.61
C VAL D 128 -43.83 12.44 2.71
N VAL D 129 -43.89 11.53 3.68
CA VAL D 129 -42.78 10.64 3.98
C VAL D 129 -43.21 9.21 3.70
N CYS D 130 -42.40 8.50 2.91
CA CYS D 130 -42.55 7.08 2.67
C CYS D 130 -41.44 6.36 3.41
N LEU D 131 -41.77 5.23 4.03
CA LEU D 131 -40.83 4.53 4.91
C LEU D 131 -40.73 3.08 4.45
N LEU D 132 -39.48 2.60 4.34
CA LEU D 132 -39.19 1.21 4.03
C LEU D 132 -38.34 0.66 5.17
N ASN D 133 -38.94 -0.18 6.01
CA ASN D 133 -38.31 -0.63 7.25
C ASN D 133 -37.69 -2.01 7.07
N ASN D 134 -36.40 -2.12 7.46
CA ASN D 134 -35.69 -3.39 7.59
C ASN D 134 -35.80 -4.28 6.37
N PHE D 135 -34.95 -4.05 5.36
CA PHE D 135 -34.95 -4.85 4.15
C PHE D 135 -33.53 -5.08 3.66
N TYR D 136 -33.40 -6.04 2.74
CA TYR D 136 -32.14 -6.40 2.11
C TYR D 136 -32.45 -7.03 0.77
N PRO D 137 -31.69 -6.72 -0.30
CA PRO D 137 -30.50 -5.87 -0.29
C PRO D 137 -30.82 -4.37 -0.35
N ARG D 138 -29.77 -3.55 -0.38
CA ARG D 138 -29.98 -2.10 -0.33
C ARG D 138 -30.69 -1.56 -1.58
N GLU D 139 -30.43 -2.15 -2.75
CA GLU D 139 -31.00 -1.62 -3.98
C GLU D 139 -32.52 -1.65 -4.01
N ALA D 140 -33.12 -0.48 -3.93
CA ALA D 140 -34.56 -0.33 -4.03
C ALA D 140 -34.86 0.99 -4.72
N LYS D 141 -36.11 1.15 -5.15
CA LYS D 141 -36.53 2.34 -5.87
C LYS D 141 -37.95 2.70 -5.45
N VAL D 142 -38.13 3.95 -5.00
CA VAL D 142 -39.42 4.45 -4.56
C VAL D 142 -39.92 5.47 -5.59
N GLN D 143 -41.19 5.32 -5.97
CA GLN D 143 -41.83 6.21 -6.92
C GLN D 143 -43.05 6.86 -6.31
N TRP D 144 -43.15 8.19 -6.46
CA TRP D 144 -44.24 8.98 -5.95
C TRP D 144 -45.28 9.18 -7.04
N LYS D 145 -46.54 8.96 -6.69
CA LYS D 145 -47.67 9.04 -7.61
C LYS D 145 -48.73 9.97 -7.04
N VAL D 146 -48.95 11.10 -7.70
CA VAL D 146 -50.01 11.99 -7.27
C VAL D 146 -51.01 11.88 -8.40
N ASP D 147 -52.22 11.42 -8.11
CA ASP D 147 -53.21 11.17 -9.16
C ASP D 147 -52.70 10.18 -10.18
N ASN D 148 -52.05 9.12 -9.70
CA ASN D 148 -51.49 8.11 -10.60
C ASN D 148 -50.61 8.78 -11.61
N ALA D 149 -50.13 9.95 -11.28
CA ALA D 149 -49.21 10.64 -12.17
C ALA D 149 -47.83 10.64 -11.53
N LEU D 150 -46.83 10.17 -12.27
CA LEU D 150 -45.49 10.05 -11.73
C LEU D 150 -44.91 11.42 -11.45
N GLN D 151 -44.30 11.57 -10.27
CA GLN D 151 -43.74 12.82 -9.81
C GLN D 151 -42.22 12.77 -9.96
N SER D 152 -41.61 13.93 -10.21
CA SER D 152 -40.18 13.98 -10.43
C SER D 152 -39.62 15.32 -9.97
N GLY D 153 -38.38 15.28 -9.49
CA GLY D 153 -37.66 16.46 -9.08
C GLY D 153 -37.95 16.97 -7.70
N ASN D 154 -38.97 16.46 -7.02
CA ASN D 154 -39.32 16.92 -5.68
C ASN D 154 -39.19 15.84 -4.61
N SER D 155 -38.54 14.71 -4.93
CA SER D 155 -38.34 13.65 -3.97
C SER D 155 -36.86 13.55 -3.61
N GLN D 156 -36.59 13.18 -2.36
CA GLN D 156 -35.23 12.99 -1.87
C GLN D 156 -35.17 11.78 -0.95
N GLU D 157 -34.14 10.96 -1.14
CA GLU D 157 -33.92 9.72 -0.42
C GLU D 157 -32.83 9.87 0.63
N SER D 158 -32.91 9.02 1.65
CA SER D 158 -31.89 8.91 2.68
C SER D 158 -31.91 7.46 3.15
N VAL D 159 -30.74 6.82 3.14
CA VAL D 159 -30.64 5.39 3.42
C VAL D 159 -29.80 5.23 4.68
N THR D 160 -30.27 4.39 5.60
CA THR D 160 -29.45 4.12 6.79
C THR D 160 -28.31 3.19 6.44
N GLU D 161 -27.29 3.21 7.28
CA GLU D 161 -26.27 2.20 7.14
C GLU D 161 -26.83 0.86 7.65
N GLN D 162 -26.14 -0.21 7.29
CA GLN D 162 -26.58 -1.55 7.61
C GLN D 162 -26.84 -1.70 9.11
N ASP D 163 -27.94 -2.37 9.43
CA ASP D 163 -28.32 -2.57 10.82
C ASP D 163 -27.38 -3.53 11.53
N SER D 164 -27.08 -3.24 12.78
CA SER D 164 -26.20 -4.09 13.58
C SER D 164 -26.87 -5.35 14.09
N LYS D 165 -28.20 -5.44 14.05
CA LYS D 165 -28.86 -6.65 14.56
C LYS D 165 -29.10 -7.65 13.45
N ASP D 166 -29.95 -7.28 12.49
CA ASP D 166 -30.34 -8.16 11.38
C ASP D 166 -29.63 -7.84 10.07
N SER D 167 -28.70 -6.88 10.06
CA SER D 167 -27.87 -6.58 8.89
C SER D 167 -28.70 -6.11 7.70
N THR D 168 -29.78 -5.39 7.97
CA THR D 168 -30.67 -4.88 6.94
C THR D 168 -30.52 -3.38 6.81
N TYR D 169 -31.32 -2.80 5.92
CA TYR D 169 -31.33 -1.35 5.69
C TYR D 169 -32.73 -0.81 5.93
N SER D 170 -32.81 0.51 6.07
CA SER D 170 -34.07 1.22 6.21
C SER D 170 -34.04 2.44 5.30
N LEU D 171 -35.21 2.84 4.82
CA LEU D 171 -35.29 3.82 3.74
C LEU D 171 -36.34 4.88 4.05
N SER D 172 -36.02 6.13 3.70
CA SER D 172 -36.93 7.26 3.87
C SER D 172 -36.96 8.09 2.60
N SER D 173 -38.14 8.21 2.00
CA SER D 173 -38.36 9.07 0.84
C SER D 173 -39.26 10.23 1.26
N THR D 174 -38.83 11.45 0.98
CA THR D 174 -39.58 12.65 1.34
C THR D 174 -40.02 13.38 0.08
N LEU D 175 -41.31 13.68 0.00
CA LEU D 175 -41.89 14.43 -1.11
C LEU D 175 -42.35 15.78 -0.59
N THR D 176 -41.73 16.85 -1.09
CA THR D 176 -41.99 18.20 -0.62
C THR D 176 -42.74 18.97 -1.71
N LEU D 177 -43.97 19.40 -1.38
CA LEU D 177 -44.76 20.24 -2.26
C LEU D 177 -45.22 21.48 -1.51
N SER D 178 -45.55 22.51 -2.28
CA SER D 178 -46.19 23.69 -1.71
C SER D 178 -47.65 23.36 -1.37
N LYS D 179 -48.26 24.22 -0.56
CA LYS D 179 -49.66 24.02 -0.20
C LYS D 179 -50.56 24.03 -1.43
N ALA D 180 -50.32 24.97 -2.35
CA ALA D 180 -51.16 25.11 -3.53
C ALA D 180 -51.16 23.82 -4.36
N ASP D 181 -50.01 23.16 -4.46
CA ASP D 181 -49.97 21.89 -5.17
C ASP D 181 -50.45 20.75 -4.29
N TYR D 182 -50.33 20.90 -2.96
CA TYR D 182 -50.84 19.86 -2.07
C TYR D 182 -52.36 19.85 -2.04
N GLU D 183 -53.01 21.01 -2.23
CA GLU D 183 -54.47 21.02 -2.19
C GLU D 183 -55.07 20.40 -3.44
N LYS D 184 -54.41 20.54 -4.57
CA LYS D 184 -54.96 19.93 -5.75
C LYS D 184 -54.65 18.47 -5.67
N HIS D 185 -55.51 17.63 -6.24
CA HIS D 185 -55.34 16.17 -6.21
C HIS D 185 -55.46 15.62 -4.80
N LYS D 186 -56.31 14.62 -4.63
CA LYS D 186 -56.54 14.17 -3.26
C LYS D 186 -55.65 12.99 -2.88
N VAL D 187 -55.40 12.08 -3.81
CA VAL D 187 -54.76 10.79 -3.47
C VAL D 187 -53.26 10.90 -3.70
N TYR D 188 -52.50 10.36 -2.75
CA TYR D 188 -51.04 10.34 -2.78
C TYR D 188 -50.57 8.93 -2.44
N ALA D 189 -49.60 8.43 -3.20
CA ALA D 189 -49.11 7.07 -3.00
C ALA D 189 -47.64 7.01 -3.37
N CYS D 190 -46.90 6.14 -2.67
CA CYS D 190 -45.51 5.84 -3.00
C CYS D 190 -45.40 4.37 -3.39
N GLU D 191 -44.89 4.13 -4.60
CA GLU D 191 -44.64 2.78 -5.10
C GLU D 191 -43.24 2.33 -4.69
N VAL D 192 -43.15 1.09 -4.21
CA VAL D 192 -41.89 0.50 -3.75
C VAL D 192 -41.63 -0.76 -4.57
N THR D 193 -40.43 -0.84 -5.15
CA THR D 193 -40.00 -2.00 -5.90
C THR D 193 -38.72 -2.55 -5.28
N HIS D 194 -38.68 -3.87 -5.07
CA HIS D 194 -37.57 -4.50 -4.38
C HIS D 194 -37.49 -5.95 -4.82
N GLN D 195 -36.31 -6.54 -4.63
CA GLN D 195 -36.12 -7.94 -5.00
C GLN D 195 -37.02 -8.86 -4.19
N GLY D 196 -37.18 -8.57 -2.89
CA GLY D 196 -38.03 -9.38 -2.03
C GLY D 196 -39.52 -9.25 -2.25
N LEU D 197 -39.94 -8.45 -3.23
CA LEU D 197 -41.35 -8.22 -3.51
C LEU D 197 -41.68 -8.81 -4.88
N SER D 198 -42.69 -9.67 -4.91
CA SER D 198 -43.13 -10.24 -6.19
C SER D 198 -43.67 -9.15 -7.10
N SER D 199 -44.61 -8.35 -6.60
CA SER D 199 -45.16 -7.21 -7.31
C SER D 199 -44.87 -5.94 -6.52
N PRO D 200 -44.78 -4.80 -7.19
CA PRO D 200 -44.55 -3.54 -6.47
C PRO D 200 -45.67 -3.24 -5.49
N VAL D 201 -45.28 -2.86 -4.27
CA VAL D 201 -46.24 -2.56 -3.21
C VAL D 201 -46.51 -1.07 -3.19
N THR D 202 -47.78 -0.71 -3.06
CA THR D 202 -48.23 0.68 -3.03
C THR D 202 -48.94 0.93 -1.71
N LYS D 203 -48.57 2.02 -1.03
CA LYS D 203 -49.28 2.51 0.12
C LYS D 203 -49.79 3.90 -0.18
N SER D 204 -51.05 4.18 0.16
CA SER D 204 -51.70 5.40 -0.27
C SER D 204 -52.60 5.94 0.84
N PHE D 205 -52.92 7.24 0.72
CA PHE D 205 -53.88 7.90 1.58
C PHE D 205 -54.52 9.03 0.79
N ASN D 206 -55.69 9.46 1.26
CA ASN D 206 -56.41 10.59 0.67
C ASN D 206 -56.32 11.79 1.59
N ARG D 207 -56.17 12.97 0.99
CA ARG D 207 -55.96 14.20 1.75
C ARG D 207 -57.18 14.57 2.57
N GLY D 208 -56.97 14.82 3.86
CA GLY D 208 -58.01 15.30 4.74
C GLY D 208 -58.87 14.23 5.38
N GLU D 209 -58.50 12.97 5.30
CA GLU D 209 -59.29 11.91 5.91
C GLU D 209 -58.53 11.25 7.06
N GLN E 1 -17.94 5.10 33.37
CA GLN E 1 -18.20 6.52 33.57
C GLN E 1 -17.02 7.38 33.12
N VAL E 2 -15.83 6.78 33.08
CA VAL E 2 -14.64 7.51 32.67
C VAL E 2 -14.69 7.71 31.16
N GLN E 3 -14.52 8.95 30.72
CA GLN E 3 -14.68 9.30 29.31
C GLN E 3 -14.12 10.70 29.09
N SER E 4 -13.96 11.05 27.82
CA SER E 4 -13.54 12.39 27.41
C SER E 4 -14.70 13.05 26.70
N VAL E 5 -15.17 14.18 27.26
CA VAL E 5 -16.31 14.90 26.71
C VAL E 5 -15.81 16.13 25.98
N GLN E 6 -16.32 16.35 24.76
CA GLN E 6 -15.89 17.44 23.90
C GLN E 6 -17.01 18.45 23.73
N SER E 7 -16.62 19.64 23.25
CA SER E 7 -17.59 20.70 22.99
C SER E 7 -18.43 20.37 21.75
N GLY E 8 -19.55 21.08 21.62
CA GLY E 8 -20.48 20.83 20.55
C GLY E 8 -19.98 21.28 19.19
N ALA E 9 -20.78 20.96 18.17
CA ALA E 9 -20.45 21.30 16.81
C ALA E 9 -20.55 22.80 16.56
N GLU E 10 -19.67 23.30 15.70
CA GLU E 10 -19.56 24.71 15.37
C GLU E 10 -19.38 24.90 13.87
N VAL E 11 -19.86 26.04 13.39
CA VAL E 11 -19.70 26.44 11.99
C VAL E 11 -18.96 27.78 11.99
N LYS E 12 -17.95 27.89 11.13
CA LYS E 12 -17.10 29.08 11.05
C LYS E 12 -16.88 29.47 9.59
N LYS E 13 -16.65 30.75 9.38
CA LYS E 13 -16.42 31.22 8.02
C LYS E 13 -15.03 30.81 7.56
N PRO E 14 -14.82 30.67 6.25
CA PRO E 14 -13.47 30.39 5.76
C PRO E 14 -12.51 31.53 6.13
N GLY E 15 -11.35 31.16 6.64
CA GLY E 15 -10.39 32.13 7.12
C GLY E 15 -10.47 32.45 8.59
N ALA E 16 -11.52 31.99 9.27
CA ALA E 16 -11.66 32.22 10.71
C ALA E 16 -10.96 31.10 11.48
N SER E 17 -11.23 31.01 12.78
CA SER E 17 -10.62 29.99 13.63
C SER E 17 -11.69 29.41 14.55
N VAL E 18 -11.43 28.18 15.00
CA VAL E 18 -12.34 27.46 15.88
C VAL E 18 -11.54 26.87 17.03
N LYS E 19 -12.09 26.93 18.22
CA LYS E 19 -11.46 26.38 19.42
C LYS E 19 -12.34 25.26 19.95
N VAL E 20 -11.76 24.06 20.06
CA VAL E 20 -12.47 22.86 20.45
C VAL E 20 -12.01 22.43 21.83
N SER E 21 -12.95 22.04 22.68
CA SER E 21 -12.66 21.65 24.05
C SER E 21 -12.70 20.14 24.21
N CYS E 22 -11.96 19.66 25.21
CA CYS E 22 -11.90 18.24 25.54
C CYS E 22 -11.68 18.10 27.04
N LYS E 23 -12.76 17.85 27.77
CA LYS E 23 -12.74 17.78 29.24
C LYS E 23 -12.60 16.32 29.68
N ALA E 24 -11.64 16.07 30.56
CA ALA E 24 -11.46 14.73 31.12
C ALA E 24 -12.52 14.48 32.19
N SER E 25 -13.30 13.43 32.01
CA SER E 25 -14.34 13.04 32.96
C SER E 25 -13.95 11.70 33.57
N GLY E 26 -13.66 11.70 34.87
CA GLY E 26 -13.30 10.49 35.58
C GLY E 26 -11.81 10.17 35.59
N TYR E 27 -10.98 11.00 34.97
CA TYR E 27 -9.54 10.79 35.02
C TYR E 27 -8.85 12.16 34.96
N THR E 28 -7.55 12.14 35.18
CA THR E 28 -6.73 13.34 35.19
C THR E 28 -5.69 13.25 34.07
N PHE E 29 -5.05 14.38 33.79
CA PHE E 29 -4.07 14.46 32.71
C PHE E 29 -2.67 14.05 33.15
N THR E 30 -2.42 13.99 34.46
CA THR E 30 -1.04 13.94 34.97
C THR E 30 -0.26 12.74 34.45
N GLY E 31 -0.94 11.65 34.07
CA GLY E 31 -0.27 10.47 33.58
C GLY E 31 -0.34 10.21 32.09
N TYR E 32 -0.86 11.15 31.30
CA TYR E 32 -1.10 10.89 29.88
C TYR E 32 -0.66 12.07 29.03
N TYR E 33 -0.50 11.80 27.74
CA TYR E 33 -0.43 12.84 26.71
C TYR E 33 -1.79 12.92 26.04
N MET E 34 -2.18 14.14 25.67
CA MET E 34 -3.47 14.37 25.02
C MET E 34 -3.24 14.60 23.53
N HIS E 35 -3.82 13.75 22.69
CA HIS E 35 -3.68 13.83 21.25
C HIS E 35 -4.99 14.26 20.60
N TRP E 36 -4.88 14.87 19.42
CA TRP E 36 -6.02 15.29 18.62
C TRP E 36 -5.95 14.63 17.25
N VAL E 37 -7.03 13.95 16.87
CA VAL E 37 -7.14 13.27 15.57
C VAL E 37 -8.41 13.74 14.90
N ARG E 38 -8.33 14.10 13.62
CA ARG E 38 -9.48 14.55 12.86
C ARG E 38 -9.81 13.56 11.75
N GLN E 39 -11.08 13.59 11.33
CA GLN E 39 -11.59 12.67 10.32
C GLN E 39 -12.57 13.43 9.44
N ALA E 40 -12.21 13.64 8.17
CA ALA E 40 -13.12 14.24 7.22
C ALA E 40 -14.34 13.34 7.03
N PRO E 41 -15.49 13.93 6.59
CA PRO E 41 -16.77 13.19 6.57
C PRO E 41 -16.71 11.74 6.10
N GLY E 42 -15.99 11.47 5.02
CA GLY E 42 -15.91 10.11 4.51
C GLY E 42 -14.51 9.55 4.45
N GLN E 43 -13.54 10.31 4.94
CA GLN E 43 -12.13 9.94 4.81
C GLN E 43 -11.67 9.17 6.05
N GLY E 44 -10.37 8.96 6.16
CA GLY E 44 -9.78 8.24 7.26
C GLY E 44 -9.38 9.17 8.39
N LEU E 45 -8.53 8.66 9.27
CA LEU E 45 -8.12 9.38 10.47
C LEU E 45 -6.79 10.10 10.22
N GLU E 46 -6.69 11.32 10.74
CA GLU E 46 -5.49 12.12 10.59
C GLU E 46 -5.08 12.70 11.93
N TRP E 47 -3.82 12.51 12.29
CA TRP E 47 -3.29 12.97 13.56
C TRP E 47 -2.88 14.44 13.45
N VAL E 48 -3.27 15.24 14.43
CA VAL E 48 -2.98 16.68 14.44
C VAL E 48 -1.78 17.01 15.31
N GLY E 49 -1.76 16.50 16.54
CA GLY E 49 -0.65 16.76 17.43
C GLY E 49 -0.99 16.31 18.83
N TRP E 50 0.01 16.39 19.71
CA TRP E 50 -0.20 16.13 21.12
C TRP E 50 0.30 17.31 21.95
N ILE E 51 -0.14 17.33 23.21
CA ILE E 51 0.29 18.33 24.17
C ILE E 51 0.64 17.62 25.47
N ASN E 52 1.72 18.08 26.11
CA ASN E 52 2.12 17.55 27.41
C ASN E 52 1.40 18.36 28.49
N PRO E 53 0.49 17.77 29.25
CA PRO E 53 -0.27 18.57 30.23
C PRO E 53 0.55 19.04 31.41
N ASN E 54 1.69 18.42 31.71
CA ASN E 54 2.50 18.86 32.83
C ASN E 54 3.33 20.09 32.48
N SER E 55 3.78 20.20 31.23
CA SER E 55 4.65 21.29 30.81
C SER E 55 4.02 22.21 29.78
N GLY E 56 2.91 21.82 29.15
CA GLY E 56 2.36 22.57 28.05
C GLY E 56 3.08 22.38 26.73
N GLY E 57 4.13 21.56 26.69
CA GLY E 57 4.82 21.32 25.44
C GLY E 57 3.93 20.63 24.42
N THR E 58 4.24 20.87 23.14
CA THR E 58 3.41 20.36 22.06
C THR E 58 4.30 19.79 20.97
N ASN E 59 3.67 19.01 20.09
CA ASN E 59 4.34 18.48 18.90
C ASN E 59 3.25 18.29 17.83
N TYR E 60 3.11 19.31 16.99
CA TYR E 60 2.10 19.28 15.94
C TYR E 60 2.65 18.59 14.70
N ALA E 61 1.75 18.00 13.92
CA ALA E 61 2.12 17.51 12.61
C ALA E 61 2.54 18.68 11.73
N GLN E 62 3.52 18.46 10.86
CA GLN E 62 4.00 19.52 9.99
C GLN E 62 2.91 20.08 9.09
N LYS E 63 1.85 19.31 8.85
CA LYS E 63 0.77 19.80 8.00
C LYS E 63 0.07 21.02 8.61
N PHE E 64 -0.01 21.08 9.95
CA PHE E 64 -0.73 22.14 10.65
C PHE E 64 0.18 23.02 11.49
N GLN E 65 1.49 23.02 11.19
CA GLN E 65 2.46 23.62 12.09
C GLN E 65 2.16 25.08 12.37
N GLY E 66 1.88 25.86 11.33
CA GLY E 66 1.65 27.28 11.53
C GLY E 66 0.25 27.67 11.96
N ARG E 67 -0.72 26.76 11.88
CA ARG E 67 -2.12 27.13 12.02
C ARG E 67 -2.85 26.49 13.20
N VAL E 68 -2.22 25.56 13.94
CA VAL E 68 -2.88 24.89 15.05
C VAL E 68 -2.17 25.26 16.34
N THR E 69 -2.96 25.35 17.42
CA THR E 69 -2.46 25.68 18.74
C THR E 69 -3.21 24.86 19.78
N MET E 70 -2.47 24.23 20.67
CA MET E 70 -3.04 23.39 21.72
C MET E 70 -2.68 23.94 23.09
N THR E 71 -3.67 24.07 23.96
CA THR E 71 -3.46 24.50 25.33
C THR E 71 -4.22 23.56 26.26
N ARG E 72 -4.05 23.74 27.56
CA ARG E 72 -4.78 22.93 28.52
C ARG E 72 -4.97 23.72 29.80
N ASP E 73 -6.02 23.36 30.54
CA ASP E 73 -6.34 23.96 31.83
C ASP E 73 -6.38 22.83 32.85
N THR E 74 -5.32 22.72 33.65
CA THR E 74 -5.21 21.59 34.57
C THR E 74 -6.23 21.67 35.69
N SER E 75 -6.65 22.88 36.06
CA SER E 75 -7.60 23.04 37.16
C SER E 75 -8.95 22.38 36.85
N ILE E 76 -9.31 22.28 35.58
CA ILE E 76 -10.56 21.67 35.16
C ILE E 76 -10.34 20.45 34.29
N SER E 77 -9.09 20.04 34.09
CA SER E 77 -8.72 18.88 33.29
C SER E 77 -9.35 18.94 31.90
N THR E 78 -9.03 20.03 31.20
CA THR E 78 -9.57 20.29 29.88
C THR E 78 -8.46 20.71 28.94
N ALA E 79 -8.33 20.01 27.81
CA ALA E 79 -7.40 20.37 26.76
C ALA E 79 -8.14 21.11 25.66
N TYR E 80 -7.45 22.05 25.01
CA TYR E 80 -8.01 22.86 23.95
C TYR E 80 -7.18 22.74 22.69
N MET E 81 -7.85 22.86 21.54
CA MET E 81 -7.19 22.90 20.25
C MET E 81 -7.83 23.99 19.41
N GLU E 82 -7.03 24.91 18.88
CA GLU E 82 -7.52 26.00 18.05
C GLU E 82 -6.85 25.92 16.69
N LEU E 83 -7.66 25.83 15.64
CA LEU E 83 -7.21 25.75 14.26
C LEU E 83 -7.51 27.08 13.58
N SER E 84 -6.47 27.75 13.10
CA SER E 84 -6.58 29.08 12.52
C SER E 84 -6.53 29.03 11.00
N ARG E 85 -7.00 30.11 10.37
CA ARG E 85 -7.05 30.26 8.92
C ARG E 85 -7.74 29.06 8.26
N LEU E 86 -9.00 28.86 8.65
CA LEU E 86 -9.76 27.70 8.19
C LEU E 86 -9.99 27.74 6.69
N ARG E 87 -10.00 26.56 6.09
CA ARG E 87 -10.28 26.37 4.68
C ARG E 87 -11.28 25.23 4.53
N SER E 88 -11.81 25.07 3.32
CA SER E 88 -12.84 24.05 3.09
C SER E 88 -12.33 22.65 3.39
N ASP E 89 -11.02 22.43 3.29
CA ASP E 89 -10.45 21.12 3.58
C ASP E 89 -10.56 20.74 5.05
N ASP E 90 -10.79 21.72 5.93
CA ASP E 90 -10.80 21.48 7.37
C ASP E 90 -12.14 20.98 7.90
N THR E 91 -13.19 20.90 7.08
CA THR E 91 -14.44 20.32 7.55
C THR E 91 -14.23 18.85 7.92
N ALA E 92 -14.35 18.53 9.21
CA ALA E 92 -14.07 17.18 9.68
C ALA E 92 -14.62 17.04 11.09
N VAL E 93 -14.55 15.82 11.61
CA VAL E 93 -14.85 15.51 13.00
C VAL E 93 -13.53 15.43 13.75
N TYR E 94 -13.38 16.23 14.80
CA TYR E 94 -12.15 16.31 15.56
C TYR E 94 -12.30 15.55 16.86
N TYR E 95 -11.46 14.54 17.06
CA TYR E 95 -11.47 13.74 18.27
C TYR E 95 -10.27 14.08 19.14
N CYS E 96 -10.43 13.88 20.45
CA CYS E 96 -9.30 13.87 21.38
C CYS E 96 -9.19 12.48 21.99
N ALA E 97 -7.96 12.09 22.34
CA ALA E 97 -7.71 10.76 22.84
C ALA E 97 -6.62 10.79 23.90
N ARG E 98 -6.61 9.75 24.72
CA ARG E 98 -5.63 9.60 25.79
C ARG E 98 -4.50 8.71 25.33
N VAL E 99 -3.26 9.09 25.63
CA VAL E 99 -2.11 8.25 25.38
C VAL E 99 -1.19 8.30 26.60
N SER E 100 -0.84 7.14 27.12
CA SER E 100 -0.02 7.06 28.32
C SER E 100 1.41 7.54 28.05
N GLN E 101 1.94 8.35 28.95
CA GLN E 101 3.32 8.78 28.85
C GLN E 101 4.30 7.65 29.18
N TYR E 102 3.93 6.78 30.12
CA TYR E 102 4.82 5.71 30.56
C TYR E 102 4.72 4.46 29.69
N SER E 103 3.86 4.46 28.68
CA SER E 103 3.71 3.30 27.81
C SER E 103 4.79 3.31 26.74
N SER E 104 5.14 2.11 26.27
CA SER E 104 6.13 2.01 25.21
C SER E 104 5.57 2.42 23.85
N GLY E 105 4.25 2.35 23.67
CA GLY E 105 3.62 2.73 22.42
C GLY E 105 2.44 3.66 22.62
N TRP E 106 1.87 4.08 21.49
CA TRP E 106 0.72 4.98 21.49
C TRP E 106 -0.55 4.14 21.44
N TYR E 107 -1.28 4.14 22.55
CA TYR E 107 -2.58 3.46 22.65
C TYR E 107 -3.60 4.57 22.82
N PHE E 108 -4.25 4.94 21.72
CA PHE E 108 -5.32 5.94 21.79
C PHE E 108 -6.50 5.33 22.53
N GLY E 109 -6.82 5.87 23.69
CA GLY E 109 -7.91 5.36 24.48
C GLY E 109 -8.80 6.49 24.98
N TYR E 110 -10.03 6.11 25.33
CA TYR E 110 -11.03 7.04 25.84
C TYR E 110 -11.18 8.23 24.88
N TRP E 111 -11.53 7.91 23.64
CA TRP E 111 -11.80 8.93 22.65
C TRP E 111 -13.01 9.77 23.04
N GLY E 112 -13.01 11.03 22.63
CA GLY E 112 -14.19 11.85 22.78
C GLY E 112 -15.27 11.45 21.80
N GLN E 113 -16.47 11.99 22.03
CA GLN E 113 -17.60 11.70 21.16
C GLN E 113 -17.45 12.32 19.78
N GLY E 114 -16.47 13.20 19.58
CA GLY E 114 -16.26 13.85 18.30
C GLY E 114 -16.88 15.24 18.27
N THR E 115 -16.28 16.12 17.49
CA THR E 115 -16.77 17.48 17.30
C THR E 115 -16.76 17.79 15.82
N LEU E 116 -17.95 17.98 15.24
CA LEU E 116 -18.06 18.32 13.83
C LEU E 116 -17.86 19.82 13.63
N VAL E 117 -16.81 20.19 12.89
CA VAL E 117 -16.52 21.57 12.57
C VAL E 117 -16.77 21.76 11.08
N THR E 118 -17.70 22.65 10.74
CA THR E 118 -18.07 22.92 9.36
C THR E 118 -17.60 24.33 8.98
N VAL E 119 -16.86 24.43 7.88
CA VAL E 119 -16.47 25.72 7.34
C VAL E 119 -17.40 26.06 6.19
N SER E 120 -18.16 27.14 6.35
CA SER E 120 -19.14 27.54 5.36
C SER E 120 -19.50 29.00 5.59
N SER E 121 -19.79 29.69 4.50
CA SER E 121 -20.23 31.08 4.58
C SER E 121 -21.71 31.20 4.93
N ALA E 122 -22.38 30.09 5.24
CA ALA E 122 -23.78 30.09 5.62
C ALA E 122 -23.91 30.30 7.13
N SER E 123 -25.10 30.73 7.54
CA SER E 123 -25.35 31.03 8.95
C SER E 123 -26.11 29.89 9.63
N THR E 124 -26.04 29.88 10.96
CA THR E 124 -26.68 28.87 11.78
C THR E 124 -28.21 29.04 11.79
N LYS E 125 -28.94 27.96 11.55
CA LYS E 125 -30.39 28.04 11.59
C LYS E 125 -30.90 26.88 12.42
N GLY E 126 -31.84 27.17 13.33
CA GLY E 126 -32.43 26.15 14.16
C GLY E 126 -33.43 25.29 13.40
N PRO E 127 -33.61 24.05 13.86
CA PRO E 127 -34.50 23.12 13.18
C PRO E 127 -35.95 23.24 13.64
N SER E 128 -36.85 23.03 12.69
CA SER E 128 -38.28 22.86 12.97
C SER E 128 -38.57 21.36 13.03
N VAL E 129 -39.27 20.95 14.09
CA VAL E 129 -39.57 19.55 14.34
C VAL E 129 -41.05 19.31 14.08
N PHE E 130 -41.36 18.29 13.28
CA PHE E 130 -42.74 17.95 12.95
C PHE E 130 -43.02 16.48 13.22
N PRO E 131 -44.20 16.14 13.71
CA PRO E 131 -44.52 14.75 14.00
C PRO E 131 -44.98 14.00 12.77
N LEU E 132 -44.73 12.69 12.77
CA LEU E 132 -45.18 11.77 11.72
C LEU E 132 -46.25 10.85 12.29
N ALA E 133 -47.51 11.18 12.00
CA ALA E 133 -48.63 10.46 12.61
C ALA E 133 -48.73 9.04 12.05
N PRO E 134 -48.92 8.03 12.89
CA PRO E 134 -49.08 6.65 12.40
C PRO E 134 -50.37 6.47 11.61
N SER E 135 -50.40 5.38 10.84
CA SER E 135 -51.53 5.05 9.97
C SER E 135 -51.95 3.62 10.24
N SER E 136 -53.09 3.23 9.65
CA SER E 136 -53.62 1.88 9.82
C SER E 136 -52.89 0.93 8.87
N SER E 140 -48.23 -2.50 7.95
CA SER E 140 -48.80 -2.01 9.20
C SER E 140 -49.35 -3.17 10.01
N GLY E 141 -50.66 -3.17 10.24
CA GLY E 141 -51.28 -4.26 10.98
C GLY E 141 -50.84 -4.35 12.41
N GLY E 142 -50.01 -5.34 12.74
CA GLY E 142 -49.58 -5.55 14.11
C GLY E 142 -48.51 -4.60 14.54
N THR E 143 -47.80 -4.01 13.59
CA THR E 143 -46.81 -3.02 13.93
C THR E 143 -47.24 -1.70 13.38
N ALA E 144 -46.79 -0.63 14.02
CA ALA E 144 -47.14 0.71 13.56
C ALA E 144 -45.88 1.51 13.56
N ALA E 145 -45.83 2.52 12.73
CA ALA E 145 -44.62 3.31 12.59
C ALA E 145 -44.94 4.77 12.89
N LEU E 146 -44.08 5.41 13.67
CA LEU E 146 -44.25 6.82 14.02
C LEU E 146 -42.88 7.46 14.09
N GLY E 147 -42.83 8.76 13.85
CA GLY E 147 -41.54 9.42 13.85
C GLY E 147 -41.64 10.92 13.95
N CYS E 148 -40.49 11.57 13.83
CA CYS E 148 -40.37 13.01 13.84
C CYS E 148 -39.62 13.48 12.60
N LEU E 149 -40.02 14.64 12.09
CA LEU E 149 -39.40 15.23 10.91
C LEU E 149 -38.64 16.48 11.36
N VAL E 150 -37.32 16.44 11.27
CA VAL E 150 -36.46 17.55 11.66
C VAL E 150 -36.05 18.25 10.38
N LYS E 151 -36.66 19.41 10.11
CA LYS E 151 -36.45 20.09 8.83
C LYS E 151 -35.79 21.45 9.03
N ASP E 152 -35.03 21.86 8.02
CA ASP E 152 -34.47 23.21 7.91
C ASP E 152 -33.55 23.56 9.06
N TYR E 153 -32.31 23.07 9.02
CA TYR E 153 -31.32 23.47 10.00
C TYR E 153 -29.95 23.50 9.35
N PHE E 154 -29.02 24.19 10.01
CA PHE E 154 -27.64 24.28 9.55
C PHE E 154 -26.79 24.75 10.71
N PRO E 155 -25.61 24.15 10.93
CA PRO E 155 -25.15 23.01 10.13
C PRO E 155 -25.44 21.69 10.81
N GLU E 156 -24.87 20.61 10.28
CA GLU E 156 -24.95 19.33 10.94
C GLU E 156 -24.14 19.36 12.24
N PRO E 157 -24.45 18.48 13.20
CA PRO E 157 -25.50 17.46 13.17
C PRO E 157 -26.69 17.77 14.06
N VAL E 158 -27.68 16.89 14.02
CA VAL E 158 -28.82 16.91 14.92
C VAL E 158 -28.89 15.55 15.60
N THR E 159 -29.06 15.56 16.92
CA THR E 159 -29.20 14.34 17.69
C THR E 159 -30.68 14.13 18.03
N VAL E 160 -31.17 12.92 17.77
CA VAL E 160 -32.57 12.58 18.01
C VAL E 160 -32.62 11.39 18.95
N SER E 161 -33.21 11.59 20.12
CA SER E 161 -33.48 10.52 21.06
C SER E 161 -34.97 10.28 21.17
N TRP E 162 -35.34 9.09 21.62
CA TRP E 162 -36.73 8.70 21.78
C TRP E 162 -36.98 8.35 23.24
N ASN E 163 -37.95 9.03 23.85
CA ASN E 163 -38.31 8.83 25.25
C ASN E 163 -37.09 9.02 26.16
N SER E 164 -36.31 10.07 25.88
CA SER E 164 -35.13 10.41 26.69
C SER E 164 -34.13 9.27 26.74
N GLY E 165 -34.00 8.54 25.63
CA GLY E 165 -33.05 7.46 25.53
C GLY E 165 -33.56 6.11 25.98
N ALA E 166 -34.82 6.02 26.43
CA ALA E 166 -35.34 4.74 26.88
C ALA E 166 -35.78 3.85 25.73
N LEU E 167 -36.23 4.45 24.62
CA LEU E 167 -36.67 3.70 23.45
C LEU E 167 -35.53 3.67 22.43
N THR E 168 -34.91 2.51 22.27
CA THR E 168 -33.83 2.33 21.31
C THR E 168 -34.04 1.16 20.36
N SER E 169 -35.06 0.34 20.56
CA SER E 169 -35.34 -0.78 19.67
C SER E 169 -36.24 -0.33 18.53
N GLY E 170 -35.89 -0.75 17.31
CA GLY E 170 -36.68 -0.41 16.15
C GLY E 170 -36.56 1.04 15.71
N VAL E 171 -35.68 1.81 16.32
CA VAL E 171 -35.48 3.20 15.95
C VAL E 171 -34.55 3.28 14.75
N HIS E 172 -34.96 4.03 13.73
CA HIS E 172 -34.14 4.26 12.54
C HIS E 172 -34.06 5.77 12.33
N THR E 173 -32.94 6.37 12.74
CA THR E 173 -32.72 7.79 12.50
C THR E 173 -31.93 7.95 11.21
N PHE E 174 -32.53 8.59 10.22
CA PHE E 174 -31.98 8.63 8.88
C PHE E 174 -30.95 9.75 8.75
N PRO E 175 -29.94 9.56 7.89
CA PRO E 175 -28.97 10.64 7.65
C PRO E 175 -29.64 11.85 7.04
N ALA E 176 -29.12 13.02 7.39
CA ALA E 176 -29.67 14.27 6.87
C ALA E 176 -29.40 14.38 5.37
N VAL E 177 -30.23 15.18 4.70
CA VAL E 177 -30.09 15.43 3.27
C VAL E 177 -30.03 16.93 3.05
N LEU E 178 -29.07 17.37 2.25
CA LEU E 178 -28.96 18.79 1.89
C LEU E 178 -29.96 19.09 0.77
N GLN E 179 -30.86 20.03 1.02
CA GLN E 179 -31.86 20.41 0.05
C GLN E 179 -31.34 21.51 -0.86
N SER E 180 -32.11 21.82 -1.89
CA SER E 180 -31.73 22.88 -2.81
C SER E 180 -31.67 24.24 -2.13
N SER E 181 -32.43 24.42 -1.05
CA SER E 181 -32.37 25.66 -0.27
C SER E 181 -31.06 25.81 0.49
N GLY E 182 -30.28 24.74 0.62
CA GLY E 182 -29.03 24.78 1.33
C GLY E 182 -29.09 24.34 2.78
N LEU E 183 -30.24 23.89 3.25
CA LEU E 183 -30.40 23.43 4.63
C LEU E 183 -30.57 21.91 4.66
N TYR E 184 -30.29 21.36 5.84
CA TYR E 184 -30.39 19.92 6.07
C TYR E 184 -31.78 19.57 6.60
N SER E 185 -32.15 18.31 6.40
CA SER E 185 -33.42 17.80 6.90
C SER E 185 -33.30 16.30 7.10
N LEU E 186 -33.71 15.82 8.27
CA LEU E 186 -33.71 14.39 8.56
C LEU E 186 -35.03 13.98 9.20
N SER E 187 -35.28 12.68 9.18
CA SER E 187 -36.43 12.08 9.84
C SER E 187 -35.95 10.95 10.72
N SER E 188 -36.54 10.83 11.91
CA SER E 188 -36.26 9.75 12.84
C SER E 188 -37.55 9.00 13.11
N VAL E 189 -37.58 7.71 12.78
CA VAL E 189 -38.78 6.90 12.91
C VAL E 189 -38.50 5.73 13.84
N VAL E 190 -39.58 5.12 14.31
CA VAL E 190 -39.51 3.94 15.16
C VAL E 190 -40.77 3.12 14.96
N THR E 191 -40.61 1.80 14.87
CA THR E 191 -41.72 0.88 14.73
C THR E 191 -42.04 0.27 16.08
N VAL E 192 -43.29 0.38 16.50
CA VAL E 192 -43.73 -0.12 17.80
C VAL E 192 -44.96 -1.00 17.59
N PRO E 193 -45.24 -1.91 18.52
CA PRO E 193 -46.48 -2.68 18.43
C PRO E 193 -47.70 -1.76 18.49
N SER E 194 -48.72 -2.10 17.68
CA SER E 194 -49.92 -1.28 17.62
C SER E 194 -50.67 -1.25 18.94
N SER E 195 -50.49 -2.25 19.80
CA SER E 195 -51.17 -2.27 21.09
C SER E 195 -50.68 -1.15 22.00
N SER E 196 -49.40 -0.80 21.92
CA SER E 196 -48.84 0.25 22.77
C SER E 196 -49.34 1.64 22.41
N LEU E 197 -49.95 1.81 21.24
CA LEU E 197 -50.50 3.11 20.85
C LEU E 197 -51.68 3.47 21.75
N GLY E 198 -51.67 4.71 22.24
CA GLY E 198 -52.69 5.19 23.14
C GLY E 198 -52.39 4.90 24.61
N THR E 199 -51.58 3.90 24.89
CA THR E 199 -51.19 3.55 26.26
C THR E 199 -49.73 3.84 26.55
N GLN E 200 -48.95 4.30 25.58
CA GLN E 200 -47.55 4.61 25.80
C GLN E 200 -47.26 5.94 25.12
N THR E 201 -46.62 6.86 25.83
CA THR E 201 -46.33 8.19 25.31
C THR E 201 -44.99 8.20 24.59
N TYR E 202 -45.01 8.57 23.31
CA TYR E 202 -43.81 8.57 22.47
C TYR E 202 -43.37 10.00 22.23
N ILE E 203 -42.13 10.32 22.65
CA ILE E 203 -41.57 11.66 22.52
C ILE E 203 -40.21 11.56 21.85
N CYS E 204 -39.97 12.39 20.85
CA CYS E 204 -38.66 12.48 20.22
C CYS E 204 -37.93 13.70 20.77
N ASN E 205 -36.63 13.53 21.04
CA ASN E 205 -35.82 14.57 21.65
C ASN E 205 -34.78 15.02 20.63
N VAL E 206 -34.97 16.22 20.07
CA VAL E 206 -34.12 16.74 19.02
C VAL E 206 -33.17 17.76 19.64
N ASN E 207 -31.88 17.54 19.46
CA ASN E 207 -30.83 18.42 19.97
C ASN E 207 -30.01 18.95 18.79
N HIS E 208 -29.93 20.27 18.68
CA HIS E 208 -29.11 20.94 17.67
C HIS E 208 -28.26 21.98 18.38
N LYS E 209 -27.04 21.59 18.76
CA LYS E 209 -26.18 22.45 19.57
C LYS E 209 -25.64 23.68 18.85
N PRO E 210 -25.39 23.67 17.53
CA PRO E 210 -24.96 24.91 16.87
C PRO E 210 -25.95 26.06 17.02
N SER E 211 -27.24 25.76 17.13
CA SER E 211 -28.27 26.79 17.25
C SER E 211 -28.88 26.89 18.64
N ASN E 212 -28.41 26.11 19.61
CA ASN E 212 -28.96 26.12 20.96
C ASN E 212 -30.46 25.83 20.92
N THR E 213 -30.83 24.74 20.25
CA THR E 213 -32.21 24.33 20.11
C THR E 213 -32.35 22.92 20.68
N LYS E 214 -33.26 22.78 21.65
CA LYS E 214 -33.65 21.49 22.19
C LYS E 214 -35.16 21.42 22.16
N VAL E 215 -35.70 20.43 21.45
CA VAL E 215 -37.14 20.31 21.24
C VAL E 215 -37.58 18.89 21.58
N ASP E 216 -38.56 18.79 22.48
CA ASP E 216 -39.23 17.52 22.78
C ASP E 216 -40.62 17.58 22.16
N LYS E 217 -40.93 16.61 21.30
CA LYS E 217 -42.20 16.61 20.58
C LYS E 217 -42.96 15.32 20.89
N LYS E 218 -44.19 15.49 21.37
CA LYS E 218 -45.09 14.37 21.61
C LYS E 218 -45.73 13.98 20.28
N VAL E 219 -45.75 12.69 20.00
CA VAL E 219 -46.18 12.17 18.69
C VAL E 219 -47.64 11.74 18.77
N GLU E 220 -48.45 12.37 17.93
CA GLU E 220 -49.89 12.14 17.91
C GLU E 220 -50.21 10.67 17.67
N PRO E 221 -51.22 10.12 18.34
CA PRO E 221 -51.71 8.78 17.99
C PRO E 221 -52.71 8.86 16.84
N LYS E 222 -53.49 9.94 16.83
CA LYS E 222 -54.54 10.18 15.84
C LYS E 222 -54.04 10.11 14.41
N ASP F 4 28.85 37.52 15.71
CA ASP F 4 30.07 37.04 16.36
C ASP F 4 29.71 36.07 17.48
N THR F 5 28.87 36.53 18.41
CA THR F 5 28.41 35.70 19.52
C THR F 5 26.90 35.77 19.60
N ILE F 6 26.31 34.72 20.17
CA ILE F 6 24.86 34.64 20.37
C ILE F 6 24.54 35.04 21.80
N THR F 7 23.77 36.11 21.96
CA THR F 7 23.40 36.62 23.27
C THR F 7 21.94 36.26 23.54
N LEU F 8 21.70 35.60 24.68
CA LEU F 8 20.35 35.17 24.99
C LEU F 8 19.73 36.08 26.04
N PRO F 9 18.56 36.67 25.78
CA PRO F 9 17.92 37.51 26.79
C PRO F 9 17.31 36.66 27.90
N CYS F 10 17.57 37.06 29.14
CA CYS F 10 17.18 36.29 30.30
C CYS F 10 16.40 37.16 31.28
N ARG F 11 15.50 36.51 32.03
CA ARG F 11 14.67 37.16 33.04
C ARG F 11 14.69 36.30 34.30
N PRO F 12 15.20 36.80 35.43
CA PRO F 12 15.87 38.10 35.54
C PRO F 12 17.31 38.03 35.07
N ALA F 13 18.09 39.09 35.32
CA ALA F 13 19.48 39.11 34.85
C ALA F 13 20.32 38.13 35.64
N PRO F 14 20.90 37.11 35.01
CA PRO F 14 21.73 36.16 35.75
C PRO F 14 23.09 36.75 36.06
N PRO F 15 23.54 36.66 37.30
CA PRO F 15 24.87 37.18 37.67
C PRO F 15 25.97 36.39 36.98
N PRO F 16 27.17 36.97 36.89
CA PRO F 16 28.28 36.26 36.23
C PRO F 16 28.64 34.92 36.86
N HIS F 17 28.40 34.73 38.16
CA HIS F 17 28.74 33.44 38.75
C HIS F 17 27.75 32.34 38.36
N CYS F 18 26.78 32.63 37.52
CA CYS F 18 25.88 31.63 36.97
C CYS F 18 26.34 31.10 35.63
N SER F 19 27.49 31.56 35.14
CA SER F 19 28.04 31.01 33.91
C SER F 19 28.43 29.55 34.09
N SER F 20 28.15 28.74 33.07
CA SER F 20 28.35 27.30 33.16
C SER F 20 28.82 26.79 31.81
N ASN F 21 28.80 25.47 31.64
CA ASN F 21 29.18 24.81 30.42
C ASN F 21 27.99 24.01 29.90
N ILE F 22 27.64 24.21 28.64
CA ILE F 22 26.58 23.43 28.02
C ILE F 22 27.17 22.06 27.67
N THR F 23 26.76 21.04 28.41
CA THR F 23 27.27 19.69 28.23
C THR F 23 26.32 18.77 27.47
N GLY F 24 25.10 19.23 27.19
CA GLY F 24 24.16 18.39 26.47
C GLY F 24 22.88 19.13 26.22
N LEU F 25 22.02 18.51 25.42
CA LEU F 25 20.72 19.05 25.06
C LEU F 25 19.69 17.94 25.05
N ILE F 26 18.43 18.32 24.94
CA ILE F 26 17.32 17.39 24.82
C ILE F 26 16.36 17.93 23.78
N LEU F 27 15.96 17.09 22.82
CA LEU F 27 15.22 17.55 21.66
C LEU F 27 13.93 16.76 21.48
N THR F 28 13.06 17.29 20.62
CA THR F 28 11.83 16.63 20.20
C THR F 28 11.77 16.64 18.69
N ARG F 29 11.54 15.48 18.09
CA ARG F 29 11.41 15.37 16.64
C ARG F 29 9.97 15.68 16.26
N GLN F 30 9.79 16.57 15.29
CA GLN F 30 8.43 16.91 14.86
C GLN F 30 7.83 15.75 14.08
N GLY F 31 6.58 15.39 14.42
CA GLY F 31 5.93 14.25 13.84
C GLY F 31 5.12 14.60 12.60
N GLY F 32 4.37 13.60 12.14
CA GLY F 32 3.57 13.75 10.94
C GLY F 32 4.34 13.40 9.68
N TYR F 33 3.61 13.36 8.56
CA TYR F 33 4.24 13.09 7.28
C TYR F 33 5.13 14.25 6.88
N SER F 34 6.33 13.93 6.40
CA SER F 34 7.33 14.97 6.15
C SER F 34 7.07 15.71 4.85
N ASN F 35 6.48 15.04 3.86
CA ASN F 35 6.26 15.57 2.51
C ASN F 35 7.55 16.02 1.83
N ALA F 36 8.70 15.73 2.40
CA ALA F 36 9.97 16.16 1.86
C ALA F 36 11.07 15.31 2.49
N ASN F 37 12.30 15.57 2.07
CA ASN F 37 13.48 14.87 2.56
C ASN F 37 14.13 15.66 3.69
N THR F 38 13.36 15.89 4.76
CA THR F 38 13.78 16.71 5.90
C THR F 38 13.33 16.10 7.22
N VAL F 39 14.14 16.26 8.27
CA VAL F 39 13.78 15.95 9.65
C VAL F 39 13.93 17.21 10.51
N ILE F 40 12.95 17.45 11.37
CA ILE F 40 12.86 18.68 12.17
C ILE F 40 13.02 18.35 13.65
N PHE F 41 13.78 19.18 14.37
CA PHE F 41 14.00 19.02 15.80
C PHE F 41 13.82 20.35 16.52
N ARG F 42 13.23 20.30 17.70
CA ARG F 42 12.96 21.45 18.54
C ARG F 42 13.40 21.16 19.96
N PRO F 43 13.51 22.19 20.81
CA PRO F 43 13.67 21.93 22.24
C PRO F 43 12.57 21.04 22.76
N SER F 44 12.91 20.18 23.73
CA SER F 44 12.03 19.11 24.16
C SER F 44 10.67 19.66 24.60
N GLY F 45 9.61 19.03 24.08
CA GLY F 45 8.25 19.33 24.48
C GLY F 45 7.75 18.53 25.65
N GLY F 46 8.62 17.77 26.30
CA GLY F 46 8.25 16.98 27.47
C GLY F 46 8.29 17.80 28.74
N ASP F 47 8.30 17.09 29.86
CA ASP F 47 8.34 17.74 31.17
C ASP F 47 9.59 17.34 31.94
N TRP F 48 9.50 17.34 33.27
CA TRP F 48 10.66 17.00 34.09
C TRP F 48 11.03 15.53 33.99
N ARG F 49 10.11 14.67 33.61
CA ARG F 49 10.43 13.28 33.43
C ARG F 49 11.44 13.14 32.34
N ASP F 50 11.18 13.79 31.22
CA ASP F 50 12.09 13.66 30.10
C ASP F 50 13.51 14.06 30.48
N ILE F 51 13.65 15.07 31.33
CA ILE F 51 14.99 15.52 31.74
C ILE F 51 15.62 14.53 32.70
N ALA F 52 14.84 14.00 33.64
CA ALA F 52 15.38 13.06 34.61
C ALA F 52 15.84 11.77 33.95
N ARG F 53 15.10 11.30 32.95
CA ARG F 53 15.47 10.07 32.26
C ARG F 53 16.70 10.22 31.37
N CYS F 54 17.16 11.45 31.14
CA CYS F 54 18.35 11.66 30.32
C CYS F 54 19.61 11.15 31.03
N GLN F 55 19.66 11.28 32.36
CA GLN F 55 20.78 10.82 33.18
C GLN F 55 22.13 11.32 32.67
N ILE F 56 22.17 12.55 32.19
CA ILE F 56 23.44 13.18 31.82
C ILE F 56 23.53 14.57 32.46
N ALA F 57 22.61 14.88 33.36
CA ALA F 57 22.62 16.15 34.06
C ALA F 57 23.39 16.06 35.36
N GLY F 58 24.03 17.17 35.74
CA GLY F 58 24.78 17.21 36.97
C GLY F 58 23.96 17.68 38.15
N THR F 59 24.48 18.65 38.91
CA THR F 59 23.77 19.22 40.04
C THR F 59 22.95 20.46 39.67
N VAL F 60 23.15 21.02 38.48
CA VAL F 60 22.43 22.22 38.06
C VAL F 60 21.10 21.81 37.45
N VAL F 61 20.01 22.27 38.06
CA VAL F 61 18.68 22.05 37.51
C VAL F 61 18.47 22.99 36.33
N SER F 62 18.08 22.44 35.18
CA SER F 62 17.94 23.24 33.98
C SER F 62 17.06 22.51 32.98
N THR F 63 16.44 23.28 32.09
CA THR F 63 15.64 22.75 31.00
C THR F 63 16.29 23.07 29.66
N GLN F 64 15.91 22.30 28.64
CA GLN F 64 16.40 22.44 27.27
C GLN F 64 17.89 22.13 27.16
N LEU F 65 18.73 22.83 27.93
CA LEU F 65 20.17 22.62 27.91
C LEU F 65 20.62 22.07 29.25
N PHE F 66 21.62 21.19 29.23
CA PHE F 66 22.22 20.65 30.43
C PHE F 66 23.46 21.47 30.78
N LEU F 67 23.55 21.90 32.04
CA LEU F 67 24.61 22.79 32.50
C LEU F 67 25.50 22.05 33.49
N ASN F 68 26.81 22.06 33.23
CA ASN F 68 27.79 21.42 34.10
C ASN F 68 27.51 19.94 34.31
N GLY F 69 27.10 19.26 33.23
CA GLY F 69 26.78 17.85 33.29
C GLY F 69 27.93 16.98 32.84
N SER F 70 27.62 15.71 32.59
CA SER F 70 28.62 14.76 32.13
C SER F 70 28.80 14.87 30.63
N LEU F 71 30.06 14.77 30.19
CA LEU F 71 30.41 14.85 28.78
C LEU F 71 30.75 13.48 28.22
N ALA F 72 30.65 13.36 26.89
CA ALA F 72 31.10 12.16 26.21
C ALA F 72 32.63 12.12 26.19
N GLU F 73 33.18 10.99 25.74
CA GLU F 73 34.62 10.82 25.76
C GLU F 73 35.28 11.19 24.44
N GLU F 74 34.65 10.86 23.31
CA GLU F 74 35.22 11.14 22.00
C GLU F 74 34.23 11.87 21.09
N GLU F 75 33.16 11.21 20.66
CA GLU F 75 32.21 11.85 19.78
C GLU F 75 30.95 12.24 20.54
N VAL F 76 30.17 13.14 19.93
CA VAL F 76 28.86 13.50 20.47
C VAL F 76 27.98 12.25 20.47
N VAL F 77 27.25 12.02 21.56
CA VAL F 77 26.47 10.80 21.73
C VAL F 77 25.00 11.17 21.94
N ILE F 78 24.13 10.56 21.13
CA ILE F 78 22.69 10.77 21.21
C ILE F 78 22.01 9.45 21.59
N ARG F 79 20.98 9.56 22.42
CA ARG F 79 20.18 8.40 22.84
C ARG F 79 18.71 8.77 22.94
N SER F 80 17.87 7.76 22.78
CA SER F 80 16.42 7.89 22.92
C SER F 80 15.85 6.53 23.24
N GLU F 81 14.77 6.52 24.01
CA GLU F 81 14.09 5.27 24.33
C GLU F 81 13.46 4.65 23.09
N ASN F 82 13.04 5.47 22.13
CA ASN F 82 12.37 4.96 20.95
C ASN F 82 12.54 6.01 19.85
N TRP F 83 13.40 5.73 18.88
CA TRP F 83 13.71 6.72 17.84
C TRP F 83 12.51 7.05 16.97
N THR F 84 11.51 6.16 16.90
CA THR F 84 10.35 6.39 16.07
C THR F 84 9.20 7.07 16.81
N ASP F 85 9.21 7.03 18.15
CA ASP F 85 8.20 7.68 18.97
C ASP F 85 8.59 9.15 19.17
N ASN F 86 7.88 10.06 18.50
CA ASN F 86 8.20 11.48 18.64
C ASN F 86 7.84 12.03 20.01
N ALA F 87 6.99 11.32 20.77
CA ALA F 87 6.69 11.70 22.14
C ALA F 87 7.80 11.33 23.13
N LYS F 88 8.80 10.58 22.69
CA LYS F 88 9.98 10.28 23.50
C LYS F 88 11.10 11.23 23.12
N SER F 89 11.69 11.88 24.12
CA SER F 89 12.71 12.89 23.87
C SER F 89 14.02 12.24 23.44
N ILE F 90 14.79 13.02 22.68
CA ILE F 90 16.11 12.60 22.20
C ILE F 90 17.15 13.24 23.10
N CYS F 91 17.90 12.41 23.83
CA CYS F 91 18.91 12.89 24.76
C CYS F 91 20.22 13.09 24.00
N VAL F 92 20.76 14.30 24.05
CA VAL F 92 21.98 14.65 23.35
C VAL F 92 23.06 14.95 24.38
N GLN F 93 24.16 14.21 24.31
CA GLN F 93 25.31 14.43 25.18
C GLN F 93 26.50 14.87 24.35
N LEU F 94 27.09 16.00 24.71
CA LEU F 94 28.20 16.56 23.97
C LEU F 94 29.53 15.97 24.43
N ALA F 95 30.54 16.08 23.57
CA ALA F 95 31.90 15.64 23.90
C ALA F 95 32.76 16.79 24.41
N THR F 96 32.71 17.95 23.73
CA THR F 96 33.36 19.16 24.20
C THR F 96 32.28 20.17 24.58
N SER F 97 32.37 20.69 25.79
CA SER F 97 31.35 21.60 26.29
C SER F 97 31.44 22.96 25.58
N VAL F 98 30.34 23.69 25.61
CA VAL F 98 30.25 25.05 25.08
C VAL F 98 30.03 25.98 26.26
N GLU F 99 30.95 26.92 26.47
CA GLU F 99 30.86 27.80 27.62
C GLU F 99 29.79 28.87 27.38
N ILE F 100 28.99 29.13 28.40
CA ILE F 100 27.96 30.17 28.37
C ILE F 100 28.27 31.15 29.49
N ALA F 101 28.64 32.37 29.11
CA ALA F 101 29.00 33.41 30.08
C ALA F 101 27.87 34.41 30.17
N CYS F 102 27.40 34.68 31.39
CA CYS F 102 26.32 35.62 31.63
C CYS F 102 26.90 36.93 32.13
N THR F 103 26.48 38.03 31.51
CA THR F 103 27.06 39.34 31.79
C THR F 103 26.53 39.98 33.06
N GLY F 104 25.36 39.57 33.54
CA GLY F 104 24.73 40.20 34.67
C GLY F 104 23.78 41.32 34.31
N ALA F 105 23.68 41.69 33.03
CA ALA F 105 22.78 42.73 32.57
C ALA F 105 21.56 42.18 31.87
N GLY F 106 21.38 40.86 31.88
CA GLY F 106 20.26 40.23 31.20
C GLY F 106 20.63 39.35 30.03
N HIS F 107 21.91 39.23 29.71
CA HIS F 107 22.36 38.42 28.59
C HIS F 107 23.33 37.34 29.05
N CYS F 108 23.19 36.15 28.47
CA CYS F 108 24.17 35.08 28.57
C CYS F 108 24.66 34.81 27.16
N ALA F 109 25.97 34.88 26.96
CA ALA F 109 26.55 34.91 25.62
C ALA F 109 27.08 33.54 25.21
N ILE F 110 26.95 33.24 23.93
CA ILE F 110 27.42 31.99 23.35
C ILE F 110 28.20 32.30 22.08
N SER F 111 29.37 31.70 21.93
CA SER F 111 30.14 31.86 20.70
C SER F 111 29.38 31.24 19.53
N ARG F 112 29.17 32.02 18.48
CA ARG F 112 28.45 31.51 17.31
C ARG F 112 29.23 30.37 16.65
N ALA F 113 30.55 30.48 16.62
CA ALA F 113 31.38 29.45 15.99
C ALA F 113 31.30 28.14 16.75
N LYS F 114 31.35 28.21 18.09
CA LYS F 114 31.30 26.98 18.87
C LYS F 114 29.94 26.31 18.78
N TRP F 115 28.86 27.08 18.73
CA TRP F 115 27.52 26.50 18.68
C TRP F 115 27.21 25.93 17.30
N ALA F 116 27.62 26.64 16.24
CA ALA F 116 27.44 26.10 14.89
C ALA F 116 28.23 24.82 14.71
N ASN F 117 29.46 24.78 15.22
CA ASN F 117 30.24 23.55 15.19
C ASN F 117 29.56 22.46 16.02
N THR F 118 28.97 22.83 17.15
CA THR F 118 28.27 21.85 17.97
C THR F 118 27.04 21.30 17.25
N LEU F 119 26.26 22.19 16.61
CA LEU F 119 25.07 21.75 15.90
C LEU F 119 25.42 20.88 14.71
N LYS F 120 26.60 21.09 14.13
CA LYS F 120 26.96 20.37 12.93
C LYS F 120 27.21 18.89 13.22
N GLN F 121 27.88 18.59 14.33
CA GLN F 121 28.06 17.20 14.75
C GLN F 121 26.75 16.57 15.17
N ILE F 122 25.90 17.32 15.88
CA ILE F 122 24.60 16.77 16.29
C ILE F 122 23.75 16.44 15.08
N ALA F 123 23.70 17.35 14.10
CA ALA F 123 22.96 17.07 12.87
C ALA F 123 23.56 15.91 12.10
N SER F 124 24.89 15.77 12.14
CA SER F 124 25.54 14.63 11.48
C SER F 124 25.15 13.33 12.16
N LYS F 125 25.04 13.34 13.49
CA LYS F 125 24.65 12.15 14.23
C LYS F 125 23.17 11.83 14.11
N LEU F 126 22.34 12.85 13.91
CA LEU F 126 20.92 12.63 13.67
C LEU F 126 20.68 12.02 12.29
N ARG F 127 21.56 12.27 11.33
CA ARG F 127 21.47 11.60 10.04
C ARG F 127 21.77 10.11 10.17
N GLU F 128 22.64 9.74 11.11
CA GLU F 128 22.97 8.33 11.29
C GLU F 128 21.77 7.52 11.77
N GLN F 129 20.85 8.16 12.51
CA GLN F 129 19.71 7.46 13.07
C GLN F 129 18.48 7.49 12.17
N TYR F 130 18.26 8.59 11.45
CA TYR F 130 17.06 8.77 10.64
C TYR F 130 17.31 8.74 9.14
N GLY F 131 18.54 8.57 8.70
CA GLY F 131 18.86 8.49 7.28
C GLY F 131 19.56 9.75 6.78
N ALA F 132 20.15 9.60 5.59
CA ALA F 132 20.91 10.67 4.93
C ALA F 132 19.94 11.79 4.60
N LYS F 133 19.66 12.63 5.59
CA LYS F 133 18.61 13.62 5.44
C LYS F 133 19.08 15.03 5.81
N THR F 134 18.27 16.01 5.42
CA THR F 134 18.50 17.38 5.85
C THR F 134 17.93 17.57 7.25
N ILE F 135 18.73 18.17 8.13
CA ILE F 135 18.37 18.38 9.52
C ILE F 135 18.07 19.86 9.74
N ILE F 136 16.91 20.15 10.31
CA ILE F 136 16.53 21.52 10.67
C ILE F 136 16.30 21.60 12.17
N PHE F 137 16.87 22.62 12.80
CA PHE F 137 16.63 22.92 14.19
C PHE F 137 15.70 24.12 14.27
N LYS F 138 14.54 23.93 14.89
CA LYS F 138 13.58 25.02 15.03
C LYS F 138 13.34 25.35 16.49
N PRO F 139 12.84 26.57 16.78
CA PRO F 139 12.63 26.97 18.18
C PRO F 139 11.57 26.14 18.89
N SER F 140 11.36 26.41 20.17
CA SER F 140 10.42 25.63 20.95
C SER F 140 9.01 25.75 20.40
N SER F 141 8.26 24.65 20.48
CA SER F 141 6.86 24.66 20.06
C SER F 141 5.99 25.43 21.03
N GLY F 142 6.43 25.62 22.27
CA GLY F 142 5.68 26.33 23.27
C GLY F 142 5.66 25.57 24.58
N GLY F 143 4.91 26.11 25.52
CA GLY F 143 4.74 25.49 26.81
C GLY F 143 4.87 26.51 27.92
N ASP F 144 4.91 25.99 29.15
CA ASP F 144 5.09 26.84 30.32
C ASP F 144 6.40 27.60 30.24
N PRO F 145 6.52 28.77 30.89
CA PRO F 145 7.76 29.54 30.82
C PRO F 145 8.98 28.77 31.27
N GLU F 146 8.82 27.73 32.06
CA GLU F 146 9.96 26.98 32.53
C GLU F 146 10.46 26.05 31.48
N PHE F 147 9.65 25.76 30.49
CA PHE F 147 10.03 24.84 29.43
C PHE F 147 10.14 25.46 28.04
N VAL F 148 9.36 26.50 27.74
CA VAL F 148 9.50 27.14 26.44
C VAL F 148 10.81 27.93 26.38
N ASN F 149 11.26 28.43 27.52
CA ASN F 149 12.57 29.08 27.64
C ASN F 149 13.58 28.10 28.20
N HIS F 150 14.87 28.43 28.00
CA HIS F 150 15.93 27.73 28.70
C HIS F 150 15.98 28.26 30.13
N SER F 151 15.51 27.45 31.07
CA SER F 151 15.37 27.86 32.46
C SER F 151 16.33 27.04 33.33
N PHE F 152 16.86 27.68 34.36
CA PHE F 152 17.83 27.01 35.23
C PHE F 152 17.85 27.68 36.59
N ASN F 153 18.34 26.94 37.58
CA ASN F 153 18.48 27.44 38.94
C ASN F 153 19.95 27.73 39.22
N CYS F 154 20.19 28.82 39.94
CA CYS F 154 21.55 29.24 40.27
C CYS F 154 21.57 30.31 41.35
N GLY F 155 22.35 30.09 42.41
CA GLY F 155 22.52 31.09 43.46
C GLY F 155 21.23 31.51 44.13
N GLY F 156 20.36 30.56 44.44
CA GLY F 156 19.08 30.88 45.07
C GLY F 156 18.16 31.72 44.22
N GLU F 157 18.12 31.44 42.92
CA GLU F 157 17.29 32.21 41.99
C GLU F 157 17.04 31.36 40.76
N PHE F 158 15.90 31.62 40.11
CA PHE F 158 15.49 30.90 38.91
C PHE F 158 15.38 31.89 37.75
N PHE F 159 15.96 31.52 36.61
CA PHE F 159 16.06 32.40 35.46
C PHE F 159 15.36 31.79 34.25
N TYR F 160 14.91 32.65 33.34
CA TYR F 160 14.23 32.22 32.11
C TYR F 160 14.93 32.91 30.95
N CYS F 161 15.55 32.11 30.08
CA CYS F 161 16.33 32.63 28.95
C CYS F 161 15.70 32.18 27.64
N ALA F 162 15.48 33.13 26.75
CA ALA F 162 14.93 32.81 25.42
C ALA F 162 15.98 32.08 24.61
N SER F 163 15.65 30.86 24.17
CA SER F 163 16.57 30.02 23.41
C SER F 163 16.22 30.00 21.93
N THR F 164 15.55 31.04 21.45
CA THR F 164 15.13 31.07 20.05
C THR F 164 16.32 31.08 19.11
N GLN F 165 17.35 31.88 19.42
CA GLN F 165 18.48 32.03 18.51
C GLN F 165 19.37 30.79 18.48
N LEU F 166 19.21 29.86 19.45
CA LEU F 166 20.01 28.66 19.47
C LEU F 166 19.50 27.58 18.51
N PHE F 167 18.22 27.61 18.16
CA PHE F 167 17.60 26.59 17.32
C PHE F 167 16.95 27.29 16.12
N ALA F 168 17.76 27.59 15.11
CA ALA F 168 17.29 28.23 13.89
C ALA F 168 18.29 28.02 12.77
N SER F 169 18.56 26.77 12.43
CA SER F 169 19.59 26.46 11.45
C SER F 169 19.17 25.24 10.64
N THR F 170 19.79 25.09 9.47
CA THR F 170 19.56 23.96 8.59
C THR F 170 20.90 23.36 8.20
N TRP F 171 20.98 22.03 8.16
CA TRP F 171 22.22 21.31 7.91
C TRP F 171 21.96 20.23 6.87
N PHE F 172 22.65 20.34 5.73
CA PHE F 172 22.45 19.42 4.62
C PHE F 172 23.39 18.23 4.73
N ASP G 4 -11.27 -25.53 33.34
CA ASP G 4 -10.06 -26.19 33.82
C ASP G 4 -9.20 -25.22 34.62
N THR G 5 -8.54 -25.74 35.65
CA THR G 5 -7.67 -24.96 36.51
C THR G 5 -6.32 -25.64 36.64
N ILE G 6 -5.31 -24.85 36.97
CA ILE G 6 -3.96 -25.34 37.21
C ILE G 6 -3.82 -25.54 38.71
N THR G 7 -3.55 -26.77 39.12
CA THR G 7 -3.50 -27.15 40.53
C THR G 7 -2.05 -27.36 40.96
N LEU G 8 -1.61 -26.61 41.98
CA LEU G 8 -0.25 -26.65 42.51
C LEU G 8 -0.22 -27.34 43.86
N PRO G 9 0.61 -28.37 44.04
CA PRO G 9 0.73 -29.02 45.35
C PRO G 9 1.54 -28.14 46.29
N CYS G 10 1.05 -27.97 47.51
CA CYS G 10 1.70 -27.13 48.50
C CYS G 10 1.88 -27.90 49.80
N ARG G 11 2.97 -27.60 50.50
CA ARG G 11 3.27 -28.26 51.77
C ARG G 11 3.74 -27.22 52.79
N PRO G 12 3.03 -27.06 53.91
CA PRO G 12 1.78 -27.76 54.22
C PRO G 12 0.57 -27.15 53.52
N ALA G 13 -0.63 -27.60 53.89
CA ALA G 13 -1.84 -27.15 53.22
C ALA G 13 -2.15 -25.69 53.58
N PRO G 14 -2.16 -24.77 52.62
CA PRO G 14 -2.50 -23.38 52.94
C PRO G 14 -3.99 -23.23 53.09
N PRO G 15 -4.44 -22.60 54.17
CA PRO G 15 -5.88 -22.41 54.37
C PRO G 15 -6.47 -21.48 53.33
N PRO G 16 -7.79 -21.52 53.13
CA PRO G 16 -8.40 -20.62 52.14
C PRO G 16 -8.15 -19.15 52.43
N HIS G 17 -7.97 -18.78 53.69
CA HIS G 17 -7.71 -17.38 54.00
C HIS G 17 -6.28 -16.95 53.65
N CYS G 18 -5.47 -17.85 53.08
CA CYS G 18 -4.18 -17.50 52.53
C CYS G 18 -4.22 -17.25 51.03
N SER G 19 -5.40 -17.33 50.42
CA SER G 19 -5.52 -17.02 49.00
C SER G 19 -5.15 -15.56 48.74
N SER G 20 -4.46 -15.31 47.64
CA SER G 20 -3.93 -13.99 47.36
C SER G 20 -4.04 -13.72 45.86
N ASN G 21 -3.38 -12.65 45.42
CA ASN G 21 -3.37 -12.25 44.01
C ASN G 21 -1.95 -12.26 43.49
N ILE G 22 -1.74 -12.93 42.36
CA ILE G 22 -0.44 -12.94 41.70
C ILE G 22 -0.30 -11.64 40.92
N THR G 23 0.56 -10.75 41.40
CA THR G 23 0.77 -9.45 40.76
C THR G 23 2.04 -9.40 39.93
N GLY G 24 2.91 -10.41 40.04
CA GLY G 24 4.14 -10.42 39.27
C GLY G 24 4.91 -11.67 39.55
N LEU G 25 5.95 -11.88 38.74
CA LEU G 25 6.84 -13.02 38.88
C LEU G 25 8.26 -12.59 38.55
N ILE G 26 9.21 -13.50 38.75
CA ILE G 26 10.62 -13.24 38.48
C ILE G 26 11.21 -14.44 37.75
N LEU G 27 11.93 -14.17 36.66
CA LEU G 27 12.40 -15.22 35.77
C LEU G 27 13.91 -15.12 35.57
N THR G 28 14.46 -16.20 35.00
CA THR G 28 15.83 -16.28 34.56
C THR G 28 15.82 -16.80 33.13
N ARG G 29 16.51 -16.10 32.25
CA ARG G 29 16.61 -16.52 30.85
C ARG G 29 17.75 -17.53 30.70
N GLN G 30 17.46 -18.66 30.05
CA GLN G 30 18.45 -19.71 29.89
C GLN G 30 19.53 -19.28 28.89
N GLY G 31 20.78 -19.50 29.26
CA GLY G 31 21.91 -19.06 28.46
C GLY G 31 22.39 -20.13 27.49
N GLY G 32 23.53 -19.84 26.86
CA GLY G 32 24.09 -20.71 25.85
C GLY G 32 23.56 -20.41 24.46
N TYR G 33 24.18 -21.05 23.48
CA TYR G 33 23.75 -20.89 22.10
C TYR G 33 22.40 -21.55 21.88
N SER G 34 21.49 -20.85 21.20
CA SER G 34 20.12 -21.30 21.07
C SER G 34 19.96 -22.35 19.96
N ASN G 35 20.77 -22.28 18.91
CA ASN G 35 20.67 -23.13 17.73
C ASN G 35 19.30 -23.07 17.06
N ALA G 36 18.46 -22.12 17.44
CA ALA G 36 17.12 -22.00 16.88
C ALA G 36 16.58 -20.60 17.20
N ASN G 37 15.36 -20.34 16.76
CA ASN G 37 14.70 -19.06 17.00
C ASN G 37 13.81 -19.11 18.24
N THR G 38 14.40 -19.50 19.37
CA THR G 38 13.66 -19.69 20.60
C THR G 38 14.45 -19.09 21.74
N VAL G 39 13.73 -18.50 22.70
CA VAL G 39 14.30 -18.02 23.95
C VAL G 39 13.57 -18.74 25.07
N ILE G 40 14.33 -19.22 26.05
CA ILE G 40 13.78 -20.05 27.13
C ILE G 40 13.86 -19.28 28.44
N PHE G 41 12.80 -19.37 29.23
CA PHE G 41 12.71 -18.70 30.51
C PHE G 41 12.22 -19.67 31.56
N ARG G 42 12.75 -19.57 32.76
CA ARG G 42 12.41 -20.41 33.90
C ARG G 42 12.21 -19.53 35.12
N PRO G 43 11.58 -20.05 36.17
CA PRO G 43 11.58 -19.33 37.46
C PRO G 43 13.00 -18.98 37.87
N SER G 44 13.14 -17.80 38.49
CA SER G 44 14.46 -17.24 38.76
C SER G 44 15.32 -18.19 39.58
N GLY G 45 16.56 -18.38 39.14
CA GLY G 45 17.56 -19.14 39.83
C GLY G 45 18.39 -18.35 40.82
N GLY G 46 18.02 -17.09 41.07
CA GLY G 46 18.74 -16.26 42.02
C GLY G 46 18.28 -16.48 43.45
N ASP G 47 18.65 -15.54 44.32
CA ASP G 47 18.31 -15.62 45.73
C ASP G 47 17.44 -14.45 46.16
N TRP G 48 17.56 -14.05 47.43
CA TRP G 48 16.76 -12.94 47.92
C TRP G 48 17.21 -11.60 47.34
N ARG G 49 18.44 -11.47 46.90
CA ARG G 49 18.86 -10.24 46.26
C ARG G 49 18.06 -10.03 45.02
N ASP G 50 17.97 -11.07 44.21
CA ASP G 50 17.22 -10.92 42.97
C ASP G 50 15.78 -10.48 43.24
N ILE G 51 15.20 -10.98 44.32
CA ILE G 51 13.83 -10.61 44.65
C ILE G 51 13.79 -9.17 45.16
N ALA G 52 14.80 -8.77 45.93
CA ALA G 52 14.81 -7.43 46.51
C ALA G 52 14.96 -6.35 45.43
N ARG G 53 15.76 -6.61 44.39
CA ARG G 53 15.95 -5.62 43.33
C ARG G 53 14.71 -5.46 42.47
N CYS G 54 13.73 -6.36 42.58
CA CYS G 54 12.51 -6.22 41.79
C CYS G 54 11.69 -5.03 42.25
N GLN G 55 11.66 -4.78 43.56
CA GLN G 55 10.96 -3.65 44.19
C GLN G 55 9.54 -3.49 43.65
N ILE G 56 8.88 -4.63 43.38
CA ILE G 56 7.48 -4.61 43.00
C ILE G 56 6.73 -5.57 43.91
N ALA G 57 7.40 -6.02 44.96
CA ALA G 57 6.78 -6.89 45.95
C ALA G 57 6.24 -6.05 47.10
N GLY G 58 5.16 -6.52 47.70
CA GLY G 58 4.55 -5.80 48.80
C GLY G 58 5.10 -6.23 50.15
N THR G 59 4.19 -6.52 51.08
CA THR G 59 4.56 -6.98 52.42
C THR G 59 4.64 -8.50 52.52
N VAL G 60 4.16 -9.22 51.51
CA VAL G 60 4.17 -10.68 51.54
C VAL G 60 5.54 -11.17 51.05
N VAL G 61 6.23 -11.92 51.91
CA VAL G 61 7.49 -12.54 51.50
C VAL G 61 7.18 -13.72 50.59
N SER G 62 7.81 -13.75 49.42
CA SER G 62 7.47 -14.76 48.43
C SER G 62 8.62 -14.93 47.44
N THR G 63 8.70 -16.13 46.87
CA THR G 63 9.64 -16.46 45.81
C THR G 63 8.88 -16.80 44.52
N GLN G 64 9.58 -16.68 43.39
CA GLN G 64 9.04 -17.00 42.07
C GLN G 64 7.88 -16.09 41.68
N LEU G 65 6.82 -16.08 42.49
CA LEU G 65 5.64 -15.26 42.25
C LEU G 65 5.50 -14.20 43.33
N PHE G 66 5.04 -13.03 42.94
CA PHE G 66 4.78 -11.94 43.87
C PHE G 66 3.31 -11.95 44.26
N LEU G 67 3.04 -11.94 45.56
CA LEU G 67 1.70 -12.08 46.11
C LEU G 67 1.27 -10.78 46.78
N ASN G 68 0.10 -10.27 46.38
CA ASN G 68 -0.47 -9.06 46.98
C ASN G 68 0.49 -7.87 46.81
N GLY G 69 1.16 -7.80 45.65
CA GLY G 69 2.14 -6.77 45.37
C GLY G 69 1.59 -5.64 44.52
N SER G 70 2.51 -4.85 43.97
CA SER G 70 2.14 -3.73 43.12
C SER G 70 1.86 -4.18 41.70
N LEU G 71 0.84 -3.58 41.10
CA LEU G 71 0.47 -3.86 39.72
C LEU G 71 0.89 -2.71 38.82
N ALA G 72 1.04 -3.03 37.53
CA ALA G 72 1.29 -2.01 36.53
C ALA G 72 0.00 -1.22 36.27
N GLU G 73 0.14 -0.14 35.50
CA GLU G 73 -0.98 0.75 35.25
C GLU G 73 -1.72 0.42 33.96
N GLU G 74 -1.02 0.01 32.91
CA GLU G 74 -1.68 -0.21 31.63
C GLU G 74 -1.35 -1.58 31.04
N GLU G 75 -0.11 -1.76 30.60
CA GLU G 75 0.33 -3.02 30.01
C GLU G 75 1.20 -3.79 31.00
N VAL G 76 1.39 -5.08 30.72
CA VAL G 76 2.37 -5.85 31.46
C VAL G 76 3.74 -5.27 31.18
N VAL G 77 4.52 -5.07 32.24
CA VAL G 77 5.81 -4.40 32.13
C VAL G 77 6.89 -5.34 32.68
N ILE G 78 7.94 -5.55 31.88
CA ILE G 78 9.07 -6.37 32.26
C ILE G 78 10.27 -5.45 32.43
N ARG G 79 11.10 -5.76 33.41
CA ARG G 79 12.27 -4.95 33.69
C ARG G 79 13.45 -5.86 33.99
N SER G 80 14.64 -5.38 33.67
CA SER G 80 15.86 -6.13 33.91
C SER G 80 17.05 -5.19 33.95
N GLU G 81 18.03 -5.57 34.75
CA GLU G 81 19.26 -4.78 34.84
C GLU G 81 20.08 -4.84 33.56
N ASN G 82 20.08 -5.98 32.89
CA ASN G 82 20.92 -6.19 31.72
C ASN G 82 20.29 -7.34 30.97
N TRP G 83 19.64 -7.02 29.84
CA TRP G 83 18.90 -8.02 29.11
C TRP G 83 19.80 -9.11 28.56
N THR G 84 21.11 -8.84 28.41
CA THR G 84 22.03 -9.83 27.88
C THR G 84 22.67 -10.70 28.95
N ASP G 85 22.70 -10.23 30.20
CA ASP G 85 23.27 -11.00 31.31
C ASP G 85 22.19 -11.93 31.85
N ASN G 86 22.32 -13.23 31.57
CA ASN G 86 21.35 -14.20 32.05
C ASN G 86 21.43 -14.40 33.56
N ALA G 87 22.53 -13.98 34.20
CA ALA G 87 22.63 -14.00 35.65
C ALA G 87 21.83 -12.88 36.29
N LYS G 88 21.30 -11.96 35.49
CA LYS G 88 20.41 -10.92 35.98
C LYS G 88 18.97 -11.37 35.75
N SER G 89 18.17 -11.35 36.80
CA SER G 89 16.80 -11.83 36.68
C SER G 89 15.94 -10.80 35.94
N ILE G 90 14.90 -11.30 35.28
CA ILE G 90 13.94 -10.47 34.57
C ILE G 90 12.73 -10.28 35.45
N CYS G 91 12.47 -9.03 35.84
CA CYS G 91 11.36 -8.72 36.73
C CYS G 91 10.10 -8.49 35.90
N VAL G 92 9.05 -9.24 36.19
CA VAL G 92 7.78 -9.15 35.46
C VAL G 92 6.72 -8.60 36.41
N GLN G 93 6.11 -7.48 36.03
CA GLN G 93 5.02 -6.88 36.78
C GLN G 93 3.76 -6.92 35.94
N LEU G 94 2.69 -7.50 36.49
CA LEU G 94 1.45 -7.67 35.77
C LEU G 94 0.58 -6.41 35.87
N ALA G 95 -0.35 -6.28 34.94
CA ALA G 95 -1.32 -5.19 34.94
C ALA G 95 -2.64 -5.59 35.58
N THR G 96 -3.17 -6.76 35.24
CA THR G 96 -4.33 -7.34 35.89
C THR G 96 -3.88 -8.57 36.67
N SER G 97 -4.25 -8.63 37.95
CA SER G 97 -3.79 -9.70 38.80
C SER G 97 -4.46 -11.03 38.43
N VAL G 98 -3.80 -12.12 38.83
CA VAL G 98 -4.31 -13.47 38.64
C VAL G 98 -4.58 -14.07 40.01
N GLU G 99 -5.83 -14.49 40.24
CA GLU G 99 -6.20 -15.03 41.54
C GLU G 99 -5.63 -16.43 41.72
N ILE G 100 -5.10 -16.70 42.91
CA ILE G 100 -4.64 -18.02 43.30
C ILE G 100 -5.41 -18.39 44.57
N ALA G 101 -6.30 -19.36 44.45
CA ALA G 101 -7.17 -19.77 45.56
C ALA G 101 -6.68 -21.09 46.13
N CYS G 102 -6.48 -21.11 47.45
CA CYS G 102 -6.01 -22.31 48.15
C CYS G 102 -7.20 -22.98 48.83
N THR G 103 -7.36 -24.28 48.59
CA THR G 103 -8.51 -25.02 49.09
C THR G 103 -8.37 -25.43 50.56
N GLY G 104 -7.15 -25.49 51.08
CA GLY G 104 -6.93 -26.01 52.41
C GLY G 104 -6.63 -27.49 52.46
N ALA G 105 -6.66 -28.19 51.33
CA ALA G 105 -6.39 -29.61 51.26
C ALA G 105 -5.00 -29.92 50.71
N GLY G 106 -4.18 -28.90 50.50
CA GLY G 106 -2.84 -29.08 49.96
C GLY G 106 -2.63 -28.50 48.59
N HIS G 107 -3.65 -27.93 47.97
CA HIS G 107 -3.55 -27.34 46.65
C HIS G 107 -3.95 -25.87 46.66
N CYS G 108 -3.26 -25.07 45.86
CA CYS G 108 -3.68 -23.71 45.55
C CYS G 108 -3.94 -23.64 44.05
N ALA G 109 -5.16 -23.23 43.68
CA ALA G 109 -5.64 -23.35 42.31
C ALA G 109 -5.57 -22.02 41.58
N ILE G 110 -5.29 -22.11 40.27
CA ILE G 110 -5.22 -20.97 39.38
C ILE G 110 -5.99 -21.32 38.10
N SER G 111 -6.79 -20.39 37.61
CA SER G 111 -7.53 -20.61 36.38
C SER G 111 -6.57 -20.76 35.20
N ARG G 112 -6.73 -21.85 34.45
CA ARG G 112 -5.85 -22.11 33.31
C ARG G 112 -6.03 -21.06 32.21
N ALA G 113 -7.26 -20.64 31.97
CA ALA G 113 -7.51 -19.67 30.91
C ALA G 113 -6.89 -18.32 31.24
N LYS G 114 -7.03 -17.87 32.48
CA LYS G 114 -6.50 -16.58 32.88
C LYS G 114 -4.97 -16.60 32.91
N TRP G 115 -4.38 -17.72 33.30
CA TRP G 115 -2.93 -17.81 33.37
C TRP G 115 -2.33 -17.89 31.97
N ALA G 116 -2.99 -18.63 31.07
CA ALA G 116 -2.53 -18.70 29.69
C ALA G 116 -2.56 -17.33 29.03
N ASN G 117 -3.62 -16.56 29.27
CA ASN G 117 -3.68 -15.19 28.77
C ASN G 117 -2.56 -14.35 29.38
N THR G 118 -2.26 -14.58 30.66
CA THR G 118 -1.19 -13.82 31.31
C THR G 118 0.17 -14.14 30.71
N LEU G 119 0.46 -15.42 30.46
CA LEU G 119 1.76 -15.79 29.90
C LEU G 119 1.93 -15.27 28.47
N LYS G 120 0.84 -15.17 27.73
CA LYS G 120 0.90 -14.71 26.35
C LYS G 120 1.29 -13.23 26.28
N GLN G 121 0.76 -12.40 27.19
CA GLN G 121 1.22 -11.01 27.25
C GLN G 121 2.68 -10.95 27.68
N ILE G 122 3.08 -11.80 28.63
CA ILE G 122 4.48 -11.85 29.04
C ILE G 122 5.36 -12.28 27.87
N ALA G 123 4.93 -13.32 27.15
CA ALA G 123 5.66 -13.76 25.97
C ALA G 123 5.67 -12.68 24.90
N SER G 124 4.59 -11.89 24.80
CA SER G 124 4.56 -10.80 23.84
C SER G 124 5.58 -9.71 24.18
N LYS G 125 5.73 -9.38 25.47
CA LYS G 125 6.73 -8.38 25.86
C LYS G 125 8.15 -8.94 25.81
N LEU G 126 8.32 -10.25 26.02
CA LEU G 126 9.64 -10.84 25.87
C LEU G 126 10.06 -10.87 24.40
N ARG G 127 9.09 -10.90 23.48
CA ARG G 127 9.41 -10.77 22.06
C ARG G 127 9.91 -9.37 21.71
N GLU G 128 9.40 -8.34 22.38
CA GLU G 128 9.85 -6.98 22.10
C GLU G 128 11.32 -6.78 22.47
N GLN G 129 11.81 -7.50 23.47
CA GLN G 129 13.18 -7.31 23.94
C GLN G 129 14.18 -8.21 23.25
N TYR G 130 13.79 -9.43 22.91
CA TYR G 130 14.72 -10.41 22.35
C TYR G 130 14.47 -10.70 20.87
N GLY G 131 13.47 -10.07 20.27
CA GLY G 131 13.18 -10.27 18.86
C GLY G 131 11.96 -11.15 18.64
N ALA G 132 11.48 -11.13 17.39
CA ALA G 132 10.32 -11.94 16.99
C ALA G 132 10.72 -13.41 17.03
N LYS G 133 10.71 -13.98 18.23
CA LYS G 133 11.16 -15.34 18.46
C LYS G 133 10.10 -16.10 19.23
N THR G 134 10.25 -17.42 19.25
CA THR G 134 9.37 -18.28 20.04
C THR G 134 9.80 -18.29 21.50
N ILE G 135 8.84 -18.09 22.40
CA ILE G 135 9.11 -18.05 23.84
C ILE G 135 8.60 -19.33 24.46
N ILE G 136 9.45 -20.01 25.21
CA ILE G 136 9.09 -21.22 25.95
C ILE G 136 9.36 -20.98 27.43
N PHE G 137 8.39 -21.32 28.26
CA PHE G 137 8.53 -21.27 29.71
C PHE G 137 8.72 -22.69 30.22
N LYS G 138 9.84 -22.92 30.90
CA LYS G 138 10.19 -24.22 31.43
C LYS G 138 10.21 -24.19 32.95
N PRO G 139 10.06 -25.34 33.61
CA PRO G 139 10.04 -25.35 35.08
C PRO G 139 11.37 -24.94 35.69
N SER G 140 11.42 -24.86 37.01
CA SER G 140 12.63 -24.42 37.70
C SER G 140 13.79 -25.37 37.43
N SER G 141 15.00 -24.79 37.31
CA SER G 141 16.19 -25.60 37.12
C SER G 141 16.59 -26.34 38.39
N GLY G 142 16.14 -25.87 39.55
CA GLY G 142 16.46 -26.48 40.83
C GLY G 142 16.89 -25.45 41.85
N GLY G 143 17.30 -25.94 43.01
CA GLY G 143 17.79 -25.10 44.09
C GLY G 143 17.20 -25.54 45.41
N ASP G 144 17.43 -24.73 46.43
CA ASP G 144 16.89 -25.00 47.75
C ASP G 144 15.37 -25.03 47.70
N PRO G 145 14.73 -25.77 48.61
CA PRO G 145 13.25 -25.83 48.60
C PRO G 145 12.59 -24.47 48.72
N GLU G 146 13.26 -23.50 49.34
CA GLU G 146 12.72 -22.15 49.44
C GLU G 146 12.60 -21.49 48.06
N PHE G 147 13.43 -21.89 47.11
CA PHE G 147 13.51 -21.22 45.81
C PHE G 147 13.09 -22.09 44.63
N VAL G 148 13.26 -23.41 44.70
CA VAL G 148 12.81 -24.24 43.59
C VAL G 148 11.30 -24.32 43.55
N ASN G 149 10.65 -24.19 44.71
CA ASN G 149 9.20 -24.10 44.80
C ASN G 149 8.77 -22.63 44.92
N HIS G 150 7.50 -22.39 44.64
CA HIS G 150 6.87 -21.10 44.95
C HIS G 150 6.58 -21.06 46.45
N SER G 151 7.36 -20.28 47.19
CA SER G 151 7.26 -20.24 48.64
C SER G 151 6.80 -18.86 49.09
N PHE G 152 5.97 -18.85 50.14
CA PHE G 152 5.43 -17.60 50.66
C PHE G 152 5.02 -17.82 52.11
N ASN G 153 4.92 -16.72 52.85
CA ASN G 153 4.46 -16.76 54.23
C ASN G 153 3.05 -16.17 54.33
N CYS G 154 2.26 -16.71 55.26
CA CYS G 154 0.89 -16.28 55.45
C CYS G 154 0.42 -16.78 56.81
N GLY G 155 -0.09 -15.86 57.62
CA GLY G 155 -0.65 -16.21 58.92
C GLY G 155 0.31 -16.90 59.86
N GLY G 156 1.54 -16.42 59.94
CA GLY G 156 2.53 -17.07 60.80
C GLY G 156 2.87 -18.47 60.34
N GLU G 157 3.02 -18.66 59.03
CA GLU G 157 3.27 -19.98 58.46
C GLU G 157 3.98 -19.78 57.13
N PHE G 158 4.82 -20.75 56.77
CA PHE G 158 5.58 -20.70 55.52
C PHE G 158 5.23 -21.93 54.68
N PHE G 159 4.96 -21.71 53.40
CA PHE G 159 4.47 -22.75 52.51
C PHE G 159 5.44 -22.95 51.34
N TYR G 160 5.42 -24.16 50.79
CA TYR G 160 6.24 -24.52 49.64
C TYR G 160 5.32 -25.11 48.58
N CYS G 161 5.20 -24.44 47.44
CA CYS G 161 4.27 -24.86 46.39
C CYS G 161 5.04 -25.17 45.11
N ALA G 162 4.80 -26.36 44.56
CA ALA G 162 5.40 -26.75 43.29
C ALA G 162 4.77 -25.97 42.15
N SER G 163 5.58 -25.21 41.41
CA SER G 163 5.11 -24.37 40.32
C SER G 163 5.45 -24.97 38.95
N THR G 164 5.59 -26.29 38.87
CA THR G 164 6.01 -26.92 37.63
C THR G 164 4.97 -26.72 36.52
N GLN G 165 3.68 -26.90 36.84
CA GLN G 165 2.65 -26.80 35.83
C GLN G 165 2.38 -25.36 35.39
N LEU G 166 2.92 -24.37 36.10
CA LEU G 166 2.75 -22.99 35.69
C LEU G 166 3.70 -22.58 34.58
N PHE G 167 4.82 -23.29 34.42
CA PHE G 167 5.86 -22.96 33.45
C PHE G 167 6.07 -24.17 32.55
N ALA G 168 5.20 -24.33 31.55
CA ALA G 168 5.30 -25.43 30.60
C ALA G 168 4.50 -25.12 29.34
N SER G 169 4.86 -24.06 28.64
CA SER G 169 4.10 -23.63 27.47
C SER G 169 5.04 -23.06 26.43
N THR G 170 4.57 -23.03 25.18
CA THR G 170 5.32 -22.51 24.04
C THR G 170 4.45 -21.53 23.28
N TRP G 171 5.05 -20.44 22.83
CA TRP G 171 4.31 -19.35 22.17
C TRP G 171 5.02 -18.91 20.90
N PHE G 172 4.35 -19.07 19.76
CA PHE G 172 4.89 -18.62 18.47
C PHE G 172 4.51 -17.17 18.22
N ILE H 2 24.67 -14.68 20.73
CA ILE H 2 25.74 -13.83 20.22
C ILE H 2 26.90 -14.70 19.74
N GLN H 3 27.38 -14.43 18.54
CA GLN H 3 28.55 -15.09 17.97
C GLN H 3 29.75 -14.16 17.99
N MET H 4 30.86 -14.68 18.53
CA MET H 4 32.10 -13.93 18.65
C MET H 4 33.10 -14.48 17.63
N THR H 5 33.50 -13.64 16.68
CA THR H 5 34.46 -14.00 15.65
C THR H 5 35.79 -13.32 15.98
N GLN H 6 36.78 -14.13 16.35
CA GLN H 6 38.10 -13.65 16.73
C GLN H 6 39.10 -14.02 15.64
N SER H 7 39.86 -13.04 15.17
CA SER H 7 40.80 -13.22 14.08
C SER H 7 42.08 -12.47 14.41
N PRO H 8 43.24 -12.96 13.97
CA PRO H 8 43.41 -14.20 13.18
C PRO H 8 43.36 -15.46 14.02
N SER H 9 43.36 -16.63 13.37
CA SER H 9 43.40 -17.88 14.11
C SER H 9 44.78 -18.15 14.69
N SER H 10 45.84 -17.81 13.95
CA SER H 10 47.20 -18.00 14.42
C SER H 10 48.10 -16.94 13.81
N LEU H 11 49.22 -16.67 14.46
CA LEU H 11 50.20 -15.70 13.96
C LEU H 11 51.57 -16.01 14.55
N SER H 12 52.59 -15.63 13.81
CA SER H 12 53.98 -15.76 14.24
C SER H 12 54.66 -14.40 14.13
N ALA H 13 55.36 -14.01 15.19
CA ALA H 13 56.07 -12.74 15.21
C ALA H 13 57.36 -12.90 16.00
N SER H 14 58.32 -12.02 15.74
CA SER H 14 59.61 -12.03 16.42
C SER H 14 59.47 -11.37 17.79
N VAL H 15 60.57 -11.33 18.53
CA VAL H 15 60.59 -10.58 19.79
C VAL H 15 60.59 -9.10 19.44
N GLY H 16 59.60 -8.37 19.96
CA GLY H 16 59.51 -6.94 19.74
C GLY H 16 58.46 -6.46 18.76
N ASP H 17 57.77 -7.37 18.07
CA ASP H 17 56.78 -6.96 17.08
C ASP H 17 55.54 -6.40 17.77
N ARG H 18 54.72 -5.68 17.01
CA ARG H 18 53.48 -5.13 17.53
C ARG H 18 52.38 -6.07 17.07
N VAL H 19 51.80 -6.81 18.02
CA VAL H 19 50.79 -7.81 17.72
C VAL H 19 49.40 -7.21 17.91
N THR H 20 48.50 -7.51 16.97
CA THR H 20 47.15 -6.95 17.01
C THR H 20 46.14 -8.03 16.68
N ILE H 21 45.23 -8.30 17.62
CA ILE H 21 44.13 -9.24 17.44
C ILE H 21 42.82 -8.45 17.49
N THR H 22 41.91 -8.77 16.57
CA THR H 22 40.62 -8.13 16.50
C THR H 22 39.56 -9.17 16.84
N CYS H 23 38.62 -8.79 17.70
CA CYS H 23 37.49 -9.62 18.06
C CYS H 23 36.22 -8.82 17.81
N GLN H 24 35.30 -9.39 17.05
CA GLN H 24 34.08 -8.71 16.65
C GLN H 24 32.86 -9.46 17.16
N ALA H 25 31.99 -8.74 17.84
CA ALA H 25 30.71 -9.29 18.27
C ALA H 25 29.67 -9.00 17.19
N SER H 26 28.58 -9.75 17.23
CA SER H 26 27.51 -9.56 16.27
C SER H 26 26.52 -8.50 16.70
N GLN H 27 26.63 -8.00 17.93
CA GLN H 27 25.68 -7.03 18.47
C GLN H 27 26.46 -5.93 19.19
N ASP H 28 25.82 -4.77 19.31
CA ASP H 28 26.38 -3.62 20.02
C ASP H 28 26.47 -3.95 21.50
N ILE H 29 27.68 -4.23 21.99
CA ILE H 29 27.90 -4.62 23.38
C ILE H 29 28.53 -3.49 24.19
N ASN H 30 28.59 -2.28 23.65
CA ASN H 30 29.19 -1.13 24.32
C ASN H 30 30.67 -1.46 24.58
N ASN H 31 31.22 -0.97 25.69
CA ASN H 31 32.65 -1.05 25.95
C ASN H 31 33.08 -2.26 26.78
N TYR H 32 32.16 -3.05 27.34
CA TYR H 32 32.54 -4.13 28.24
C TYR H 32 32.84 -5.39 27.42
N LEU H 33 34.11 -5.79 27.39
CA LEU H 33 34.56 -7.00 26.71
C LEU H 33 35.89 -7.42 27.33
N ASN H 34 36.02 -8.72 27.60
CA ASN H 34 37.14 -9.26 28.36
C ASN H 34 38.12 -10.02 27.45
N TRP H 35 39.40 -10.01 27.85
CA TRP H 35 40.46 -10.71 27.14
C TRP H 35 41.21 -11.61 28.10
N TYR H 36 41.33 -12.89 27.76
CA TYR H 36 41.99 -13.88 28.60
C TYR H 36 43.22 -14.43 27.89
N GLN H 37 44.22 -14.81 28.69
CA GLN H 37 45.43 -15.47 28.22
C GLN H 37 45.51 -16.84 28.86
N GLN H 38 45.60 -17.87 28.01
CA GLN H 38 45.70 -19.26 28.47
C GLN H 38 47.05 -19.81 28.02
N LYS H 39 47.97 -19.92 28.96
CA LYS H 39 49.23 -20.57 28.71
C LYS H 39 49.01 -22.08 28.61
N PRO H 40 49.81 -22.79 27.81
CA PRO H 40 49.59 -24.23 27.63
C PRO H 40 49.68 -24.98 28.96
N GLY H 41 48.67 -25.81 29.23
CA GLY H 41 48.63 -26.58 30.46
C GLY H 41 48.00 -25.85 31.63
N LYS H 42 47.72 -24.56 31.50
CA LYS H 42 47.19 -23.75 32.58
C LYS H 42 45.75 -23.32 32.27
N ALA H 43 45.12 -22.74 33.26
CA ALA H 43 43.78 -22.20 33.10
C ALA H 43 43.87 -20.78 32.54
N PRO H 44 42.81 -20.30 31.88
CA PRO H 44 42.85 -18.93 31.35
C PRO H 44 43.03 -17.92 32.47
N LYS H 45 43.67 -16.81 32.13
CA LYS H 45 43.95 -15.74 33.09
C LYS H 45 43.49 -14.43 32.47
N LEU H 46 42.70 -13.67 33.22
CA LEU H 46 42.12 -12.42 32.73
C LEU H 46 43.20 -11.35 32.68
N LEU H 47 43.40 -10.74 31.51
CA LEU H 47 44.36 -9.66 31.32
C LEU H 47 43.70 -8.31 31.08
N ILE H 48 42.72 -8.26 30.19
CA ILE H 48 42.03 -7.03 29.82
C ILE H 48 40.56 -7.18 30.15
N TYR H 49 40.01 -6.21 30.87
CA TYR H 49 38.58 -6.15 31.13
C TYR H 49 38.01 -4.84 30.61
N ASP H 50 36.76 -4.89 30.16
CA ASP H 50 36.06 -3.75 29.59
C ASP H 50 36.84 -3.13 28.42
N ALA H 51 37.28 -4.00 27.51
CA ALA H 51 37.93 -3.62 26.25
C ALA H 51 39.26 -2.89 26.46
N SER H 52 39.29 -1.88 27.34
CA SER H 52 40.41 -0.97 27.43
C SER H 52 41.13 -0.95 28.77
N ASN H 53 40.56 -1.55 29.81
CA ASN H 53 41.13 -1.46 31.15
C ASN H 53 42.07 -2.63 31.43
N LEU H 54 43.10 -2.37 32.23
CA LEU H 54 44.13 -3.35 32.53
C LEU H 54 44.04 -3.75 33.99
N GLU H 55 43.82 -5.04 34.23
CA GLU H 55 43.79 -5.59 35.59
C GLU H 55 45.19 -5.52 36.20
N THR H 56 45.23 -5.39 37.53
CA THR H 56 46.51 -5.24 38.25
C THR H 56 47.40 -6.47 38.09
N GLY H 57 48.71 -6.21 37.87
CA GLY H 57 49.71 -7.25 37.74
C GLY H 57 50.11 -7.60 36.32
N VAL H 58 49.47 -7.02 35.32
CA VAL H 58 49.80 -7.29 33.91
C VAL H 58 50.70 -6.16 33.42
N PRO H 59 51.79 -6.47 32.71
CA PRO H 59 52.66 -5.42 32.17
C PRO H 59 51.91 -4.48 31.25
N SER H 60 52.45 -3.27 31.10
CA SER H 60 51.78 -2.22 30.33
C SER H 60 51.82 -2.46 28.83
N ARG H 61 52.63 -3.42 28.37
CA ARG H 61 52.69 -3.75 26.96
C ARG H 61 51.37 -4.31 26.44
N PHE H 62 50.58 -4.92 27.30
CA PHE H 62 49.26 -5.37 26.91
C PHE H 62 48.27 -4.20 26.95
N SER H 63 47.43 -4.12 25.92
CA SER H 63 46.47 -3.03 25.82
C SER H 63 45.30 -3.48 24.97
N GLY H 64 44.20 -2.74 25.09
CA GLY H 64 43.01 -3.01 24.31
C GLY H 64 42.23 -1.75 24.06
N SER H 65 41.42 -1.78 23.01
CA SER H 65 40.61 -0.65 22.59
C SER H 65 39.40 -1.14 21.82
N GLY H 66 38.49 -0.21 21.54
CA GLY H 66 37.31 -0.52 20.75
C GLY H 66 36.01 -0.23 21.45
N SER H 67 34.94 -0.10 20.69
CA SER H 67 33.61 0.14 21.24
C SER H 67 32.57 -0.21 20.19
N GLY H 68 31.37 -0.56 20.65
CA GLY H 68 30.31 -0.97 19.76
C GLY H 68 30.37 -2.43 19.40
N THR H 69 30.95 -2.73 18.25
CA THR H 69 31.08 -4.11 17.77
C THR H 69 32.50 -4.52 17.43
N ASP H 70 33.42 -3.58 17.23
CA ASP H 70 34.79 -3.87 16.85
C ASP H 70 35.72 -3.64 18.04
N PHE H 71 36.50 -4.66 18.39
CA PHE H 71 37.43 -4.60 19.50
C PHE H 71 38.79 -5.13 19.08
N THR H 72 39.84 -4.53 19.64
CA THR H 72 41.20 -4.92 19.33
C THR H 72 41.99 -5.14 20.62
N PHE H 73 42.83 -6.16 20.61
CA PHE H 73 43.76 -6.45 21.69
C PHE H 73 45.16 -6.41 21.11
N THR H 74 46.02 -5.56 21.69
CA THR H 74 47.30 -5.24 21.08
C THR H 74 48.44 -5.48 22.06
N ILE H 75 49.51 -6.09 21.54
CA ILE H 75 50.77 -6.29 22.25
C ILE H 75 51.84 -5.46 21.56
N SER H 76 52.38 -4.49 22.29
CA SER H 76 53.29 -3.51 21.68
C SER H 76 54.58 -4.17 21.22
N SER H 77 55.21 -4.97 22.08
CA SER H 77 56.46 -5.65 21.77
C SER H 77 56.31 -7.10 22.24
N LEU H 78 56.10 -8.02 21.30
CA LEU H 78 55.91 -9.42 21.65
C LEU H 78 57.14 -9.96 22.34
N GLN H 79 56.94 -10.71 23.42
CA GLN H 79 57.99 -11.21 24.28
C GLN H 79 57.96 -12.73 24.38
N PRO H 80 59.09 -13.39 24.65
CA PRO H 80 59.12 -14.86 24.66
C PRO H 80 58.27 -15.53 25.73
N GLU H 81 57.76 -14.81 26.73
CA GLU H 81 56.89 -15.40 27.73
C GLU H 81 55.41 -15.11 27.47
N ASP H 82 55.07 -14.68 26.26
CA ASP H 82 53.70 -14.40 25.87
C ASP H 82 53.10 -15.49 24.99
N ILE H 83 53.82 -16.61 24.81
CA ILE H 83 53.31 -17.68 23.98
C ILE H 83 52.15 -18.36 24.70
N ALA H 84 50.96 -18.27 24.10
CA ALA H 84 49.72 -18.78 24.69
C ALA H 84 48.61 -18.65 23.63
N THR H 85 47.41 -19.05 24.02
CA THR H 85 46.20 -18.80 23.24
C THR H 85 45.38 -17.72 23.93
N TYR H 86 45.01 -16.70 23.19
CA TYR H 86 44.30 -15.54 23.72
C TYR H 86 42.85 -15.60 23.30
N TYR H 87 41.94 -15.40 24.26
CA TYR H 87 40.52 -15.49 24.03
C TYR H 87 39.83 -14.18 24.39
N CYS H 88 38.89 -13.77 23.54
CA CYS H 88 37.95 -12.72 23.90
C CYS H 88 36.67 -13.36 24.41
N GLN H 89 36.12 -12.81 25.48
CA GLN H 89 34.98 -13.39 26.16
C GLN H 89 33.96 -12.32 26.49
N GLN H 90 32.69 -12.64 26.27
CA GLN H 90 31.57 -11.75 26.60
C GLN H 90 30.44 -12.60 27.17
N TYR H 91 30.27 -12.54 28.49
CA TYR H 91 29.26 -13.32 29.22
C TYR H 91 29.60 -14.79 28.99
N GLU H 92 28.63 -15.64 28.65
CA GLU H 92 28.86 -17.06 28.45
C GLU H 92 29.51 -17.36 27.10
N PHE H 93 29.78 -16.34 26.29
CA PHE H 93 30.26 -16.52 24.92
C PHE H 93 31.75 -16.23 24.86
N PHE H 94 32.50 -17.18 24.29
CA PHE H 94 33.93 -17.05 24.10
C PHE H 94 34.28 -16.94 22.63
N GLY H 95 35.39 -16.26 22.34
CA GLY H 95 35.93 -16.26 21.01
C GLY H 95 36.58 -17.59 20.66
N GLY H 96 36.86 -17.76 19.37
CA GLY H 96 37.47 -19.00 18.92
C GLY H 96 38.88 -19.21 19.43
N GLY H 97 39.57 -18.15 19.79
CA GLY H 97 40.93 -18.28 20.27
C GLY H 97 41.96 -18.02 19.17
N THR H 98 43.12 -17.52 19.58
CA THR H 98 44.22 -17.26 18.65
C THR H 98 45.53 -17.71 19.27
N LYS H 99 46.19 -18.69 18.65
CA LYS H 99 47.51 -19.10 19.10
C LYS H 99 48.53 -18.08 18.63
N VAL H 100 49.29 -17.52 19.56
CA VAL H 100 50.33 -16.54 19.26
C VAL H 100 51.66 -17.27 19.33
N GLU H 101 52.43 -17.20 18.25
CA GLU H 101 53.72 -17.87 18.17
C GLU H 101 54.83 -16.87 17.89
N ILE H 102 56.06 -17.29 18.20
CA ILE H 102 57.25 -16.45 18.08
C ILE H 102 58.18 -17.03 17.04
N LYS H 103 58.62 -16.20 16.10
CA LYS H 103 59.61 -16.58 15.11
C LYS H 103 60.98 -16.07 15.54
N ARG H 104 61.97 -16.96 15.57
CA ARG H 104 63.31 -16.56 15.97
C ARG H 104 64.33 -17.10 14.99
N THR H 105 65.62 -16.98 15.31
CA THR H 105 66.66 -17.46 14.43
C THR H 105 66.65 -18.98 14.32
N VAL H 106 67.26 -19.48 13.25
CA VAL H 106 67.30 -20.91 12.97
C VAL H 106 68.21 -21.62 13.97
N ALA H 107 67.79 -22.80 14.42
CA ALA H 107 68.53 -23.58 15.40
C ALA H 107 68.71 -25.01 14.93
N ALA H 108 69.95 -25.48 14.97
CA ALA H 108 70.15 -26.88 14.64
C ALA H 108 69.73 -27.74 15.82
N PRO H 109 69.09 -28.88 15.57
CA PRO H 109 68.66 -29.73 16.69
C PRO H 109 69.82 -30.57 17.21
N SER H 110 69.85 -30.72 18.53
CA SER H 110 70.75 -31.65 19.16
C SER H 110 70.08 -33.03 19.17
N VAL H 111 70.73 -34.01 18.57
CA VAL H 111 70.11 -35.31 18.29
C VAL H 111 70.65 -36.31 19.30
N PHE H 112 69.75 -37.07 19.92
CA PHE H 112 70.11 -38.09 20.88
C PHE H 112 69.37 -39.38 20.54
N ILE H 113 69.92 -40.50 20.97
CA ILE H 113 69.28 -41.79 20.75
C ILE H 113 69.35 -42.59 22.05
N PHE H 114 68.33 -43.41 22.29
CA PHE H 114 68.23 -44.20 23.51
C PHE H 114 67.91 -45.64 23.16
N PRO H 115 68.76 -46.60 23.50
CA PRO H 115 68.44 -48.00 23.25
C PRO H 115 67.35 -48.49 24.19
N PRO H 116 66.61 -49.53 23.81
CA PRO H 116 65.56 -50.04 24.71
C PRO H 116 66.16 -50.61 25.99
N SER H 117 65.57 -50.24 27.11
CA SER H 117 66.03 -50.74 28.40
C SER H 117 65.68 -52.22 28.52
N ASP H 118 66.55 -52.97 29.18
CA ASP H 118 66.33 -54.41 29.31
C ASP H 118 65.02 -54.71 30.03
N GLU H 119 64.64 -53.86 30.98
CA GLU H 119 63.40 -54.07 31.71
C GLU H 119 62.20 -54.18 30.78
N GLN H 120 62.23 -53.48 29.64
CA GLN H 120 61.14 -53.57 28.66
C GLN H 120 61.24 -54.80 27.79
N LEU H 121 62.45 -55.29 27.49
CA LEU H 121 62.59 -56.47 26.65
C LEU H 121 61.93 -57.70 27.26
N LYS H 122 61.87 -57.77 28.59
CA LYS H 122 61.27 -58.91 29.24
C LYS H 122 59.77 -59.00 28.99
N SER H 123 59.12 -57.89 28.64
CA SER H 123 57.69 -57.87 28.35
C SER H 123 57.35 -58.34 26.95
N GLY H 124 58.34 -58.42 26.06
CA GLY H 124 58.14 -58.84 24.69
C GLY H 124 58.22 -57.72 23.67
N THR H 125 58.49 -56.48 24.10
CA THR H 125 58.58 -55.35 23.19
C THR H 125 59.87 -54.58 23.46
N ALA H 126 60.34 -53.87 22.44
CA ALA H 126 61.54 -53.05 22.51
C ALA H 126 61.23 -51.69 21.92
N SER H 127 61.46 -50.63 22.70
CA SER H 127 61.18 -49.27 22.27
C SER H 127 62.47 -48.47 22.20
N VAL H 128 62.76 -47.93 21.01
CA VAL H 128 63.91 -47.05 20.79
C VAL H 128 63.40 -45.63 20.62
N VAL H 129 64.04 -44.69 21.31
CA VAL H 129 63.61 -43.30 21.35
C VAL H 129 64.66 -42.42 20.71
N CYS H 130 64.24 -41.59 19.78
CA CYS H 130 65.06 -40.56 19.17
C CYS H 130 64.60 -39.22 19.73
N LEU H 131 65.55 -38.35 20.06
CA LEU H 131 65.24 -37.11 20.74
C LEU H 131 65.89 -35.97 19.97
N LEU H 132 65.13 -34.90 19.73
CA LEU H 132 65.63 -33.67 19.11
C LEU H 132 65.34 -32.54 20.08
N ASN H 133 66.36 -32.05 20.78
CA ASN H 133 66.16 -31.08 21.86
C ASN H 133 66.45 -29.66 21.39
N ASN H 134 65.53 -28.74 21.70
CA ASN H 134 65.71 -27.31 21.51
C ASN H 134 66.14 -26.95 20.09
N PHE H 135 65.18 -26.87 19.17
CA PHE H 135 65.45 -26.51 17.79
C PHE H 135 64.32 -25.64 17.26
N TYR H 136 64.57 -25.02 16.11
CA TYR H 136 63.59 -24.17 15.43
C TYR H 136 63.94 -24.15 13.95
N PRO H 137 62.95 -24.21 13.04
CA PRO H 137 61.49 -24.24 13.18
C PRO H 137 60.91 -25.64 13.45
N ARG H 138 59.57 -25.72 13.52
CA ARG H 138 58.93 -26.98 13.89
C ARG H 138 59.13 -28.04 12.83
N GLU H 139 59.24 -27.64 11.56
CA GLU H 139 59.38 -28.58 10.45
C GLU H 139 60.67 -29.37 10.59
N ALA H 140 60.52 -30.67 10.88
CA ALA H 140 61.64 -31.59 11.00
C ALA H 140 61.19 -32.95 10.48
N LYS H 141 62.16 -33.82 10.25
CA LYS H 141 61.88 -35.15 9.71
C LYS H 141 62.79 -36.17 10.36
N VAL H 142 62.21 -37.18 10.99
CA VAL H 142 62.97 -38.23 11.65
C VAL H 142 62.73 -39.51 10.86
N GLN H 143 63.80 -40.23 10.53
CA GLN H 143 63.70 -41.44 9.74
C GLN H 143 64.32 -42.59 10.52
N TRP H 144 63.60 -43.69 10.67
CA TRP H 144 64.09 -44.85 11.39
C TRP H 144 64.64 -45.89 10.42
N LYS H 145 65.86 -46.35 10.69
CA LYS H 145 66.54 -47.32 9.84
C LYS H 145 67.10 -48.45 10.69
N VAL H 146 66.62 -49.67 10.45
CA VAL H 146 67.08 -50.86 11.15
C VAL H 146 67.87 -51.71 10.17
N ASP H 147 69.16 -51.90 10.47
CA ASP H 147 70.09 -52.57 9.55
C ASP H 147 70.15 -51.84 8.21
N ASN H 148 70.16 -50.51 8.28
CA ASN H 148 70.19 -49.62 7.12
C ASN H 148 68.97 -49.82 6.22
N ALA H 149 67.86 -50.29 6.80
CA ALA H 149 66.60 -50.47 6.09
C ALA H 149 65.58 -49.48 6.63
N LEU H 150 64.96 -48.74 5.72
CA LEU H 150 64.02 -47.70 6.10
C LEU H 150 62.78 -48.32 6.75
N GLN H 151 62.38 -47.79 7.90
CA GLN H 151 61.25 -48.33 8.65
C GLN H 151 60.06 -47.38 8.55
N SER H 152 58.86 -47.97 8.55
CA SER H 152 57.62 -47.20 8.46
C SER H 152 56.50 -47.99 9.12
N GLY H 153 55.54 -47.26 9.69
CA GLY H 153 54.40 -47.87 10.33
C GLY H 153 54.60 -48.29 11.77
N ASN H 154 55.85 -48.28 12.26
CA ASN H 154 56.15 -48.63 13.63
C ASN H 154 56.78 -47.47 14.39
N SER H 155 56.72 -46.26 13.84
CA SER H 155 57.25 -45.06 14.48
C SER H 155 56.11 -44.12 14.87
N GLN H 156 56.29 -43.43 15.99
CA GLN H 156 55.33 -42.44 16.45
C GLN H 156 56.10 -41.26 17.02
N GLU H 157 55.74 -40.05 16.58
CA GLU H 157 56.46 -38.84 16.96
C GLU H 157 55.63 -38.01 17.91
N SER H 158 56.30 -37.16 18.70
CA SER H 158 55.61 -36.24 19.60
C SER H 158 56.43 -34.97 19.75
N VAL H 159 55.79 -33.81 19.58
CA VAL H 159 56.46 -32.52 19.55
C VAL H 159 55.98 -31.67 20.73
N THR H 160 56.92 -31.09 21.46
CA THR H 160 56.55 -30.14 22.51
C THR H 160 56.24 -28.76 21.91
N GLU H 161 55.48 -27.99 22.66
CA GLU H 161 55.19 -26.59 22.36
C GLU H 161 56.38 -25.69 22.69
N GLN H 162 56.32 -24.45 22.21
CA GLN H 162 57.41 -23.49 22.37
C GLN H 162 57.83 -23.33 23.82
N ASP H 163 59.14 -23.34 24.05
CA ASP H 163 59.66 -23.04 25.37
C ASP H 163 59.51 -21.54 25.62
N SER H 164 59.14 -21.18 26.85
CA SER H 164 58.97 -19.76 27.18
C SER H 164 60.29 -19.03 27.33
N LYS H 165 61.42 -19.74 27.46
CA LYS H 165 62.72 -19.12 27.64
C LYS H 165 63.44 -18.90 26.31
N ASP H 166 63.80 -19.98 25.62
CA ASP H 166 64.57 -19.90 24.39
C ASP H 166 63.74 -20.07 23.12
N SER H 167 62.42 -20.25 23.24
CA SER H 167 61.51 -20.27 22.10
C SER H 167 61.82 -21.40 21.13
N THR H 168 62.23 -22.55 21.66
CA THR H 168 62.61 -23.70 20.84
C THR H 168 61.55 -24.80 20.95
N TYR H 169 61.80 -25.89 20.21
CA TYR H 169 60.97 -27.09 20.21
C TYR H 169 61.79 -28.32 20.54
N SER H 170 61.09 -29.38 20.90
CA SER H 170 61.71 -30.68 21.13
C SER H 170 60.83 -31.77 20.53
N LEU H 171 61.47 -32.85 20.08
CA LEU H 171 60.78 -33.90 19.34
C LEU H 171 61.21 -35.25 19.89
N SER H 172 60.24 -36.17 20.01
CA SER H 172 60.50 -37.52 20.49
C SER H 172 59.80 -38.51 19.57
N SER H 173 60.58 -39.38 18.93
CA SER H 173 60.07 -40.44 18.08
C SER H 173 60.34 -41.78 18.73
N THR H 174 59.32 -42.63 18.79
CA THR H 174 59.41 -43.94 19.43
C THR H 174 59.25 -45.04 18.39
N LEU H 175 60.17 -45.99 18.38
CA LEU H 175 60.16 -47.14 17.48
C LEU H 175 59.90 -48.40 18.29
N THR H 176 58.76 -49.05 18.03
CA THR H 176 58.32 -50.20 18.81
C THR H 176 58.43 -51.47 17.97
N LEU H 177 59.25 -52.41 18.43
CA LEU H 177 59.36 -53.74 17.83
C LEU H 177 59.22 -54.79 18.92
N SER H 178 58.87 -56.00 18.51
CA SER H 178 58.84 -57.12 19.45
C SER H 178 60.26 -57.53 19.82
N LYS H 179 60.37 -58.30 20.90
CA LYS H 179 61.69 -58.75 21.34
C LYS H 179 62.34 -59.65 20.28
N ALA H 180 61.56 -60.57 19.70
CA ALA H 180 62.09 -61.48 18.69
C ALA H 180 62.62 -60.72 17.47
N ASP H 181 61.95 -59.63 17.10
CA ASP H 181 62.41 -58.84 15.95
C ASP H 181 63.55 -57.91 16.31
N TYR H 182 63.65 -57.50 17.58
CA TYR H 182 64.77 -56.66 18.00
C TYR H 182 66.08 -57.44 18.00
N GLU H 183 66.00 -58.75 18.28
CA GLU H 183 67.18 -59.60 18.37
C GLU H 183 67.79 -59.94 17.01
N LYS H 184 67.03 -59.80 15.93
CA LYS H 184 67.54 -60.20 14.62
C LYS H 184 68.61 -59.23 14.11
N HIS H 185 68.32 -57.93 14.12
CA HIS H 185 69.23 -56.93 13.59
C HIS H 185 70.04 -56.24 14.68
N LYS H 186 71.28 -55.86 14.35
CA LYS H 186 72.11 -55.22 15.38
C LYS H 186 72.03 -53.69 15.34
N VAL H 187 72.01 -53.08 14.15
CA VAL H 187 72.24 -51.63 14.04
C VAL H 187 70.90 -50.91 14.01
N TYR H 188 70.81 -49.83 14.79
CA TYR H 188 69.61 -49.01 14.87
C TYR H 188 70.02 -47.54 14.83
N ALA H 189 69.34 -46.76 13.98
CA ALA H 189 69.68 -45.35 13.82
C ALA H 189 68.43 -44.57 13.43
N CYS H 190 68.38 -43.32 13.88
CA CYS H 190 67.35 -42.38 13.45
C CYS H 190 68.03 -41.23 12.72
N GLU H 191 67.63 -41.02 11.46
CA GLU H 191 68.16 -39.94 10.65
C GLU H 191 67.30 -38.70 10.85
N VAL H 192 67.94 -37.55 11.05
CA VAL H 192 67.25 -36.29 11.30
C VAL H 192 67.63 -35.30 10.20
N THR H 193 66.63 -34.69 9.58
CA THR H 193 66.83 -33.67 8.57
C THR H 193 66.12 -32.40 9.03
N HIS H 194 66.82 -31.26 8.94
CA HIS H 194 66.29 -30.03 9.47
C HIS H 194 66.92 -28.87 8.71
N GLN H 195 66.25 -27.72 8.77
CA GLN H 195 66.76 -26.52 8.10
C GLN H 195 68.11 -26.10 8.66
N GLY H 196 68.28 -26.14 9.98
CA GLY H 196 69.54 -25.77 10.59
C GLY H 196 70.67 -26.76 10.39
N LEU H 197 70.41 -27.84 9.67
CA LEU H 197 71.39 -28.90 9.42
C LEU H 197 71.70 -28.94 7.93
N SER H 198 72.98 -28.82 7.58
CA SER H 198 73.38 -28.86 6.17
C SER H 198 73.07 -30.22 5.55
N SER H 199 73.50 -31.29 6.19
CA SER H 199 73.25 -32.65 5.75
C SER H 199 72.44 -33.40 6.80
N PRO H 200 71.66 -34.40 6.41
CA PRO H 200 70.92 -35.19 7.40
C PRO H 200 71.89 -35.85 8.37
N VAL H 201 71.63 -35.66 9.65
CA VAL H 201 72.51 -36.14 10.71
C VAL H 201 71.96 -37.46 11.26
N THR H 202 72.85 -38.41 11.52
CA THR H 202 72.48 -39.73 12.00
C THR H 202 73.11 -40.00 13.36
N LYS H 203 72.30 -40.52 14.28
CA LYS H 203 72.75 -41.04 15.56
C LYS H 203 72.43 -42.52 15.58
N SER H 204 73.39 -43.34 16.01
CA SER H 204 73.26 -44.78 15.89
C SER H 204 73.87 -45.49 17.10
N PHE H 205 73.47 -46.74 17.28
CA PHE H 205 74.06 -47.62 18.27
C PHE H 205 73.94 -49.05 17.76
N ASN H 206 74.78 -49.94 18.31
CA ASN H 206 74.78 -51.35 17.96
C ASN H 206 74.16 -52.17 19.08
N ARG H 207 73.38 -53.18 18.71
CA ARG H 207 72.65 -53.97 19.70
C ARG H 207 73.61 -54.76 20.59
N GLY H 208 73.44 -54.60 21.90
CA GLY H 208 74.19 -55.36 22.87
C GLY H 208 75.54 -54.81 23.25
N GLU H 209 75.85 -53.58 22.87
CA GLU H 209 77.15 -52.99 23.20
C GLU H 209 77.00 -51.81 24.15
N GLN I 1 48.23 -19.19 47.65
CA GLN I 1 47.27 -18.91 48.71
C GLN I 1 45.84 -19.16 48.24
N VAL I 2 45.17 -18.08 47.84
CA VAL I 2 43.78 -18.20 47.40
C VAL I 2 43.73 -18.81 46.01
N GLN I 3 42.90 -19.85 45.84
CA GLN I 3 42.82 -20.60 44.60
C GLN I 3 41.61 -21.50 44.65
N SER I 4 41.27 -22.07 43.49
CA SER I 4 40.21 -23.06 43.35
C SER I 4 40.85 -24.39 42.98
N VAL I 5 40.69 -25.38 43.84
CA VAL I 5 41.26 -26.71 43.64
C VAL I 5 40.15 -27.66 43.21
N GLN I 6 40.42 -28.45 42.17
CA GLN I 6 39.44 -29.37 41.62
C GLN I 6 39.86 -30.81 41.87
N SER I 7 38.91 -31.71 41.71
CA SER I 7 39.17 -33.14 41.88
C SER I 7 40.00 -33.67 40.70
N GLY I 8 40.57 -34.85 40.91
CA GLY I 8 41.46 -35.43 39.93
C GLY I 8 40.74 -35.89 38.68
N ALA I 9 41.55 -36.33 37.71
CA ALA I 9 41.01 -36.79 36.43
C ALA I 9 40.27 -38.11 36.61
N GLU I 10 39.20 -38.29 35.84
CA GLU I 10 38.33 -39.45 35.93
C GLU I 10 38.00 -39.95 34.53
N VAL I 11 37.77 -41.27 34.42
CA VAL I 11 37.35 -41.89 33.18
C VAL I 11 36.04 -42.63 33.45
N LYS I 12 35.07 -42.46 32.55
CA LYS I 12 33.77 -43.09 32.70
C LYS I 12 33.32 -43.70 31.37
N LYS I 13 32.50 -44.73 31.47
CA LYS I 13 31.99 -45.41 30.28
C LYS I 13 30.93 -44.54 29.63
N PRO I 14 30.74 -44.69 28.32
CA PRO I 14 29.68 -43.95 27.63
C PRO I 14 28.31 -44.30 28.21
N GLY I 15 27.52 -43.27 28.47
CA GLY I 15 26.23 -43.43 29.11
C GLY I 15 26.26 -43.30 30.61
N ALA I 16 27.44 -43.27 31.23
CA ALA I 16 27.56 -43.13 32.67
C ALA I 16 27.59 -41.64 33.03
N SER I 17 27.98 -41.34 34.27
CA SER I 17 28.03 -39.97 34.75
C SER I 17 29.32 -39.75 35.54
N VAL I 18 29.74 -38.49 35.59
CA VAL I 18 30.94 -38.09 36.31
C VAL I 18 30.61 -36.88 37.17
N LYS I 19 31.14 -36.87 38.40
CA LYS I 19 30.97 -35.76 39.33
C LYS I 19 32.32 -35.13 39.62
N VAL I 20 32.44 -33.84 39.34
CA VAL I 20 33.68 -33.10 39.56
C VAL I 20 33.46 -32.09 40.68
N SER I 21 34.44 -32.00 41.59
CA SER I 21 34.38 -31.10 42.74
C SER I 21 35.28 -29.89 42.50
N CYS I 22 34.96 -28.80 43.20
CA CYS I 22 35.71 -27.55 43.09
C CYS I 22 35.67 -26.86 44.44
N LYS I 23 36.74 -26.98 45.21
CA LYS I 23 36.76 -26.46 46.57
C LYS I 23 37.42 -25.10 46.61
N ALA I 24 36.75 -24.14 47.25
CA ALA I 24 37.27 -22.79 47.41
C ALA I 24 38.32 -22.77 48.52
N SER I 25 39.52 -22.31 48.18
CA SER I 25 40.62 -22.20 49.12
C SER I 25 40.97 -20.72 49.32
N GLY I 26 40.74 -20.21 50.52
CA GLY I 26 41.06 -18.84 50.83
C GLY I 26 39.98 -17.81 50.53
N TYR I 27 38.82 -18.23 50.05
CA TYR I 27 37.72 -17.31 49.78
C TYR I 27 36.40 -18.02 50.03
N THR I 28 35.31 -17.24 50.00
CA THR I 28 33.98 -17.76 50.25
C THR I 28 33.11 -17.60 49.01
N PHE I 29 31.97 -18.28 49.01
CA PHE I 29 31.05 -18.23 47.88
C PHE I 29 30.03 -17.09 47.98
N THR I 30 29.84 -16.52 49.17
CA THR I 30 28.67 -15.69 49.44
C THR I 30 28.55 -14.50 48.50
N GLY I 31 29.65 -14.03 47.92
CA GLY I 31 29.62 -12.90 47.01
C GLY I 31 29.79 -13.21 45.55
N TYR I 32 29.78 -14.48 45.15
CA TYR I 32 30.10 -14.83 43.77
C TYR I 32 29.13 -15.89 43.24
N TYR I 33 29.11 -16.02 41.92
CA TYR I 33 28.53 -17.16 41.24
C TYR I 33 29.64 -18.11 40.81
N MET I 34 29.37 -19.40 40.86
CA MET I 34 30.31 -20.42 40.41
C MET I 34 29.93 -20.90 39.02
N HIS I 35 30.84 -20.73 38.07
CA HIS I 35 30.63 -21.14 36.69
C HIS I 35 31.51 -22.32 36.35
N TRP I 36 31.07 -23.11 35.37
CA TRP I 36 31.83 -24.24 34.86
C TRP I 36 32.05 -24.04 33.38
N VAL I 37 33.31 -24.11 32.95
CA VAL I 37 33.70 -23.96 31.56
C VAL I 37 34.53 -25.18 31.17
N ARG I 38 34.19 -25.80 30.05
CA ARG I 38 34.92 -26.96 29.57
C ARG I 38 35.68 -26.62 28.29
N GLN I 39 36.72 -27.40 28.04
CA GLN I 39 37.61 -27.17 26.89
C GLN I 39 38.03 -28.52 26.34
N ALA I 40 37.61 -28.82 25.11
CA ALA I 40 38.06 -30.02 24.43
C ALA I 40 39.58 -29.99 24.30
N PRO I 41 40.22 -31.18 24.16
CA PRO I 41 41.70 -31.25 24.24
C PRO I 41 42.46 -30.14 23.53
N GLY I 42 42.03 -29.80 22.31
CA GLY I 42 42.72 -28.75 21.58
C GLY I 42 41.85 -27.59 21.17
N GLN I 43 40.60 -27.58 21.60
CA GLN I 43 39.68 -26.60 21.07
C GLN I 43 39.54 -25.43 22.05
N GLY I 44 38.52 -24.60 21.84
CA GLY I 44 38.30 -23.42 22.65
C GLY I 44 37.47 -23.67 23.88
N LEU I 45 37.00 -22.59 24.47
CA LEU I 45 36.30 -22.61 25.76
C LEU I 45 34.80 -22.65 25.53
N GLU I 46 34.11 -23.44 26.33
CA GLU I 46 32.66 -23.53 26.22
C GLU I 46 32.05 -23.48 27.62
N TRP I 47 31.05 -22.61 27.78
CA TRP I 47 30.40 -22.39 29.05
C TRP I 47 29.34 -23.44 29.31
N VAL I 48 29.31 -23.98 30.53
CA VAL I 48 28.38 -25.04 30.90
C VAL I 48 27.20 -24.48 31.69
N GLY I 49 27.47 -23.69 32.73
CA GLY I 49 26.42 -23.12 33.53
C GLY I 49 26.99 -22.46 34.77
N TRP I 50 26.09 -21.81 35.51
CA TRP I 50 26.45 -21.24 36.80
C TRP I 50 25.48 -21.73 37.86
N ILE I 51 25.89 -21.59 39.12
CA ILE I 51 25.05 -21.94 40.26
C ILE I 51 25.12 -20.80 41.27
N ASN I 52 23.97 -20.49 41.87
CA ASN I 52 23.90 -19.48 42.92
C ASN I 52 24.14 -20.16 44.25
N PRO I 53 25.24 -19.87 44.96
CA PRO I 53 25.52 -20.60 46.21
C PRO I 53 24.58 -20.25 47.35
N ASN I 54 23.88 -19.12 47.27
CA ASN I 54 22.96 -18.73 48.33
C ASN I 54 21.64 -19.48 48.23
N SER I 55 21.21 -19.79 47.01
CA SER I 55 19.92 -20.43 46.77
C SER I 55 20.01 -21.81 46.16
N GLY I 56 21.16 -22.20 45.62
CA GLY I 56 21.27 -23.42 44.86
C GLY I 56 20.69 -23.34 43.46
N GLY I 57 20.16 -22.19 43.06
CA GLY I 57 19.64 -22.06 41.72
C GLY I 57 20.73 -22.19 40.68
N THR I 58 20.33 -22.63 39.48
CA THR I 58 21.27 -22.92 38.42
C THR I 58 20.74 -22.36 37.11
N ASN I 59 21.64 -22.28 36.12
CA ASN I 59 21.26 -21.88 34.77
C ASN I 59 22.25 -22.57 33.83
N TYR I 60 21.86 -23.72 33.31
CA TYR I 60 22.71 -24.49 32.41
C TYR I 60 22.53 -24.01 30.99
N ALA I 61 23.58 -24.17 30.18
CA ALA I 61 23.45 -23.97 28.75
C ALA I 61 22.48 -24.99 28.16
N GLN I 62 21.73 -24.55 27.14
CA GLN I 62 20.74 -25.44 26.52
C GLN I 62 21.37 -26.72 25.99
N LYS I 63 22.68 -26.69 25.73
CA LYS I 63 23.40 -27.84 25.20
C LYS I 63 23.42 -29.00 26.20
N PHE I 64 23.43 -28.71 27.50
CA PHE I 64 23.55 -29.74 28.52
C PHE I 64 22.32 -29.81 29.43
N GLN I 65 21.18 -29.27 28.99
CA GLN I 65 20.05 -29.07 29.90
C GLN I 65 19.60 -30.37 30.56
N GLY I 66 19.45 -31.42 29.78
CA GLY I 66 18.94 -32.66 30.35
C GLY I 66 19.94 -33.52 31.07
N ARG I 67 21.24 -33.24 30.94
CA ARG I 67 22.26 -34.17 31.41
C ARG I 67 23.17 -33.64 32.50
N VAL I 68 23.10 -32.36 32.85
CA VAL I 68 24.01 -31.78 33.83
C VAL I 68 23.24 -31.35 35.06
N THR I 69 23.90 -31.46 36.22
CA THR I 69 23.33 -31.08 37.50
C THR I 69 24.44 -30.45 38.33
N MET I 70 24.17 -29.27 38.88
CA MET I 70 25.12 -28.52 39.68
C MET I 70 24.62 -28.34 41.10
N THR I 71 25.47 -28.62 42.09
CA THR I 71 25.16 -28.46 43.49
C THR I 71 26.31 -27.75 44.19
N ARG I 72 26.11 -27.44 45.46
CA ARG I 72 27.15 -26.79 46.25
C ARG I 72 26.99 -27.18 47.72
N ASP I 73 28.10 -27.13 48.45
CA ASP I 73 28.13 -27.41 49.88
C ASP I 73 28.71 -26.18 50.57
N THR I 74 27.85 -25.39 51.23
CA THR I 74 28.28 -24.14 51.83
C THR I 74 29.20 -24.34 53.02
N SER I 75 29.02 -25.44 53.76
CA SER I 75 29.83 -25.68 54.95
C SER I 75 31.30 -25.83 54.61
N ILE I 76 31.61 -26.32 53.41
CA ILE I 76 32.99 -26.53 52.95
C ILE I 76 33.33 -25.72 51.72
N SER I 77 32.42 -24.86 51.24
CA SER I 77 32.65 -24.00 50.10
C SER I 77 33.16 -24.81 48.90
N THR I 78 32.34 -25.78 48.50
CA THR I 78 32.69 -26.69 47.42
C THR I 78 31.52 -26.77 46.43
N ALA I 79 31.81 -26.53 45.16
CA ALA I 79 30.84 -26.66 44.09
C ALA I 79 31.02 -28.01 43.40
N TYR I 80 29.91 -28.58 42.96
CA TYR I 80 29.91 -29.88 42.29
C TYR I 80 29.22 -29.74 40.94
N MET I 81 29.68 -30.54 39.98
CA MET I 81 29.02 -30.65 38.68
C MET I 81 28.95 -32.11 38.27
N GLU I 82 27.76 -32.56 37.93
CA GLU I 82 27.54 -33.94 37.49
C GLU I 82 26.95 -33.93 36.09
N LEU I 83 27.65 -34.56 35.15
CA LEU I 83 27.19 -34.72 33.77
C LEU I 83 26.83 -36.18 33.54
N SER I 84 25.56 -36.44 33.20
CA SER I 84 25.02 -37.77 33.05
C SER I 84 24.90 -38.12 31.56
N ARG I 85 24.77 -39.42 31.29
CA ARG I 85 24.71 -39.93 29.92
C ARG I 85 25.86 -39.38 29.08
N LEU I 86 27.06 -39.69 29.53
CA LEU I 86 28.27 -39.18 28.90
C LEU I 86 28.40 -39.73 27.49
N ARG I 87 28.97 -38.91 26.62
CA ARG I 87 29.27 -39.27 25.24
C ARG I 87 30.71 -38.90 24.94
N SER I 88 31.20 -39.39 23.79
CA SER I 88 32.59 -39.16 23.45
C SER I 88 32.93 -37.68 23.27
N ASP I 89 31.95 -36.86 22.87
CA ASP I 89 32.20 -35.44 22.73
C ASP I 89 32.41 -34.74 24.07
N ASP I 90 32.01 -35.37 25.19
CA ASP I 90 32.14 -34.73 26.48
C ASP I 90 33.54 -34.85 27.07
N THR I 91 34.43 -35.59 26.42
CA THR I 91 35.82 -35.65 26.85
C THR I 91 36.48 -34.29 26.71
N ALA I 92 36.84 -33.68 27.83
CA ALA I 92 37.37 -32.33 27.84
C ALA I 92 37.98 -32.06 29.21
N VAL I 93 38.59 -30.89 29.36
CA VAL I 93 39.06 -30.38 30.64
C VAL I 93 38.00 -29.45 31.19
N TYR I 94 37.52 -29.74 32.38
CA TYR I 94 36.44 -28.97 33.00
C TYR I 94 37.01 -28.05 34.07
N TYR I 95 36.79 -26.75 33.91
CA TYR I 95 37.24 -25.75 34.85
C TYR I 95 36.07 -25.21 35.65
N CYS I 96 36.36 -24.75 36.85
CA CYS I 96 35.43 -23.93 37.63
C CYS I 96 36.04 -22.54 37.81
N ALA I 97 35.17 -21.53 37.86
CA ALA I 97 35.66 -20.16 37.91
C ALA I 97 34.74 -19.31 38.77
N ARG I 98 35.29 -18.20 39.25
CA ARG I 98 34.58 -17.22 40.07
C ARG I 98 34.10 -16.06 39.22
N VAL I 99 32.86 -15.64 39.47
CA VAL I 99 32.28 -14.45 38.85
C VAL I 99 31.54 -13.67 39.93
N SER I 100 31.82 -12.37 40.04
CA SER I 100 31.21 -11.55 41.08
C SER I 100 29.71 -11.45 40.86
N GLN I 101 28.94 -11.62 41.94
CA GLN I 101 27.49 -11.55 41.86
C GLN I 101 27.02 -10.12 41.67
N TYR I 102 27.71 -9.16 42.28
CA TYR I 102 27.30 -7.75 42.23
C TYR I 102 27.89 -7.02 41.04
N SER I 103 28.66 -7.69 40.19
CA SER I 103 29.28 -7.04 39.05
C SER I 103 28.30 -6.91 37.89
N SER I 104 28.52 -5.89 37.08
CA SER I 104 27.68 -5.67 35.89
C SER I 104 28.02 -6.66 34.78
N GLY I 105 29.23 -7.22 34.78
CA GLY I 105 29.62 -8.18 33.77
C GLY I 105 30.26 -9.41 34.38
N TRP I 106 30.55 -10.38 33.52
CA TRP I 106 31.15 -11.65 33.94
C TRP I 106 32.66 -11.56 33.79
N TYR I 107 33.36 -11.56 34.92
CA TYR I 107 34.83 -11.58 34.95
C TYR I 107 35.25 -12.90 35.58
N PHE I 108 35.58 -13.87 34.74
CA PHE I 108 36.03 -15.18 35.22
C PHE I 108 37.39 -15.05 35.89
N GLY I 109 37.45 -15.34 37.19
CA GLY I 109 38.68 -15.26 37.93
C GLY I 109 38.88 -16.48 38.80
N TYR I 110 40.15 -16.70 39.17
CA TYR I 110 40.55 -17.81 40.04
C TYR I 110 40.01 -19.15 39.53
N TRP I 111 40.41 -19.46 38.29
CA TRP I 111 40.05 -20.73 37.69
C TRP I 111 40.69 -21.88 38.46
N GLY I 112 40.04 -23.03 38.43
CA GLY I 112 40.65 -24.24 38.94
C GLY I 112 41.75 -24.74 38.01
N GLN I 113 42.51 -25.72 38.49
CA GLN I 113 43.56 -26.27 37.66
C GLN I 113 43.03 -27.08 36.49
N GLY I 114 41.73 -27.37 36.48
CA GLY I 114 41.15 -28.17 35.43
C GLY I 114 41.05 -29.63 35.81
N THR I 115 40.05 -30.30 35.24
CA THR I 115 39.82 -31.72 35.47
C THR I 115 39.56 -32.39 34.12
N LEU I 116 40.46 -33.27 33.72
CA LEU I 116 40.33 -33.99 32.45
C LEU I 116 39.41 -35.18 32.67
N VAL I 117 38.28 -35.19 31.97
CA VAL I 117 37.31 -36.27 32.05
C VAL I 117 37.31 -37.00 30.71
N THR I 118 37.58 -38.30 30.75
CA THR I 118 37.65 -39.13 29.55
C THR I 118 36.47 -40.09 29.51
N VAL I 119 35.73 -40.07 28.40
CA VAL I 119 34.67 -41.04 28.14
C VAL I 119 35.22 -42.07 27.17
N SER I 120 35.29 -43.32 27.63
CA SER I 120 35.83 -44.39 26.81
C SER I 120 35.39 -45.73 27.38
N SER I 121 35.17 -46.70 26.48
CA SER I 121 34.81 -48.06 26.85
C SER I 121 36.03 -48.88 27.28
N ALA I 122 37.20 -48.26 27.38
CA ALA I 122 38.42 -48.92 27.80
C ALA I 122 38.54 -48.86 29.32
N SER I 123 39.38 -49.74 29.87
CA SER I 123 39.53 -49.82 31.31
C SER I 123 40.78 -49.08 31.76
N THR I 124 40.79 -48.70 33.04
CA THR I 124 41.91 -48.00 33.63
C THR I 124 43.09 -48.94 33.80
N LYS I 125 44.25 -48.52 33.28
CA LYS I 125 45.47 -49.32 33.35
C LYS I 125 46.63 -48.46 33.82
N GLY I 126 47.40 -48.98 34.78
CA GLY I 126 48.57 -48.29 35.28
C GLY I 126 49.74 -48.39 34.33
N PRO I 127 50.64 -47.41 34.40
CA PRO I 127 51.79 -47.38 33.49
C PRO I 127 52.98 -48.20 33.97
N SER I 128 53.67 -48.78 32.99
CA SER I 128 54.97 -49.39 33.22
C SER I 128 56.03 -48.36 32.85
N VAL I 129 56.99 -48.16 33.75
CA VAL I 129 58.03 -47.14 33.58
C VAL I 129 59.36 -47.84 33.28
N PHE I 130 60.03 -47.39 32.23
CA PHE I 130 61.30 -47.94 31.85
C PHE I 130 62.32 -46.81 31.69
N PRO I 131 63.57 -47.02 32.11
CA PRO I 131 64.56 -45.95 32.01
C PRO I 131 65.15 -45.87 30.61
N LEU I 132 65.55 -44.66 30.24
CA LEU I 132 66.23 -44.39 28.98
C LEU I 132 67.67 -44.00 29.28
N ALA I 133 68.60 -44.93 29.05
CA ALA I 133 69.98 -44.72 29.41
C ALA I 133 70.58 -43.59 28.56
N PRO I 134 71.40 -42.72 29.14
CA PRO I 134 71.93 -41.58 28.39
C PRO I 134 72.76 -42.02 27.18
N SER I 135 72.90 -41.09 26.24
CA SER I 135 73.52 -41.38 24.96
C SER I 135 74.99 -41.76 25.14
N SER I 136 75.57 -42.23 24.03
CA SER I 136 76.98 -42.65 23.97
C SER I 136 77.40 -43.51 25.16
N SER I 140 77.23 -37.10 24.71
CA SER I 140 77.06 -36.39 23.45
C SER I 140 77.38 -34.90 23.62
N GLY I 141 78.63 -34.53 23.31
CA GLY I 141 79.01 -33.14 23.43
C GLY I 141 79.15 -32.74 24.89
N GLY I 142 78.90 -31.45 25.17
CA GLY I 142 79.00 -31.00 26.55
C GLY I 142 77.77 -31.22 27.41
N THR I 143 76.64 -31.58 26.79
CA THR I 143 75.40 -31.83 27.51
C THR I 143 74.92 -33.25 27.22
N ALA I 144 74.56 -33.99 28.26
CA ALA I 144 74.01 -35.33 28.09
C ALA I 144 72.53 -35.31 28.42
N ALA I 145 71.77 -36.19 27.78
CA ALA I 145 70.33 -36.27 27.95
C ALA I 145 69.95 -37.62 28.51
N LEU I 146 69.06 -37.61 29.50
CA LEU I 146 68.57 -38.83 30.12
C LEU I 146 67.12 -38.64 30.53
N GLY I 147 66.38 -39.74 30.55
CA GLY I 147 64.97 -39.68 30.89
C GLY I 147 64.43 -41.05 31.22
N CYS I 148 63.12 -41.10 31.46
CA CYS I 148 62.41 -42.34 31.70
C CYS I 148 61.22 -42.41 30.77
N LEU I 149 60.86 -43.64 30.38
CA LEU I 149 59.82 -43.89 29.39
C LEU I 149 58.57 -44.45 30.08
N VAL I 150 57.48 -43.68 30.03
CA VAL I 150 56.21 -44.07 30.64
C VAL I 150 55.32 -44.62 29.53
N LYS I 151 55.18 -45.96 29.50
CA LYS I 151 54.46 -46.65 28.44
C LYS I 151 53.22 -47.36 28.98
N ASP I 152 52.22 -47.48 28.11
CA ASP I 152 51.05 -48.32 28.34
C ASP I 152 50.29 -47.92 29.59
N TYR I 153 49.48 -46.86 29.49
CA TYR I 153 48.61 -46.46 30.59
C TYR I 153 47.33 -45.88 30.00
N PHE I 154 46.29 -45.84 30.84
CA PHE I 154 45.01 -45.28 30.44
C PHE I 154 44.21 -44.99 31.69
N PRO I 155 43.55 -43.82 31.77
CA PRO I 155 43.64 -42.79 30.74
C PRO I 155 44.65 -41.70 31.08
N GLU I 156 44.65 -40.64 30.29
CA GLU I 156 45.45 -39.47 30.60
C GLU I 156 44.91 -38.78 31.86
N PRO I 157 45.75 -37.99 32.55
CA PRO I 157 47.15 -37.73 32.25
C PRO I 157 48.13 -38.35 33.24
N VAL I 158 49.42 -38.20 32.96
CA VAL I 158 50.49 -38.54 33.89
C VAL I 158 51.39 -37.32 34.05
N THR I 159 51.72 -36.99 35.30
CA THR I 159 52.63 -35.89 35.60
C THR I 159 53.99 -36.47 35.96
N VAL I 160 55.04 -35.93 35.35
CA VAL I 160 56.40 -36.43 35.56
C VAL I 160 57.27 -35.28 36.07
N SER I 161 57.80 -35.44 37.27
CA SER I 161 58.77 -34.53 37.85
C SER I 161 60.11 -35.25 38.00
N TRP I 162 61.17 -34.45 38.12
CA TRP I 162 62.54 -34.97 38.21
C TRP I 162 63.14 -34.51 39.53
N ASN I 163 63.62 -35.47 40.32
CA ASN I 163 64.22 -35.20 41.64
C ASN I 163 63.24 -34.47 42.55
N SER I 164 61.98 -34.89 42.52
CA SER I 164 60.94 -34.36 43.41
C SER I 164 60.78 -32.84 43.25
N GLY I 165 60.93 -32.36 42.02
CA GLY I 165 60.75 -30.95 41.72
C GLY I 165 62.00 -30.10 41.82
N ALA I 166 63.15 -30.68 42.18
CA ALA I 166 64.36 -29.88 42.32
C ALA I 166 65.00 -29.58 40.98
N LEU I 167 64.82 -30.46 39.99
CA LEU I 167 65.36 -30.29 38.65
C LEU I 167 64.25 -29.73 37.77
N THR I 168 64.36 -28.44 37.40
CA THR I 168 63.33 -27.82 36.58
C THR I 168 63.87 -27.18 35.31
N SER I 169 65.17 -27.05 35.16
CA SER I 169 65.76 -26.45 33.97
C SER I 169 66.04 -27.51 32.91
N GLY I 170 65.70 -27.18 31.66
CA GLY I 170 65.96 -28.09 30.56
C GLY I 170 65.08 -29.31 30.48
N VAL I 171 64.05 -29.42 31.31
CA VAL I 171 63.15 -30.57 31.25
C VAL I 171 62.12 -30.33 30.14
N HIS I 172 61.98 -31.32 29.27
CA HIS I 172 60.99 -31.29 28.19
C HIS I 172 60.17 -32.59 28.26
N THR I 173 58.98 -32.50 28.83
CA THR I 173 58.06 -33.63 28.93
C THR I 173 57.11 -33.62 27.74
N PHE I 174 57.16 -34.67 26.93
CA PHE I 174 56.42 -34.71 25.68
C PHE I 174 54.97 -35.14 25.91
N PRO I 175 54.04 -34.62 25.10
CA PRO I 175 52.66 -35.08 25.18
C PRO I 175 52.54 -36.55 24.83
N ALA I 176 51.58 -37.22 25.46
CA ALA I 176 51.36 -38.64 25.24
C ALA I 176 50.93 -38.89 23.79
N VAL I 177 51.14 -40.12 23.34
CA VAL I 177 50.78 -40.55 22.00
C VAL I 177 49.91 -41.79 22.12
N LEU I 178 48.79 -41.80 21.39
CA LEU I 178 47.88 -42.94 21.37
C LEU I 178 48.42 -44.03 20.45
N GLN I 179 48.61 -45.21 21.02
CA GLN I 179 49.15 -46.37 20.32
C GLN I 179 48.03 -47.16 19.66
N SER I 180 48.43 -48.12 18.80
CA SER I 180 47.45 -49.00 18.18
C SER I 180 46.79 -49.91 19.21
N SER I 181 47.49 -50.23 20.30
CA SER I 181 46.92 -51.03 21.38
C SER I 181 45.86 -50.27 22.17
N GLY I 182 45.78 -48.95 22.02
CA GLY I 182 44.82 -48.15 22.74
C GLY I 182 45.34 -47.51 24.01
N LEU I 183 46.63 -47.65 24.32
CA LEU I 183 47.18 -47.08 25.54
C LEU I 183 48.09 -45.90 25.21
N TYR I 184 48.30 -45.05 26.21
CA TYR I 184 49.14 -43.86 26.04
C TYR I 184 50.58 -44.14 26.45
N SER I 185 51.48 -43.32 25.93
CA SER I 185 52.89 -43.35 26.32
C SER I 185 53.53 -42.01 26.02
N LEU I 186 54.28 -41.48 26.97
CA LEU I 186 55.05 -40.26 26.78
C LEU I 186 56.47 -40.51 27.30
N SER I 187 57.37 -39.60 26.94
CA SER I 187 58.73 -39.62 27.45
C SER I 187 59.04 -38.28 28.07
N SER I 188 59.73 -38.31 29.21
CA SER I 188 60.16 -37.09 29.90
C SER I 188 61.68 -37.13 29.99
N VAL I 189 62.32 -36.12 29.40
CA VAL I 189 63.77 -36.06 29.32
C VAL I 189 64.28 -34.80 29.99
N VAL I 190 65.58 -34.80 30.28
CA VAL I 190 66.27 -33.64 30.84
C VAL I 190 67.73 -33.70 30.41
N THR I 191 68.26 -32.55 30.03
CA THR I 191 69.65 -32.42 29.61
C THR I 191 70.51 -31.91 30.76
N VAL I 192 71.57 -32.64 31.05
CA VAL I 192 72.47 -32.28 32.16
C VAL I 192 73.89 -32.26 31.64
N PRO I 193 74.79 -31.53 32.32
CA PRO I 193 76.21 -31.60 31.95
C PRO I 193 76.72 -33.02 32.10
N SER I 194 77.61 -33.41 31.18
CA SER I 194 78.12 -34.78 31.17
C SER I 194 78.90 -35.14 32.41
N SER I 195 79.46 -34.15 33.13
CA SER I 195 80.19 -34.46 34.34
C SER I 195 79.28 -34.97 35.44
N SER I 196 78.05 -34.48 35.51
CA SER I 196 77.14 -34.88 36.58
C SER I 196 76.72 -36.33 36.49
N LEU I 197 76.93 -36.99 35.35
CA LEU I 197 76.62 -38.41 35.25
C LEU I 197 77.59 -39.21 36.12
N GLY I 198 77.04 -40.13 36.92
CA GLY I 198 77.81 -40.93 37.85
C GLY I 198 77.97 -40.31 39.24
N THR I 199 77.90 -38.99 39.34
CA THR I 199 77.98 -38.29 40.62
C THR I 199 76.66 -37.66 41.03
N GLN I 200 75.61 -37.81 40.21
CA GLN I 200 74.29 -37.24 40.47
C GLN I 200 73.24 -38.32 40.26
N THR I 201 72.37 -38.47 41.25
CA THR I 201 71.30 -39.45 41.19
C THR I 201 70.08 -38.78 40.56
N TYR I 202 69.64 -39.31 39.42
CA TYR I 202 68.49 -38.77 38.70
C TYR I 202 67.33 -39.74 38.82
N ILE I 203 66.24 -39.29 39.40
CA ILE I 203 65.04 -40.09 39.59
C ILE I 203 63.86 -39.31 39.04
N CYS I 204 63.03 -39.96 38.22
CA CYS I 204 61.81 -39.37 37.69
C CYS I 204 60.62 -39.86 38.51
N ASN I 205 59.69 -38.95 38.77
CA ASN I 205 58.53 -39.23 39.60
C ASN I 205 57.31 -39.25 38.71
N VAL I 206 56.78 -40.44 38.44
CA VAL I 206 55.65 -40.63 37.55
C VAL I 206 54.41 -40.83 38.41
N ASN I 207 53.41 -39.97 38.23
CA ASN I 207 52.16 -40.06 38.97
C ASN I 207 51.01 -40.23 37.98
N HIS I 208 50.22 -41.29 38.18
CA HIS I 208 49.03 -41.55 37.37
C HIS I 208 47.88 -41.81 38.35
N LYS I 209 47.15 -40.75 38.70
CA LYS I 209 46.09 -40.85 39.69
C LYS I 209 44.85 -41.63 39.23
N PRO I 210 44.48 -41.62 37.94
CA PRO I 210 43.34 -42.45 37.53
C PRO I 210 43.52 -43.92 37.91
N SER I 211 44.76 -44.40 37.96
CA SER I 211 45.05 -45.75 38.42
C SER I 211 45.69 -45.73 39.80
N ASN I 212 45.87 -44.55 40.38
CA ASN I 212 46.44 -44.37 41.72
C ASN I 212 47.80 -45.04 41.83
N THR I 213 48.68 -44.73 40.88
CA THR I 213 50.02 -45.30 40.81
C THR I 213 51.07 -44.20 40.85
N LYS I 214 52.04 -44.33 41.75
CA LYS I 214 53.19 -43.44 41.82
C LYS I 214 54.44 -44.28 41.72
N VAL I 215 55.27 -44.01 40.72
CA VAL I 215 56.46 -44.79 40.46
C VAL I 215 57.63 -43.83 40.33
N ASP I 216 58.68 -44.06 41.11
CA ASP I 216 59.93 -43.33 41.00
C ASP I 216 60.98 -44.25 40.40
N LYS I 217 61.60 -43.81 39.31
CA LYS I 217 62.55 -44.65 38.57
C LYS I 217 63.92 -43.98 38.56
N LYS I 218 64.92 -44.69 39.07
CA LYS I 218 66.30 -44.22 39.00
C LYS I 218 66.89 -44.60 37.65
N VAL I 219 67.39 -43.62 36.92
CA VAL I 219 67.94 -43.83 35.58
C VAL I 219 69.46 -43.70 35.65
N GLU I 220 70.16 -44.78 35.30
CA GLU I 220 71.61 -44.83 35.30
C GLU I 220 72.10 -45.41 33.98
N PRO I 221 73.24 -44.95 33.48
CA PRO I 221 73.77 -45.48 32.22
C PRO I 221 74.43 -46.84 32.42
N LYS I 222 74.71 -47.45 31.28
CA LYS I 222 75.32 -48.79 31.22
C LYS I 222 74.48 -49.82 31.97
N ASP J 4 -36.02 -67.38 -1.76
CA ASP J 4 -36.06 -66.94 -3.15
C ASP J 4 -34.63 -66.79 -3.69
N THR J 5 -34.50 -66.69 -5.00
CA THR J 5 -33.20 -66.54 -5.66
C THR J 5 -33.25 -65.36 -6.63
N ILE J 6 -32.08 -64.80 -6.89
CA ILE J 6 -31.91 -63.71 -7.85
C ILE J 6 -31.44 -64.32 -9.16
N THR J 7 -32.23 -64.13 -10.22
CA THR J 7 -31.92 -64.68 -11.53
C THR J 7 -31.42 -63.56 -12.42
N LEU J 8 -30.24 -63.73 -13.01
CA LEU J 8 -29.64 -62.71 -13.85
C LEU J 8 -29.77 -63.12 -15.30
N PRO J 9 -30.36 -62.30 -16.17
CA PRO J 9 -30.44 -62.65 -17.59
C PRO J 9 -29.08 -62.45 -18.25
N CYS J 10 -28.64 -63.46 -19.01
CA CYS J 10 -27.33 -63.44 -19.64
C CYS J 10 -27.47 -63.77 -21.12
N ARG J 11 -26.59 -63.18 -21.92
CA ARG J 11 -26.56 -63.40 -23.37
C ARG J 11 -25.10 -63.60 -23.78
N PRO J 12 -24.73 -64.76 -24.34
CA PRO J 12 -25.59 -65.94 -24.53
C PRO J 12 -25.72 -66.80 -23.28
N ALA J 13 -26.30 -67.98 -23.43
CA ALA J 13 -26.54 -68.88 -22.30
C ALA J 13 -25.22 -69.47 -21.81
N PRO J 14 -24.82 -69.21 -20.57
CA PRO J 14 -23.57 -69.78 -20.05
C PRO J 14 -23.74 -71.24 -19.69
N PRO J 15 -22.82 -72.11 -20.11
CA PRO J 15 -22.92 -73.52 -19.77
C PRO J 15 -22.75 -73.74 -18.28
N PRO J 16 -23.21 -74.89 -17.76
CA PRO J 16 -23.09 -75.13 -16.32
C PRO J 16 -21.66 -75.15 -15.81
N HIS J 17 -20.68 -75.52 -16.64
CA HIS J 17 -19.29 -75.53 -16.19
C HIS J 17 -18.68 -74.13 -16.10
N CYS J 18 -19.45 -73.08 -16.39
CA CYS J 18 -19.01 -71.71 -16.19
C CYS J 18 -19.48 -71.12 -14.87
N SER J 19 -20.20 -71.89 -14.05
CA SER J 19 -20.59 -71.40 -12.74
C SER J 19 -19.35 -71.18 -11.88
N SER J 20 -19.35 -70.09 -11.11
CA SER J 20 -18.16 -69.69 -10.36
C SER J 20 -18.59 -69.12 -9.02
N ASN J 21 -17.63 -68.49 -8.34
CA ASN J 21 -17.84 -67.87 -7.03
C ASN J 21 -17.52 -66.39 -7.11
N ILE J 22 -18.45 -65.57 -6.64
CA ILE J 22 -18.25 -64.12 -6.58
C ILE J 22 -17.37 -63.83 -5.38
N THR J 23 -16.12 -63.42 -5.63
CA THR J 23 -15.16 -63.16 -4.58
C THR J 23 -14.98 -61.67 -4.29
N GLY J 24 -15.57 -60.79 -5.08
CA GLY J 24 -15.42 -59.37 -4.83
C GLY J 24 -16.23 -58.56 -5.82
N LEU J 25 -16.28 -57.26 -5.55
CA LEU J 25 -17.01 -56.32 -6.39
C LEU J 25 -16.19 -55.04 -6.52
N ILE J 26 -16.63 -54.16 -7.41
CA ILE J 26 -16.03 -52.85 -7.60
C ILE J 26 -17.16 -51.85 -7.79
N LEU J 27 -17.11 -50.75 -7.05
CA LEU J 27 -18.22 -49.81 -6.96
C LEU J 27 -17.77 -48.40 -7.31
N THR J 28 -18.77 -47.56 -7.56
CA THR J 28 -18.57 -46.13 -7.75
C THR J 28 -19.55 -45.39 -6.85
N ARG J 29 -19.03 -44.47 -6.04
CA ARG J 29 -19.84 -43.67 -5.14
C ARG J 29 -20.37 -42.44 -5.87
N GLN J 30 -21.68 -42.21 -5.76
CA GLN J 30 -22.30 -41.09 -6.44
C GLN J 30 -21.91 -39.78 -5.75
N GLY J 31 -21.51 -38.79 -6.55
CA GLY J 31 -21.02 -37.53 -6.02
C GLY J 31 -22.12 -36.50 -5.87
N GLY J 32 -21.69 -35.28 -5.54
CA GLY J 32 -22.61 -34.19 -5.31
C GLY J 32 -23.08 -34.13 -3.86
N TYR J 33 -23.78 -33.05 -3.54
CA TYR J 33 -24.32 -32.89 -2.20
C TYR J 33 -25.43 -33.89 -1.95
N SER J 34 -25.41 -34.51 -0.76
CA SER J 34 -26.32 -35.61 -0.47
C SER J 34 -27.72 -35.12 -0.11
N ASN J 35 -27.83 -33.92 0.46
CA ASN J 35 -29.09 -33.37 0.98
C ASN J 35 -29.73 -34.26 2.03
N ALA J 36 -29.01 -35.27 2.52
CA ALA J 36 -29.52 -36.21 3.50
C ALA J 36 -28.34 -36.96 4.10
N ASN J 37 -28.64 -37.87 5.02
CA ASN J 37 -27.62 -38.71 5.66
C ASN J 37 -27.48 -40.04 4.91
N THR J 38 -27.20 -39.93 3.61
CA THR J 38 -27.16 -41.10 2.75
C THR J 38 -25.97 -41.05 1.80
N VAL J 39 -25.38 -42.22 1.55
CA VAL J 39 -24.38 -42.42 0.53
C VAL J 39 -24.86 -43.50 -0.44
N ILE J 40 -24.70 -43.25 -1.73
CA ILE J 40 -25.19 -44.14 -2.78
C ILE J 40 -24.00 -44.75 -3.51
N PHE J 41 -24.12 -46.04 -3.83
CA PHE J 41 -23.08 -46.76 -4.55
C PHE J 41 -23.69 -47.52 -5.72
N ARG J 42 -22.98 -47.58 -6.83
CA ARG J 42 -23.39 -48.24 -8.05
C ARG J 42 -22.26 -49.11 -8.56
N PRO J 43 -22.55 -50.03 -9.49
CA PRO J 43 -21.46 -50.70 -10.21
C PRO J 43 -20.51 -49.67 -10.83
N SER J 44 -19.23 -50.00 -10.85
CA SER J 44 -18.20 -49.04 -11.20
C SER J 44 -18.45 -48.44 -12.59
N GLY J 45 -18.38 -47.10 -12.66
CA GLY J 45 -18.47 -46.38 -13.90
C GLY J 45 -17.15 -46.16 -14.60
N GLY J 46 -16.08 -46.78 -14.12
CA GLY J 46 -14.77 -46.67 -14.75
C GLY J 46 -14.62 -47.66 -15.87
N ASP J 47 -13.36 -47.88 -16.27
CA ASP J 47 -13.07 -48.81 -17.36
C ASP J 47 -12.19 -49.96 -16.87
N TRP J 48 -11.37 -50.51 -17.76
CA TRP J 48 -10.50 -51.63 -17.38
C TRP J 48 -9.41 -51.19 -16.43
N ARG J 49 -9.02 -49.91 -16.46
CA ARG J 49 -8.04 -49.40 -15.51
C ARG J 49 -8.50 -49.62 -14.08
N ASP J 50 -9.76 -49.33 -13.79
CA ASP J 50 -10.29 -49.49 -12.44
C ASP J 50 -10.22 -50.95 -11.98
N ILE J 51 -10.45 -51.88 -12.90
CA ILE J 51 -10.42 -53.30 -12.53
C ILE J 51 -9.00 -53.77 -12.25
N ALA J 52 -8.03 -53.31 -13.04
CA ALA J 52 -6.66 -53.75 -12.86
C ALA J 52 -6.12 -53.28 -11.50
N ARG J 53 -6.50 -52.08 -11.08
CA ARG J 53 -6.07 -51.56 -9.79
C ARG J 53 -6.72 -52.26 -8.60
N CYS J 54 -7.76 -53.07 -8.85
CA CYS J 54 -8.37 -53.81 -7.76
C CYS J 54 -7.46 -54.90 -7.24
N GLN J 55 -6.69 -55.54 -8.13
CA GLN J 55 -5.68 -56.56 -7.82
C GLN J 55 -6.22 -57.63 -6.86
N ILE J 56 -7.49 -58.00 -7.04
CA ILE J 56 -8.10 -59.10 -6.30
C ILE J 56 -8.78 -60.06 -7.28
N ALA J 57 -8.50 -59.91 -8.56
CA ALA J 57 -9.07 -60.78 -9.59
C ALA J 57 -8.16 -61.97 -9.85
N GLY J 58 -8.77 -63.09 -10.22
CA GLY J 58 -8.02 -64.30 -10.52
C GLY J 58 -7.65 -64.38 -11.99
N THR J 59 -7.93 -65.52 -12.62
CA THR J 59 -7.65 -65.67 -14.04
C THR J 59 -8.83 -65.27 -14.91
N VAL J 60 -10.01 -65.11 -14.32
CA VAL J 60 -11.22 -64.77 -15.07
C VAL J 60 -11.30 -63.25 -15.20
N VAL J 61 -11.32 -62.77 -16.44
CA VAL J 61 -11.56 -61.36 -16.69
C VAL J 61 -13.04 -61.08 -16.50
N SER J 62 -13.35 -60.04 -15.74
CA SER J 62 -14.74 -59.80 -15.39
C SER J 62 -14.94 -58.34 -15.01
N THR J 63 -16.17 -57.86 -15.19
CA THR J 63 -16.57 -56.52 -14.80
C THR J 63 -17.60 -56.59 -13.68
N GLN J 64 -17.70 -55.49 -12.93
CA GLN J 64 -18.63 -55.33 -11.82
C GLN J 64 -18.37 -56.33 -10.70
N LEU J 65 -18.39 -57.63 -11.00
CA LEU J 65 -18.13 -58.67 -10.02
C LEU J 65 -16.85 -59.42 -10.36
N PHE J 66 -16.10 -59.80 -9.33
CA PHE J 66 -14.90 -60.61 -9.49
C PHE J 66 -15.24 -62.07 -9.26
N LEU J 67 -14.86 -62.91 -10.21
CA LEU J 67 -15.21 -64.33 -10.20
C LEU J 67 -13.96 -65.18 -10.03
N ASN J 68 -14.01 -66.12 -9.09
CA ASN J 68 -12.91 -67.05 -8.83
C ASN J 68 -11.63 -66.31 -8.45
N GLY J 69 -11.77 -65.24 -7.66
CA GLY J 69 -10.64 -64.45 -7.25
C GLY J 69 -10.16 -64.79 -5.84
N SER J 70 -9.33 -63.91 -5.31
CA SER J 70 -8.78 -64.07 -3.96
C SER J 70 -9.76 -63.54 -2.93
N LEU J 71 -9.87 -64.23 -1.81
CA LEU J 71 -10.77 -63.87 -0.74
C LEU J 71 -10.04 -63.23 0.44
N ALA J 72 -10.78 -62.48 1.25
CA ALA J 72 -10.23 -61.95 2.48
C ALA J 72 -10.08 -63.06 3.52
N GLU J 73 -9.41 -62.73 4.62
CA GLU J 73 -9.11 -63.72 5.65
C GLU J 73 -10.13 -63.74 6.78
N GLU J 74 -10.70 -62.60 7.16
CA GLU J 74 -11.61 -62.58 8.29
C GLU J 74 -12.94 -61.92 7.92
N GLU J 75 -12.93 -60.61 7.78
CA GLU J 75 -14.08 -59.80 7.43
C GLU J 75 -13.97 -59.26 6.01
N VAL J 76 -15.09 -58.75 5.50
CA VAL J 76 -15.10 -58.07 4.21
C VAL J 76 -14.19 -56.87 4.25
N VAL J 77 -13.39 -56.69 3.21
CA VAL J 77 -12.39 -55.64 3.13
C VAL J 77 -12.70 -54.76 1.93
N ILE J 78 -12.80 -53.45 2.17
CA ILE J 78 -13.04 -52.46 1.12
C ILE J 78 -11.80 -51.60 1.00
N ARG J 79 -11.47 -51.20 -0.23
CA ARG J 79 -10.29 -50.39 -0.49
C ARG J 79 -10.64 -49.33 -1.53
N SER J 80 -9.88 -48.24 -1.50
CA SER J 80 -10.02 -47.17 -2.48
C SER J 80 -8.73 -46.37 -2.52
N GLU J 81 -8.40 -45.88 -3.72
CA GLU J 81 -7.23 -45.01 -3.86
C GLU J 81 -7.43 -43.69 -3.14
N ASN J 82 -8.66 -43.20 -3.11
CA ASN J 82 -8.98 -41.91 -2.48
C ASN J 82 -10.47 -41.91 -2.19
N TRP J 83 -10.82 -42.02 -0.91
CA TRP J 83 -12.22 -42.16 -0.52
C TRP J 83 -13.05 -40.93 -0.88
N THR J 84 -12.41 -39.78 -1.05
CA THR J 84 -13.14 -38.55 -1.38
C THR J 84 -13.28 -38.34 -2.87
N ASP J 85 -12.44 -38.98 -3.68
CA ASP J 85 -12.49 -38.87 -5.13
C ASP J 85 -13.49 -39.90 -5.65
N ASN J 86 -14.66 -39.43 -6.09
CA ASN J 86 -15.67 -40.36 -6.60
C ASN J 86 -15.27 -40.95 -7.96
N ALA J 87 -14.30 -40.34 -8.64
CA ALA J 87 -13.79 -40.90 -9.88
C ALA J 87 -12.88 -42.09 -9.66
N LYS J 88 -12.51 -42.37 -8.41
CA LYS J 88 -11.74 -43.55 -8.06
C LYS J 88 -12.68 -44.61 -7.52
N SER J 89 -12.62 -45.81 -8.10
CA SER J 89 -13.55 -46.87 -7.72
C SER J 89 -13.19 -47.43 -6.35
N ILE J 90 -14.21 -47.97 -5.68
CA ILE J 90 -14.05 -48.61 -4.38
C ILE J 90 -13.97 -50.11 -4.59
N CYS J 91 -12.83 -50.71 -4.25
CA CYS J 91 -12.62 -52.13 -4.44
C CYS J 91 -13.13 -52.90 -3.22
N VAL J 92 -14.03 -53.85 -3.47
CA VAL J 92 -14.62 -54.67 -2.41
C VAL J 92 -14.15 -56.11 -2.59
N GLN J 93 -13.54 -56.64 -1.53
CA GLN J 93 -13.11 -58.03 -1.48
C GLN J 93 -13.91 -58.75 -0.40
N LEU J 94 -14.55 -59.84 -0.77
CA LEU J 94 -15.39 -60.57 0.17
C LEU J 94 -14.55 -61.55 0.98
N ALA J 95 -15.12 -61.98 2.12
CA ALA J 95 -14.48 -62.97 2.97
C ALA J 95 -14.97 -64.38 2.65
N THR J 96 -16.28 -64.54 2.50
CA THR J 96 -16.87 -65.79 2.04
C THR J 96 -17.46 -65.57 0.65
N SER J 97 -17.10 -66.45 -0.28
CA SER J 97 -17.55 -66.28 -1.66
C SER J 97 -19.04 -66.55 -1.78
N VAL J 98 -19.63 -66.01 -2.84
CA VAL J 98 -21.03 -66.23 -3.17
C VAL J 98 -21.10 -67.00 -4.49
N GLU J 99 -21.71 -68.19 -4.45
CA GLU J 99 -21.80 -69.02 -5.64
C GLU J 99 -22.84 -68.46 -6.60
N ILE J 100 -22.49 -68.45 -7.88
CA ILE J 100 -23.40 -68.07 -8.95
C ILE J 100 -23.48 -69.24 -9.91
N ALA J 101 -24.64 -69.88 -9.97
CA ALA J 101 -24.86 -71.07 -10.79
C ALA J 101 -25.68 -70.70 -12.01
N CYS J 102 -25.17 -71.06 -13.18
CA CYS J 102 -25.84 -70.81 -14.44
C CYS J 102 -26.46 -72.10 -14.95
N THR J 103 -27.75 -72.02 -15.33
CA THR J 103 -28.49 -73.22 -15.71
C THR J 103 -28.18 -73.69 -17.12
N GLY J 104 -27.67 -72.81 -17.97
CA GLY J 104 -27.48 -73.13 -19.37
C GLY J 104 -28.63 -72.75 -20.27
N ALA J 105 -29.72 -72.21 -19.71
CA ALA J 105 -30.89 -71.81 -20.50
C ALA J 105 -30.96 -70.30 -20.68
N GLY J 106 -29.95 -69.56 -20.24
CA GLY J 106 -29.93 -68.11 -20.36
C GLY J 106 -30.00 -67.37 -19.05
N HIS J 107 -30.14 -68.06 -17.93
CA HIS J 107 -30.26 -67.43 -16.62
C HIS J 107 -29.13 -67.93 -15.72
N CYS J 108 -28.56 -67.03 -14.93
CA CYS J 108 -27.62 -67.38 -13.87
C CYS J 108 -28.21 -66.94 -12.54
N ALA J 109 -28.33 -67.89 -11.61
CA ALA J 109 -29.08 -67.67 -10.38
C ALA J 109 -28.14 -67.43 -9.20
N ILE J 110 -28.56 -66.55 -8.29
CA ILE J 110 -27.86 -66.29 -7.04
C ILE J 110 -28.90 -66.30 -5.93
N SER J 111 -28.59 -66.99 -4.84
CA SER J 111 -29.50 -67.03 -3.70
C SER J 111 -29.65 -65.66 -3.08
N ARG J 112 -30.91 -65.22 -2.92
CA ARG J 112 -31.17 -63.90 -2.33
C ARG J 112 -30.65 -63.84 -0.89
N ALA J 113 -30.74 -64.96 -0.15
CA ALA J 113 -30.31 -64.96 1.24
C ALA J 113 -28.80 -64.76 1.37
N LYS J 114 -28.01 -65.42 0.53
CA LYS J 114 -26.57 -65.22 0.59
C LYS J 114 -26.20 -63.81 0.15
N TRP J 115 -26.88 -63.30 -0.88
CA TRP J 115 -26.49 -61.99 -1.42
C TRP J 115 -26.95 -60.84 -0.53
N ALA J 116 -28.17 -60.93 0.02
CA ALA J 116 -28.64 -59.88 0.91
C ALA J 116 -27.77 -59.77 2.15
N ASN J 117 -27.41 -60.91 2.75
CA ASN J 117 -26.50 -60.89 3.88
C ASN J 117 -25.12 -60.38 3.46
N THR J 118 -24.68 -60.72 2.25
CA THR J 118 -23.37 -60.29 1.77
C THR J 118 -23.31 -58.77 1.63
N LEU J 119 -24.37 -58.17 1.08
CA LEU J 119 -24.39 -56.72 0.91
C LEU J 119 -24.41 -55.99 2.25
N LYS J 120 -25.01 -56.60 3.27
CA LYS J 120 -25.09 -55.93 4.56
C LYS J 120 -23.71 -55.77 5.19
N GLN J 121 -22.85 -56.78 5.04
CA GLN J 121 -21.48 -56.66 5.53
C GLN J 121 -20.72 -55.56 4.79
N ILE J 122 -20.94 -55.47 3.48
CA ILE J 122 -20.32 -54.40 2.68
C ILE J 122 -20.83 -53.04 3.15
N ALA J 123 -22.15 -52.92 3.36
CA ALA J 123 -22.71 -51.66 3.84
C ALA J 123 -22.18 -51.30 5.21
N SER J 124 -21.91 -52.29 6.06
CA SER J 124 -21.34 -52.00 7.36
C SER J 124 -19.95 -51.39 7.24
N LYS J 125 -19.15 -51.90 6.30
CA LYS J 125 -17.80 -51.39 6.14
C LYS J 125 -17.80 -50.07 5.39
N LEU J 126 -18.80 -49.84 4.53
CA LEU J 126 -18.95 -48.53 3.90
C LEU J 126 -19.38 -47.47 4.91
N ARG J 127 -20.09 -47.88 5.97
CA ARG J 127 -20.39 -46.94 7.05
C ARG J 127 -19.15 -46.61 7.86
N GLU J 128 -18.24 -47.59 8.03
CA GLU J 128 -17.02 -47.35 8.78
C GLU J 128 -16.12 -46.35 8.07
N GLN J 129 -16.19 -46.27 6.74
CA GLN J 129 -15.29 -45.42 5.99
C GLN J 129 -15.85 -44.02 5.76
N TYR J 130 -17.17 -43.90 5.59
CA TYR J 130 -17.80 -42.62 5.28
C TYR J 130 -18.66 -42.08 6.42
N GLY J 131 -18.75 -42.79 7.54
CA GLY J 131 -19.53 -42.34 8.67
C GLY J 131 -20.83 -43.11 8.82
N ALA J 132 -21.46 -42.92 9.98
CA ALA J 132 -22.72 -43.56 10.34
C ALA J 132 -23.81 -43.02 9.41
N LYS J 133 -23.89 -43.61 8.23
CA LYS J 133 -24.72 -43.11 7.15
C LYS J 133 -25.60 -44.24 6.63
N THR J 134 -26.66 -43.86 5.91
CA THR J 134 -27.49 -44.85 5.22
C THR J 134 -26.86 -45.22 3.88
N ILE J 135 -26.77 -46.51 3.59
CA ILE J 135 -26.14 -47.02 2.38
C ILE J 135 -27.23 -47.52 1.44
N ILE J 136 -27.22 -47.04 0.20
CA ILE J 136 -28.13 -47.51 -0.84
C ILE J 136 -27.31 -48.03 -2.02
N PHE J 137 -27.67 -49.20 -2.53
CA PHE J 137 -27.09 -49.76 -3.74
C PHE J 137 -28.09 -49.62 -4.89
N LYS J 138 -27.71 -48.89 -5.93
CA LYS J 138 -28.51 -48.68 -7.12
C LYS J 138 -27.78 -49.25 -8.33
N PRO J 139 -28.51 -49.57 -9.42
CA PRO J 139 -27.85 -50.20 -10.58
C PRO J 139 -26.82 -49.30 -11.26
N SER J 140 -26.17 -49.84 -12.28
CA SER J 140 -25.12 -49.10 -12.99
C SER J 140 -25.69 -47.84 -13.62
N SER J 141 -24.88 -46.78 -13.64
CA SER J 141 -25.29 -45.53 -14.26
C SER J 141 -25.35 -45.64 -15.77
N GLY J 142 -24.69 -46.62 -16.37
CA GLY J 142 -24.67 -46.82 -17.81
C GLY J 142 -23.27 -47.04 -18.31
N GLY J 143 -23.17 -47.15 -19.63
CA GLY J 143 -21.90 -47.32 -20.31
C GLY J 143 -22.00 -48.36 -21.40
N ASP J 144 -20.84 -48.74 -21.94
CA ASP J 144 -20.77 -49.75 -22.98
C ASP J 144 -21.33 -51.08 -22.45
N PRO J 145 -21.84 -51.94 -23.33
CA PRO J 145 -22.39 -53.23 -22.87
C PRO J 145 -21.38 -54.07 -22.10
N GLU J 146 -20.09 -53.89 -22.37
CA GLU J 146 -19.06 -54.61 -21.63
C GLU J 146 -19.02 -54.20 -20.16
N PHE J 147 -19.45 -52.98 -19.84
CA PHE J 147 -19.34 -52.45 -18.48
C PHE J 147 -20.67 -52.19 -17.80
N VAL J 148 -21.75 -51.90 -18.54
CA VAL J 148 -23.04 -51.70 -17.90
C VAL J 148 -23.60 -53.02 -17.38
N ASN J 149 -23.27 -54.12 -18.03
CA ASN J 149 -23.62 -55.46 -17.57
C ASN J 149 -22.44 -56.08 -16.82
N HIS J 150 -22.76 -57.11 -16.04
CA HIS J 150 -21.73 -57.96 -15.46
C HIS J 150 -21.22 -58.90 -16.53
N SER J 151 -20.01 -58.66 -17.02
CA SER J 151 -19.45 -59.40 -18.15
C SER J 151 -18.26 -60.23 -17.70
N PHE J 152 -18.12 -61.42 -18.29
CA PHE J 152 -17.02 -62.30 -17.95
C PHE J 152 -16.79 -63.26 -19.12
N ASN J 153 -15.58 -63.79 -19.20
CA ASN J 153 -15.25 -64.78 -20.23
C ASN J 153 -15.08 -66.15 -19.58
N CYS J 154 -15.46 -67.19 -20.33
CA CYS J 154 -15.38 -68.56 -19.83
C CYS J 154 -15.53 -69.53 -20.99
N GLY J 155 -14.59 -70.46 -21.09
CA GLY J 155 -14.65 -71.49 -22.12
C GLY J 155 -14.66 -70.97 -23.54
N GLY J 156 -13.81 -69.99 -23.83
CA GLY J 156 -13.79 -69.41 -25.16
C GLY J 156 -15.07 -68.68 -25.50
N GLU J 157 -15.69 -68.03 -24.53
CA GLU J 157 -16.88 -67.22 -24.80
C GLU J 157 -17.01 -66.07 -23.86
N PHE J 158 -17.70 -65.02 -24.27
CA PHE J 158 -17.90 -63.81 -23.50
C PHE J 158 -19.40 -63.60 -23.28
N PHE J 159 -19.77 -63.29 -22.04
CA PHE J 159 -21.18 -63.20 -21.65
C PHE J 159 -21.49 -61.82 -21.12
N TYR J 160 -22.76 -61.43 -21.27
CA TYR J 160 -23.27 -60.15 -20.80
C TYR J 160 -24.49 -60.41 -19.93
N CYS J 161 -24.38 -60.11 -18.64
CA CYS J 161 -25.43 -60.40 -17.68
C CYS J 161 -25.95 -59.12 -17.04
N ALA J 162 -27.27 -58.95 -17.05
CA ALA J 162 -27.89 -57.79 -16.42
C ALA J 162 -27.80 -57.93 -14.90
N SER J 163 -27.16 -56.95 -14.25
CA SER J 163 -26.95 -56.96 -12.81
C SER J 163 -27.87 -56.01 -12.06
N THR J 164 -29.04 -55.70 -12.62
CA THR J 164 -29.93 -54.73 -11.99
C THR J 164 -30.43 -55.21 -10.63
N GLN J 165 -30.83 -56.48 -10.55
CA GLN J 165 -31.41 -57.02 -9.33
C GLN J 165 -30.38 -57.24 -8.22
N LEU J 166 -29.09 -57.18 -8.53
CA LEU J 166 -28.07 -57.34 -7.50
C LEU J 166 -27.82 -56.05 -6.72
N PHE J 167 -28.12 -54.89 -7.31
CA PHE J 167 -27.86 -53.59 -6.69
C PHE J 167 -29.18 -52.81 -6.66
N ALA J 168 -30.01 -53.10 -5.66
CA ALA J 168 -31.28 -52.41 -5.49
C ALA J 168 -31.79 -52.57 -4.07
N SER J 169 -31.03 -52.10 -3.08
CA SER J 169 -31.38 -52.28 -1.68
C SER J 169 -30.93 -51.07 -0.88
N THR J 170 -31.53 -50.92 0.30
CA THR J 170 -31.20 -49.85 1.22
C THR J 170 -30.93 -50.47 2.59
N TRP J 171 -29.92 -49.94 3.28
CA TRP J 171 -29.47 -50.50 4.55
C TRP J 171 -29.33 -49.37 5.56
N PHE J 172 -30.11 -49.44 6.64
CA PHE J 172 -30.13 -48.39 7.65
C PHE J 172 -29.11 -48.62 8.75
N ILE K 2 -18.85 -32.49 1.91
CA ILE K 2 -17.93 -31.38 2.08
C ILE K 2 -18.55 -30.03 1.79
N GLN K 3 -18.35 -29.10 2.72
CA GLN K 3 -18.75 -27.70 2.60
C GLN K 3 -17.53 -26.83 2.39
N MET K 4 -17.58 -25.99 1.36
CA MET K 4 -16.51 -25.04 1.07
C MET K 4 -16.99 -23.66 1.49
N THR K 5 -16.35 -23.09 2.51
CA THR K 5 -16.69 -21.76 2.99
C THR K 5 -15.57 -20.83 2.55
N GLN K 6 -15.89 -19.98 1.58
CA GLN K 6 -14.96 -19.03 0.99
C GLN K 6 -15.38 -17.62 1.35
N SER K 7 -14.46 -16.84 1.91
CA SER K 7 -14.76 -15.47 2.31
C SER K 7 -13.58 -14.59 1.95
N PRO K 8 -13.83 -13.31 1.63
CA PRO K 8 -15.15 -12.68 1.59
C PRO K 8 -15.91 -12.96 0.31
N SER K 9 -17.18 -12.55 0.25
CA SER K 9 -17.93 -12.69 -1.00
C SER K 9 -17.47 -11.69 -2.04
N SER K 10 -17.11 -10.48 -1.60
CA SER K 10 -16.59 -9.46 -2.48
C SER K 10 -15.64 -8.58 -1.70
N LEU K 11 -14.73 -7.91 -2.41
CA LEU K 11 -13.78 -7.03 -1.76
C LEU K 11 -13.28 -6.01 -2.77
N SER K 12 -12.88 -4.85 -2.26
CA SER K 12 -12.30 -3.77 -3.06
C SER K 12 -10.96 -3.39 -2.49
N ALA K 13 -9.95 -3.28 -3.35
CA ALA K 13 -8.61 -2.91 -2.93
C ALA K 13 -8.00 -2.00 -3.99
N SER K 14 -7.00 -1.23 -3.57
CA SER K 14 -6.34 -0.34 -4.51
C SER K 14 -5.31 -1.11 -5.34
N VAL K 15 -4.74 -0.42 -6.33
CA VAL K 15 -3.68 -1.02 -7.14
C VAL K 15 -2.42 -1.15 -6.29
N GLY K 16 -1.92 -2.37 -6.15
CA GLY K 16 -0.71 -2.63 -5.41
C GLY K 16 -0.93 -3.22 -4.04
N ASP K 17 -2.17 -3.22 -3.55
CA ASP K 17 -2.47 -3.78 -2.23
C ASP K 17 -2.43 -5.31 -2.27
N ARG K 18 -2.40 -5.89 -1.07
CA ARG K 18 -2.30 -7.33 -0.89
C ARG K 18 -3.67 -7.90 -0.61
N VAL K 19 -4.17 -8.72 -1.53
CA VAL K 19 -5.49 -9.35 -1.42
C VAL K 19 -5.34 -10.73 -0.79
N THR K 20 -6.26 -11.08 0.10
CA THR K 20 -6.22 -12.35 0.82
C THR K 20 -7.61 -12.96 0.82
N ILE K 21 -7.73 -14.15 0.24
CA ILE K 21 -8.98 -14.90 0.18
C ILE K 21 -8.77 -16.19 0.96
N THR K 22 -9.74 -16.53 1.83
CA THR K 22 -9.65 -17.73 2.66
C THR K 22 -10.76 -18.70 2.29
N CYS K 23 -10.40 -19.97 2.19
CA CYS K 23 -11.34 -21.06 1.95
C CYS K 23 -11.14 -22.10 3.04
N GLN K 24 -12.23 -22.46 3.73
CA GLN K 24 -12.16 -23.40 4.84
C GLN K 24 -13.02 -24.62 4.53
N ALA K 25 -12.42 -25.81 4.65
CA ALA K 25 -13.05 -27.09 4.39
C ALA K 25 -13.65 -27.70 5.65
N SER K 26 -14.54 -28.68 5.45
CA SER K 26 -15.16 -29.43 6.52
C SER K 26 -14.39 -30.68 6.92
N GLN K 27 -13.39 -31.09 6.13
CA GLN K 27 -12.63 -32.29 6.44
C GLN K 27 -11.15 -32.04 6.19
N ASP K 28 -10.31 -32.85 6.85
CA ASP K 28 -8.87 -32.79 6.65
C ASP K 28 -8.58 -33.28 5.23
N ILE K 29 -8.30 -32.33 4.34
CA ILE K 29 -8.08 -32.61 2.93
C ILE K 29 -6.61 -32.44 2.54
N ASN K 30 -5.71 -32.34 3.52
CA ASN K 30 -4.25 -32.25 3.31
C ASN K 30 -3.93 -31.00 2.48
N ASN K 31 -2.92 -31.06 1.63
CA ASN K 31 -2.42 -29.90 0.91
C ASN K 31 -3.05 -29.69 -0.46
N TYR K 32 -3.88 -30.61 -0.93
CA TYR K 32 -4.44 -30.50 -2.28
C TYR K 32 -5.71 -29.68 -2.23
N LEU K 33 -5.67 -28.47 -2.81
CA LEU K 33 -6.83 -27.60 -2.96
C LEU K 33 -6.53 -26.62 -4.08
N ASN K 34 -7.49 -26.43 -4.97
CA ASN K 34 -7.26 -25.66 -6.19
C ASN K 34 -7.94 -24.30 -6.12
N TRP K 35 -7.34 -23.33 -6.83
CA TRP K 35 -7.84 -21.97 -6.91
C TRP K 35 -7.99 -21.57 -8.38
N TYR K 36 -9.19 -21.11 -8.74
CA TYR K 36 -9.50 -20.73 -10.11
C TYR K 36 -9.82 -19.23 -10.17
N GLN K 37 -9.50 -18.64 -11.32
CA GLN K 37 -9.84 -17.25 -11.62
C GLN K 37 -10.77 -17.22 -12.81
N GLN K 38 -11.95 -16.64 -12.64
CA GLN K 38 -12.94 -16.52 -13.70
C GLN K 38 -13.15 -15.05 -14.02
N LYS K 39 -12.61 -14.61 -15.15
CA LYS K 39 -12.87 -13.26 -15.60
C LYS K 39 -14.29 -13.16 -16.17
N PRO K 40 -14.92 -11.99 -16.06
CA PRO K 40 -16.33 -11.87 -16.45
C PRO K 40 -16.56 -12.26 -17.90
N GLY K 41 -17.54 -13.14 -18.10
CA GLY K 41 -17.87 -13.61 -19.44
C GLY K 41 -17.06 -14.79 -19.92
N LYS K 42 -16.02 -15.19 -19.18
CA LYS K 42 -15.11 -16.23 -19.60
C LYS K 42 -15.25 -17.48 -18.74
N ALA K 43 -14.55 -18.52 -19.15
CA ALA K 43 -14.51 -19.74 -18.39
C ALA K 43 -13.45 -19.64 -17.29
N PRO K 44 -13.61 -20.38 -16.19
CA PRO K 44 -12.62 -20.34 -15.11
C PRO K 44 -11.25 -20.83 -15.57
N LYS K 45 -10.20 -20.29 -14.93
CA LYS K 45 -8.82 -20.68 -15.19
C LYS K 45 -8.14 -21.01 -13.88
N LEU K 46 -7.48 -22.17 -13.83
CA LEU K 46 -6.77 -22.58 -12.62
C LEU K 46 -5.48 -21.78 -12.46
N LEU K 47 -5.30 -21.17 -11.30
CA LEU K 47 -4.09 -20.43 -10.97
C LEU K 47 -3.21 -21.17 -9.96
N ILE K 48 -3.81 -21.68 -8.88
CA ILE K 48 -3.09 -22.39 -7.84
C ILE K 48 -3.68 -23.80 -7.75
N TYR K 49 -2.82 -24.80 -7.77
CA TYR K 49 -3.20 -26.19 -7.54
C TYR K 49 -2.41 -26.74 -6.36
N ASP K 50 -3.05 -27.63 -5.60
CA ASP K 50 -2.49 -28.19 -4.37
C ASP K 50 -2.08 -27.07 -3.40
N ALA K 51 -3.02 -26.16 -3.14
CA ALA K 51 -2.90 -25.09 -2.16
C ALA K 51 -1.77 -24.12 -2.45
N SER K 52 -0.57 -24.62 -2.77
CA SER K 52 0.61 -23.77 -2.84
C SER K 52 1.31 -23.74 -4.18
N ASN K 53 1.02 -24.66 -5.10
CA ASN K 53 1.76 -24.72 -6.36
C ASN K 53 1.13 -23.83 -7.41
N LEU K 54 1.99 -23.30 -8.28
CA LEU K 54 1.63 -22.31 -9.28
C LEU K 54 1.66 -22.95 -10.66
N GLU K 55 0.55 -22.88 -11.38
CA GLU K 55 0.51 -23.35 -12.75
C GLU K 55 1.43 -22.51 -13.63
N THR K 56 2.01 -23.16 -14.64
CA THR K 56 2.92 -22.47 -15.55
C THR K 56 2.18 -21.37 -16.29
N GLY K 57 2.79 -20.19 -16.36
CA GLY K 57 2.21 -19.07 -17.06
C GLY K 57 1.45 -18.09 -16.19
N VAL K 58 1.30 -18.37 -14.90
CA VAL K 58 0.56 -17.50 -13.99
C VAL K 58 1.56 -16.59 -13.29
N PRO K 59 1.31 -15.29 -13.18
CA PRO K 59 2.27 -14.40 -12.54
C PRO K 59 2.58 -14.80 -11.10
N SER K 60 3.76 -14.38 -10.65
CA SER K 60 4.25 -14.76 -9.32
C SER K 60 3.53 -14.03 -8.19
N ARG K 61 2.79 -12.97 -8.48
CA ARG K 61 2.06 -12.26 -7.43
C ARG K 61 0.98 -13.15 -6.81
N PHE K 62 0.49 -14.13 -7.55
CA PHE K 62 -0.49 -15.07 -7.01
C PHE K 62 0.21 -16.14 -6.19
N SER K 63 -0.37 -16.45 -5.03
CA SER K 63 0.20 -17.45 -4.14
C SER K 63 -0.89 -18.02 -3.27
N GLY K 64 -0.60 -19.17 -2.68
CA GLY K 64 -1.54 -19.83 -1.78
C GLY K 64 -0.80 -20.66 -0.77
N SER K 65 -1.48 -20.94 0.34
CA SER K 65 -0.90 -21.72 1.41
C SER K 65 -2.01 -22.39 2.20
N GLY K 66 -1.61 -23.27 3.11
CA GLY K 66 -2.55 -23.93 3.99
C GLY K 66 -2.54 -25.44 3.88
N SER K 67 -3.05 -26.11 4.90
CA SER K 67 -3.16 -27.55 4.92
C SER K 67 -4.18 -27.95 5.98
N GLY K 68 -4.79 -29.11 5.78
CA GLY K 68 -5.83 -29.56 6.68
C GLY K 68 -7.20 -29.02 6.33
N THR K 69 -7.61 -27.95 7.01
CA THR K 69 -8.93 -27.36 6.74
C THR K 69 -8.89 -25.86 6.46
N ASP K 70 -7.82 -25.15 6.79
CA ASP K 70 -7.71 -23.71 6.56
C ASP K 70 -6.76 -23.43 5.41
N PHE K 71 -7.24 -22.71 4.40
CA PHE K 71 -6.46 -22.36 3.22
C PHE K 71 -6.62 -20.88 2.91
N THR K 72 -5.55 -20.27 2.40
CA THR K 72 -5.56 -18.87 2.01
C THR K 72 -5.04 -18.71 0.59
N PHE K 73 -5.67 -17.82 -0.16
CA PHE K 73 -5.25 -17.46 -1.52
C PHE K 73 -4.91 -15.98 -1.51
N THR K 74 -3.70 -15.64 -1.92
CA THR K 74 -3.20 -14.29 -1.73
C THR K 74 -2.72 -13.72 -3.06
N ILE K 75 -3.03 -12.45 -3.29
CA ILE K 75 -2.50 -11.70 -4.41
C ILE K 75 -1.56 -10.65 -3.81
N SER K 76 -0.26 -10.78 -4.10
CA SER K 76 0.73 -9.94 -3.41
C SER K 76 0.56 -8.48 -3.80
N SER K 77 0.45 -8.19 -5.10
CA SER K 77 0.29 -6.83 -5.60
C SER K 77 -0.84 -6.85 -6.63
N LEU K 78 -2.02 -6.39 -6.21
CA LEU K 78 -3.18 -6.40 -7.08
C LEU K 78 -2.94 -5.53 -8.30
N GLN K 79 -3.32 -6.03 -9.46
CA GLN K 79 -3.08 -5.34 -10.72
C GLN K 79 -4.39 -5.15 -11.47
N PRO K 80 -4.46 -4.17 -12.37
CA PRO K 80 -5.74 -3.88 -13.03
C PRO K 80 -6.29 -5.01 -13.90
N GLU K 81 -5.53 -6.07 -14.20
CA GLU K 81 -6.08 -7.18 -14.97
C GLU K 81 -6.49 -8.34 -14.08
N ASP K 82 -6.57 -8.12 -12.76
CA ASP K 82 -6.90 -9.18 -11.82
C ASP K 82 -8.34 -9.12 -11.33
N ILE K 83 -9.16 -8.23 -11.86
CA ILE K 83 -10.56 -8.16 -11.43
C ILE K 83 -11.29 -9.37 -12.00
N ALA K 84 -11.84 -10.19 -11.10
CA ALA K 84 -12.51 -11.43 -11.49
C ALA K 84 -13.16 -11.98 -10.23
N THR K 85 -13.81 -13.12 -10.39
CA THR K 85 -14.30 -13.90 -9.26
C THR K 85 -13.40 -15.12 -9.13
N TYR K 86 -12.88 -15.34 -7.92
CA TYR K 86 -11.95 -16.41 -7.65
C TYR K 86 -12.66 -17.49 -6.85
N TYR K 87 -12.49 -18.75 -7.26
CA TYR K 87 -13.15 -19.88 -6.63
C TYR K 87 -12.11 -20.87 -6.12
N CYS K 88 -12.35 -21.42 -4.94
CA CYS K 88 -11.61 -22.58 -4.46
C CYS K 88 -12.41 -23.84 -4.81
N GLN K 89 -11.70 -24.86 -5.28
CA GLN K 89 -12.35 -26.06 -5.78
C GLN K 89 -11.67 -27.28 -5.18
N GLN K 90 -12.47 -28.23 -4.72
CA GLN K 90 -11.97 -29.49 -4.22
C GLN K 90 -12.90 -30.54 -4.74
N TYR K 91 -12.47 -31.33 -5.68
CA TYR K 91 -13.27 -32.38 -6.33
C TYR K 91 -14.49 -31.69 -6.93
N GLU K 92 -15.71 -32.22 -6.72
CA GLU K 92 -16.90 -31.62 -7.30
C GLU K 92 -17.40 -30.40 -6.55
N PHE K 93 -16.73 -30.01 -5.46
CA PHE K 93 -17.22 -28.96 -4.58
C PHE K 93 -16.46 -27.67 -4.84
N PHE K 94 -17.19 -26.59 -5.07
CA PHE K 94 -16.61 -25.28 -5.30
C PHE K 94 -16.93 -24.35 -4.14
N GLY K 95 -16.05 -23.37 -3.93
CA GLY K 95 -16.33 -22.32 -2.98
C GLY K 95 -17.37 -21.36 -3.52
N GLY K 96 -17.88 -20.52 -2.62
CA GLY K 96 -18.90 -19.56 -3.01
C GLY K 96 -18.42 -18.52 -4.00
N GLY K 97 -17.12 -18.27 -4.05
CA GLY K 97 -16.59 -17.28 -4.96
C GLY K 97 -16.33 -15.96 -4.26
N THR K 98 -15.34 -15.22 -4.80
CA THR K 98 -15.00 -13.91 -4.26
C THR K 98 -14.78 -12.95 -5.43
N LYS K 99 -15.66 -11.95 -5.55
CA LYS K 99 -15.48 -10.93 -6.57
C LYS K 99 -14.47 -9.90 -6.09
N VAL K 100 -13.44 -9.68 -6.89
CA VAL K 100 -12.40 -8.70 -6.59
C VAL K 100 -12.65 -7.46 -7.41
N GLU K 101 -12.71 -6.31 -6.74
CA GLU K 101 -12.94 -5.03 -7.38
C GLU K 101 -11.74 -4.14 -7.07
N ILE K 102 -11.54 -3.10 -7.86
CA ILE K 102 -10.40 -2.20 -7.66
C ILE K 102 -10.92 -0.84 -7.27
N LYS K 103 -10.37 -0.29 -6.20
CA LYS K 103 -10.62 1.08 -5.81
C LYS K 103 -9.51 1.94 -6.39
N ARG K 104 -9.92 2.99 -7.11
CA ARG K 104 -8.99 3.86 -7.81
C ARG K 104 -9.35 5.33 -7.57
N THR K 105 -8.61 6.21 -8.24
CA THR K 105 -8.89 7.63 -8.11
C THR K 105 -10.19 7.98 -8.81
N VAL K 106 -10.76 9.13 -8.41
CA VAL K 106 -12.04 9.56 -8.97
C VAL K 106 -11.85 10.01 -10.41
N ALA K 107 -12.77 9.62 -11.29
CA ALA K 107 -12.71 9.95 -12.71
C ALA K 107 -14.06 10.50 -13.16
N ALA K 108 -14.03 11.65 -13.82
CA ALA K 108 -15.25 12.28 -14.35
C ALA K 108 -15.69 11.58 -15.63
N PRO K 109 -16.99 11.41 -15.83
CA PRO K 109 -17.48 10.76 -17.05
C PRO K 109 -17.55 11.73 -18.23
N SER K 110 -17.21 11.20 -19.41
CA SER K 110 -17.44 11.90 -20.67
C SER K 110 -18.86 11.61 -21.14
N VAL K 111 -19.64 12.67 -21.38
CA VAL K 111 -21.07 12.54 -21.63
C VAL K 111 -21.35 12.73 -23.11
N PHE K 112 -22.16 11.85 -23.69
CA PHE K 112 -22.57 11.92 -25.08
C PHE K 112 -24.08 11.74 -25.17
N ILE K 113 -24.66 12.22 -26.27
CA ILE K 113 -26.09 12.07 -26.55
C ILE K 113 -26.26 11.58 -27.99
N PHE K 114 -27.29 10.77 -28.20
CA PHE K 114 -27.59 10.20 -29.51
C PHE K 114 -29.08 10.36 -29.78
N PRO K 115 -29.46 11.11 -30.81
CA PRO K 115 -30.88 11.22 -31.17
C PRO K 115 -31.38 9.92 -31.76
N PRO K 116 -32.69 9.69 -31.72
CA PRO K 116 -33.23 8.46 -32.31
C PRO K 116 -33.01 8.41 -33.80
N SER K 117 -32.57 7.25 -34.29
CA SER K 117 -32.31 7.07 -35.71
C SER K 117 -33.62 7.07 -36.50
N ASP K 118 -33.55 7.58 -37.73
CA ASP K 118 -34.72 7.62 -38.59
C ASP K 118 -35.23 6.22 -38.88
N GLU K 119 -34.32 5.25 -39.02
CA GLU K 119 -34.74 3.87 -39.23
C GLU K 119 -35.63 3.37 -38.09
N GLN K 120 -35.38 3.83 -36.87
CA GLN K 120 -36.25 3.46 -35.76
C GLN K 120 -37.54 4.27 -35.78
N LEU K 121 -37.48 5.52 -36.25
CA LEU K 121 -38.69 6.32 -36.38
C LEU K 121 -39.67 5.67 -37.37
N LYS K 122 -39.15 4.97 -38.37
CA LYS K 122 -40.01 4.20 -39.27
C LYS K 122 -40.67 3.02 -38.55
N SER K 123 -40.08 2.56 -37.43
CA SER K 123 -40.65 1.43 -36.72
C SER K 123 -41.79 1.83 -35.79
N GLY K 124 -41.91 3.11 -35.45
CA GLY K 124 -42.97 3.57 -34.58
C GLY K 124 -42.55 3.88 -33.16
N THR K 125 -41.27 3.70 -32.82
CA THR K 125 -40.76 3.96 -31.48
C THR K 125 -39.53 4.85 -31.58
N ALA K 126 -39.24 5.57 -30.50
CA ALA K 126 -38.10 6.47 -30.45
C ALA K 126 -37.30 6.19 -29.19
N SER K 127 -36.02 5.89 -29.35
CA SER K 127 -35.11 5.61 -28.24
C SER K 127 -33.99 6.64 -28.23
N VAL K 128 -33.85 7.35 -27.11
CA VAL K 128 -32.78 8.32 -26.91
C VAL K 128 -31.78 7.72 -25.92
N VAL K 129 -30.50 7.76 -26.27
CA VAL K 129 -29.45 7.10 -25.51
C VAL K 129 -28.48 8.16 -24.97
N CYS K 130 -28.22 8.11 -23.66
CA CYS K 130 -27.21 8.94 -23.02
C CYS K 130 -26.03 8.06 -22.62
N LEU K 131 -24.82 8.57 -22.78
CA LEU K 131 -23.61 7.78 -22.60
C LEU K 131 -22.66 8.45 -21.61
N LEU K 132 -22.14 7.66 -20.67
CA LEU K 132 -21.09 8.09 -19.74
C LEU K 132 -19.90 7.16 -19.93
N ASN K 133 -18.82 7.66 -20.54
CA ASN K 133 -17.69 6.84 -20.94
C ASN K 133 -16.59 6.89 -19.90
N ASN K 134 -16.15 5.71 -19.45
CA ASN K 134 -14.96 5.53 -18.64
C ASN K 134 -14.91 6.47 -17.42
N PHE K 135 -15.57 6.09 -16.32
CA PHE K 135 -15.58 6.91 -15.12
C PHE K 135 -15.49 6.05 -13.88
N TYR K 136 -15.20 6.71 -12.74
CA TYR K 136 -15.10 6.08 -11.43
C TYR K 136 -15.38 7.15 -10.38
N PRO K 137 -16.13 6.84 -9.32
CA PRO K 137 -16.67 5.52 -8.99
C PRO K 137 -17.93 5.16 -9.75
N ARG K 138 -18.48 3.99 -9.46
CA ARG K 138 -19.62 3.49 -10.23
C ARG K 138 -20.84 4.37 -10.00
N GLU K 139 -20.91 5.03 -8.84
CA GLU K 139 -22.02 5.88 -8.44
C GLU K 139 -22.23 7.05 -9.40
N ALA K 140 -23.32 7.04 -10.16
CA ALA K 140 -23.65 8.13 -11.06
C ALA K 140 -25.17 8.29 -11.09
N LYS K 141 -25.65 9.42 -11.60
CA LYS K 141 -27.08 9.68 -11.61
C LYS K 141 -27.43 10.40 -12.91
N VAL K 142 -28.37 9.83 -13.66
CA VAL K 142 -28.83 10.40 -14.93
C VAL K 142 -30.26 10.88 -14.79
N GLN K 143 -30.53 12.10 -15.25
CA GLN K 143 -31.85 12.70 -15.26
C GLN K 143 -32.21 13.09 -16.68
N TRP K 144 -33.39 12.66 -17.13
CA TRP K 144 -33.88 13.01 -18.47
C TRP K 144 -34.82 14.21 -18.38
N LYS K 145 -34.62 15.17 -19.28
CA LYS K 145 -35.40 16.40 -19.31
C LYS K 145 -35.97 16.52 -20.72
N VAL K 146 -37.29 16.44 -20.84
CA VAL K 146 -37.98 16.57 -22.11
C VAL K 146 -38.78 17.87 -22.01
N ASP K 147 -38.44 18.85 -22.85
CA ASP K 147 -39.01 20.19 -22.72
C ASP K 147 -38.77 20.76 -21.34
N ASN K 148 -37.58 20.49 -20.79
CA ASN K 148 -37.22 20.90 -19.44
C ASN K 148 -38.16 20.33 -18.40
N ALA K 149 -38.80 19.20 -18.70
CA ALA K 149 -39.70 18.53 -17.78
C ALA K 149 -39.07 17.22 -17.34
N LEU K 150 -38.97 17.03 -16.03
CA LEU K 150 -38.29 15.86 -15.49
C LEU K 150 -39.08 14.59 -15.82
N GLN K 151 -38.38 13.59 -16.33
CA GLN K 151 -38.98 12.35 -16.79
C GLN K 151 -38.70 11.22 -15.81
N SER K 152 -39.66 10.29 -15.74
CA SER K 152 -39.56 9.14 -14.86
C SER K 152 -40.37 7.99 -15.44
N GLY K 153 -39.91 6.77 -15.19
CA GLY K 153 -40.61 5.57 -15.61
C GLY K 153 -40.36 5.12 -17.02
N ASN K 154 -39.69 5.92 -17.85
CA ASN K 154 -39.40 5.53 -19.22
C ASN K 154 -37.90 5.42 -19.50
N SER K 155 -37.08 5.39 -18.46
CA SER K 155 -35.63 5.27 -18.60
C SER K 155 -35.16 3.93 -18.07
N GLN K 156 -34.12 3.39 -18.71
CA GLN K 156 -33.49 2.15 -18.29
C GLN K 156 -31.98 2.29 -18.41
N GLU K 157 -31.27 1.91 -17.35
CA GLU K 157 -29.82 2.05 -17.30
C GLU K 157 -29.16 0.68 -17.43
N SER K 158 -27.92 0.70 -17.91
CA SER K 158 -27.11 -0.51 -18.01
C SER K 158 -25.67 -0.10 -17.76
N VAL K 159 -25.00 -0.81 -16.87
CA VAL K 159 -23.67 -0.45 -16.40
C VAL K 159 -22.70 -1.52 -16.88
N THR K 160 -21.56 -1.08 -17.42
CA THR K 160 -20.55 -2.02 -17.86
C THR K 160 -19.79 -2.60 -16.66
N GLU K 161 -19.11 -3.71 -16.91
CA GLU K 161 -18.20 -4.28 -15.94
C GLU K 161 -16.99 -3.37 -15.79
N GLN K 162 -16.31 -3.49 -14.66
CA GLN K 162 -15.12 -2.67 -14.44
C GLN K 162 -14.11 -2.91 -15.54
N ASP K 163 -13.51 -1.83 -16.05
CA ASP K 163 -12.53 -1.97 -17.10
C ASP K 163 -11.24 -2.60 -16.56
N SER K 164 -10.67 -3.52 -17.33
CA SER K 164 -9.43 -4.17 -16.96
C SER K 164 -8.22 -3.28 -17.20
N LYS K 165 -8.38 -2.19 -17.94
CA LYS K 165 -7.26 -1.31 -18.29
C LYS K 165 -7.12 -0.18 -17.27
N ASP K 166 -8.11 0.71 -17.24
CA ASP K 166 -8.09 1.89 -16.37
C ASP K 166 -8.98 1.74 -15.13
N SER K 167 -9.60 0.58 -14.95
CA SER K 167 -10.40 0.28 -13.76
C SER K 167 -11.61 1.21 -13.63
N THR K 168 -12.21 1.61 -14.75
CA THR K 168 -13.34 2.51 -14.76
C THR K 168 -14.62 1.78 -15.14
N TYR K 169 -15.72 2.52 -15.16
CA TYR K 169 -17.02 2.01 -15.55
C TYR K 169 -17.59 2.84 -16.69
N SER K 170 -18.60 2.30 -17.36
CA SER K 170 -19.33 3.01 -18.40
C SER K 170 -20.81 2.76 -18.25
N LEU K 171 -21.61 3.74 -18.65
CA LEU K 171 -23.04 3.71 -18.41
C LEU K 171 -23.80 4.11 -19.66
N SER K 172 -24.92 3.43 -19.92
CA SER K 172 -25.78 3.72 -21.05
C SER K 172 -27.21 3.78 -20.54
N SER K 173 -27.85 4.94 -20.66
CA SER K 173 -29.24 5.13 -20.30
C SER K 173 -30.06 5.34 -21.55
N THR K 174 -31.14 4.57 -21.69
CA THR K 174 -32.00 4.64 -22.86
C THR K 174 -33.38 5.15 -22.44
N LEU K 175 -33.87 6.16 -23.15
CA LEU K 175 -35.18 6.73 -22.90
C LEU K 175 -36.07 6.36 -24.07
N THR K 176 -37.10 5.57 -23.81
CA THR K 176 -37.98 5.03 -24.84
C THR K 176 -39.33 5.70 -24.76
N LEU K 177 -39.71 6.39 -25.83
CA LEU K 177 -41.03 6.98 -25.98
C LEU K 177 -41.59 6.57 -27.32
N SER K 178 -42.91 6.63 -27.44
CA SER K 178 -43.53 6.43 -28.74
C SER K 178 -43.25 7.62 -29.65
N LYS K 179 -43.47 7.40 -30.95
CA LYS K 179 -43.26 8.46 -31.93
C LYS K 179 -44.18 9.65 -31.66
N ALA K 180 -45.46 9.35 -31.37
CA ALA K 180 -46.43 10.42 -31.15
C ALA K 180 -46.04 11.30 -29.97
N ASP K 181 -45.45 10.71 -28.94
CA ASP K 181 -45.03 11.49 -27.78
C ASP K 181 -43.68 12.16 -28.04
N TYR K 182 -42.87 11.60 -28.92
CA TYR K 182 -41.59 12.21 -29.27
C TYR K 182 -41.76 13.48 -30.10
N GLU K 183 -42.81 13.55 -30.93
CA GLU K 183 -42.99 14.69 -31.82
C GLU K 183 -43.50 15.94 -31.11
N LYS K 184 -44.14 15.77 -29.94
CA LYS K 184 -44.78 16.89 -29.24
C LYS K 184 -43.80 17.88 -28.63
N HIS K 185 -42.60 17.44 -28.28
CA HIS K 185 -41.62 18.30 -27.62
C HIS K 185 -40.40 18.62 -28.47
N LYS K 186 -39.80 19.79 -28.19
CA LYS K 186 -38.67 20.35 -28.92
C LYS K 186 -37.30 19.90 -28.40
N VAL K 187 -37.03 20.00 -27.10
CA VAL K 187 -35.70 19.82 -26.53
C VAL K 187 -35.64 18.53 -25.71
N TYR K 188 -34.52 17.81 -25.84
CA TYR K 188 -34.28 16.59 -25.07
C TYR K 188 -32.87 16.67 -24.48
N ALA K 189 -32.74 16.36 -23.20
CA ALA K 189 -31.46 16.46 -22.53
C ALA K 189 -31.37 15.44 -21.40
N CYS K 190 -30.15 14.93 -21.20
CA CYS K 190 -29.85 14.06 -20.06
C CYS K 190 -28.85 14.79 -19.17
N GLU K 191 -29.21 14.98 -17.90
CA GLU K 191 -28.33 15.60 -16.94
C GLU K 191 -27.48 14.53 -16.28
N VAL K 192 -26.18 14.81 -16.15
CA VAL K 192 -25.25 13.88 -15.52
C VAL K 192 -24.60 14.59 -14.34
N THR K 193 -24.69 13.95 -13.17
CA THR K 193 -24.08 14.43 -11.94
C THR K 193 -23.16 13.35 -11.41
N HIS K 194 -21.95 13.73 -11.00
CA HIS K 194 -20.98 12.75 -10.56
C HIS K 194 -20.04 13.41 -9.56
N GLN K 195 -19.40 12.58 -8.74
CA GLN K 195 -18.50 13.12 -7.72
C GLN K 195 -17.34 13.86 -8.36
N GLY K 196 -16.80 13.34 -9.46
CA GLY K 196 -15.72 13.99 -10.17
C GLY K 196 -16.11 15.23 -10.94
N LEU K 197 -17.37 15.64 -10.86
CA LEU K 197 -17.88 16.81 -11.56
C LEU K 197 -18.28 17.88 -10.54
N SER K 198 -17.73 19.08 -10.70
CA SER K 198 -18.07 20.18 -9.81
C SER K 198 -19.54 20.55 -9.95
N SER K 199 -20.00 20.80 -11.17
CA SER K 199 -21.39 21.11 -11.45
C SER K 199 -22.01 20.05 -12.37
N PRO K 200 -23.32 19.84 -12.28
CA PRO K 200 -23.98 18.89 -13.17
C PRO K 200 -23.80 19.29 -14.64
N VAL K 201 -23.38 18.33 -15.45
CA VAL K 201 -23.13 18.54 -16.87
C VAL K 201 -24.34 18.09 -17.67
N THR K 202 -24.72 18.90 -18.67
CA THR K 202 -25.89 18.63 -19.50
C THR K 202 -25.50 18.53 -20.96
N LYS K 203 -26.01 17.50 -21.64
CA LYS K 203 -25.95 17.37 -23.08
C LYS K 203 -27.38 17.35 -23.63
N SER K 204 -27.62 18.12 -24.69
CA SER K 204 -28.97 18.29 -25.19
C SER K 204 -28.96 18.40 -26.70
N PHE K 205 -30.14 18.16 -27.29
CA PHE K 205 -30.36 18.42 -28.70
C PHE K 205 -31.83 18.76 -28.89
N ASN K 206 -32.13 19.43 -29.99
CA ASN K 206 -33.51 19.79 -30.34
C ASN K 206 -33.98 18.91 -31.49
N ARG K 207 -35.24 18.51 -31.44
CA ARG K 207 -35.76 17.57 -32.43
C ARG K 207 -35.75 18.19 -33.82
N GLY K 208 -35.17 17.46 -34.78
CA GLY K 208 -35.14 17.86 -36.17
C GLY K 208 -34.00 18.76 -36.57
N GLU K 209 -33.00 18.92 -35.72
CA GLU K 209 -31.84 19.76 -36.04
C GLU K 209 -30.57 18.92 -36.13
N GLN L 1 -4.94 -25.28 -32.74
CA GLN L 1 -5.14 -24.67 -31.44
C GLN L 1 -5.96 -25.59 -30.55
N VAL L 2 -5.36 -26.05 -29.46
CA VAL L 2 -6.02 -27.00 -28.56
C VAL L 2 -7.04 -26.27 -27.71
N GLN L 3 -8.28 -26.76 -27.73
CA GLN L 3 -9.37 -26.15 -26.98
C GLN L 3 -10.57 -27.10 -27.05
N SER L 4 -11.56 -26.81 -26.21
CA SER L 4 -12.82 -27.55 -26.22
C SER L 4 -13.91 -26.60 -26.72
N VAL L 5 -14.52 -26.94 -27.85
CA VAL L 5 -15.56 -26.10 -28.45
C VAL L 5 -16.91 -26.73 -28.16
N GLN L 6 -17.85 -25.88 -27.75
CA GLN L 6 -19.20 -26.30 -27.39
C GLN L 6 -20.21 -25.81 -28.39
N SER L 7 -21.40 -26.40 -28.34
CA SER L 7 -22.47 -25.96 -29.22
C SER L 7 -22.99 -24.60 -28.78
N GLY L 8 -23.72 -23.95 -29.66
CA GLY L 8 -24.18 -22.59 -29.40
C GLY L 8 -25.26 -22.54 -28.34
N ALA L 9 -25.62 -21.31 -27.98
CA ALA L 9 -26.63 -21.11 -26.95
C ALA L 9 -28.00 -21.53 -27.46
N GLU L 10 -28.82 -22.09 -26.58
CA GLU L 10 -30.10 -22.63 -26.98
C GLU L 10 -31.16 -22.25 -25.96
N VAL L 11 -32.41 -22.15 -26.43
CA VAL L 11 -33.56 -21.86 -25.59
C VAL L 11 -34.58 -22.98 -25.77
N LYS L 12 -35.09 -23.48 -24.64
CA LYS L 12 -36.08 -24.54 -24.64
C LYS L 12 -37.17 -24.20 -23.63
N LYS L 13 -38.38 -24.71 -23.91
CA LYS L 13 -39.52 -24.53 -23.03
C LYS L 13 -39.40 -25.41 -21.79
N PRO L 14 -40.03 -24.99 -20.70
CA PRO L 14 -40.04 -25.81 -19.48
C PRO L 14 -40.69 -27.17 -19.74
N GLY L 15 -40.05 -28.22 -19.23
CA GLY L 15 -40.48 -29.57 -19.46
C GLY L 15 -39.85 -30.25 -20.67
N ALA L 16 -39.14 -29.50 -21.51
CA ALA L 16 -38.48 -30.06 -22.67
C ALA L 16 -37.08 -30.54 -22.29
N SER L 17 -36.25 -30.82 -23.28
CA SER L 17 -34.90 -31.30 -23.05
C SER L 17 -33.94 -30.59 -24.00
N VAL L 18 -32.69 -30.49 -23.58
CA VAL L 18 -31.63 -29.85 -24.35
C VAL L 18 -30.41 -30.77 -24.37
N LYS L 19 -29.76 -30.87 -25.53
CA LYS L 19 -28.55 -31.67 -25.69
C LYS L 19 -27.41 -30.73 -26.06
N VAL L 20 -26.36 -30.73 -25.25
CA VAL L 20 -25.20 -29.86 -25.44
C VAL L 20 -24.01 -30.72 -25.84
N SER L 21 -23.25 -30.25 -26.83
CA SER L 21 -22.09 -30.99 -27.32
C SER L 21 -20.80 -30.35 -26.82
N CYS L 22 -19.75 -31.15 -26.78
CA CYS L 22 -18.43 -30.69 -26.33
C CYS L 22 -17.37 -31.46 -27.12
N LYS L 23 -16.85 -30.82 -28.17
CA LYS L 23 -15.92 -31.46 -29.11
C LYS L 23 -14.50 -31.13 -28.72
N ALA L 24 -13.66 -32.15 -28.61
CA ALA L 24 -12.24 -31.94 -28.35
C ALA L 24 -11.55 -31.53 -29.65
N SER L 25 -10.89 -30.38 -29.65
CA SER L 25 -10.17 -29.88 -30.81
C SER L 25 -8.67 -29.92 -30.49
N GLY L 26 -7.94 -30.78 -31.18
CA GLY L 26 -6.51 -30.89 -31.00
C GLY L 26 -6.06 -31.85 -29.92
N TYR L 27 -6.98 -32.55 -29.25
CA TYR L 27 -6.60 -33.54 -28.24
C TYR L 27 -7.62 -34.66 -28.25
N THR L 28 -7.33 -35.70 -27.47
CA THR L 28 -8.18 -36.89 -27.40
C THR L 28 -8.72 -37.05 -25.98
N PHE L 29 -9.72 -37.91 -25.85
CA PHE L 29 -10.36 -38.17 -24.56
C PHE L 29 -9.69 -39.29 -23.77
N THR L 30 -8.87 -40.13 -24.42
CA THR L 30 -8.49 -41.42 -23.86
C THR L 30 -7.79 -41.32 -22.51
N GLY L 31 -7.16 -40.18 -22.21
CA GLY L 31 -6.46 -40.02 -20.95
C GLY L 31 -7.16 -39.17 -19.91
N TYR L 32 -8.40 -38.77 -20.14
CA TYR L 32 -9.08 -37.84 -19.25
C TYR L 32 -10.52 -38.28 -19.01
N TYR L 33 -11.10 -37.73 -17.95
CA TYR L 33 -12.54 -37.74 -17.74
C TYR L 33 -13.09 -36.39 -18.16
N MET L 34 -14.28 -36.39 -18.76
CA MET L 34 -14.95 -35.16 -19.16
C MET L 34 -16.04 -34.84 -18.16
N HIS L 35 -15.94 -33.66 -17.53
CA HIS L 35 -16.88 -33.21 -16.53
C HIS L 35 -17.73 -32.07 -17.09
N TRP L 36 -18.91 -31.91 -16.50
CA TRP L 36 -19.82 -30.82 -16.86
C TRP L 36 -20.09 -29.97 -15.63
N VAL L 37 -19.85 -28.67 -15.75
CA VAL L 37 -20.08 -27.71 -14.68
C VAL L 37 -20.96 -26.61 -15.22
N ARG L 38 -22.01 -26.27 -14.49
CA ARG L 38 -22.93 -25.22 -14.89
C ARG L 38 -22.85 -24.05 -13.92
N GLN L 39 -23.25 -22.87 -14.40
CA GLN L 39 -23.15 -21.64 -13.63
C GLN L 39 -24.37 -20.79 -13.92
N ALA L 40 -25.20 -20.57 -12.89
CA ALA L 40 -26.33 -19.68 -13.02
C ALA L 40 -25.86 -18.28 -13.40
N PRO L 41 -26.72 -17.47 -14.05
CA PRO L 41 -26.29 -16.17 -14.61
C PRO L 41 -25.38 -15.34 -13.71
N GLY L 42 -25.69 -15.23 -12.43
CA GLY L 42 -24.85 -14.43 -11.55
C GLY L 42 -24.27 -15.18 -10.37
N GLN L 43 -24.55 -16.48 -10.28
CA GLN L 43 -24.15 -17.28 -9.13
C GLN L 43 -22.85 -18.04 -9.41
N GLY L 44 -22.53 -18.98 -8.54
CA GLY L 44 -21.30 -19.73 -8.62
C GLY L 44 -21.40 -20.99 -9.46
N LEU L 45 -20.41 -21.86 -9.27
CA LEU L 45 -20.24 -23.06 -10.08
C LEU L 45 -20.88 -24.27 -9.42
N GLU L 46 -21.50 -25.12 -10.25
CA GLU L 46 -22.17 -26.36 -9.85
C GLU L 46 -21.73 -27.51 -10.73
N TRP L 47 -21.28 -28.59 -10.10
CA TRP L 47 -20.83 -29.78 -10.80
C TRP L 47 -22.01 -30.67 -11.12
N VAL L 48 -22.07 -31.16 -12.36
CA VAL L 48 -23.18 -31.99 -12.82
C VAL L 48 -22.81 -33.46 -12.82
N GLY L 49 -21.67 -33.80 -13.40
CA GLY L 49 -21.24 -35.19 -13.46
C GLY L 49 -20.06 -35.34 -14.40
N TRP L 50 -19.52 -36.56 -14.43
CA TRP L 50 -18.46 -36.90 -15.37
C TRP L 50 -18.86 -38.15 -16.15
N ILE L 51 -18.14 -38.37 -17.25
CA ILE L 51 -18.32 -39.55 -18.08
C ILE L 51 -16.95 -40.13 -18.41
N ASN L 52 -16.87 -41.47 -18.40
CA ASN L 52 -15.66 -42.18 -18.78
C ASN L 52 -15.67 -42.44 -20.28
N PRO L 53 -14.76 -41.86 -21.06
CA PRO L 53 -14.84 -42.04 -22.52
C PRO L 53 -14.47 -43.43 -22.99
N ASN L 54 -13.73 -44.21 -22.18
CA ASN L 54 -13.36 -45.56 -22.58
C ASN L 54 -14.48 -46.55 -22.35
N SER L 55 -15.30 -46.35 -21.32
CA SER L 55 -16.35 -47.28 -20.97
C SER L 55 -17.76 -46.74 -21.14
N GLY L 56 -17.92 -45.43 -21.29
CA GLY L 56 -19.22 -44.82 -21.29
C GLY L 56 -19.85 -44.69 -19.91
N GLY L 57 -19.18 -45.15 -18.87
CA GLY L 57 -19.73 -45.02 -17.53
C GLY L 57 -19.84 -43.57 -17.12
N THR L 58 -20.79 -43.30 -16.22
CA THR L 58 -21.09 -41.94 -15.79
C THR L 58 -21.23 -41.90 -14.29
N ASN L 59 -21.17 -40.69 -13.73
CA ASN L 59 -21.42 -40.47 -12.32
C ASN L 59 -21.98 -39.05 -12.19
N TYR L 60 -23.31 -38.96 -12.17
CA TYR L 60 -24.00 -37.69 -12.08
C TYR L 60 -24.16 -37.25 -10.63
N ALA L 61 -24.25 -35.94 -10.44
CA ALA L 61 -24.64 -35.40 -9.14
C ALA L 61 -26.06 -35.82 -8.81
N GLN L 62 -26.31 -36.06 -7.52
CA GLN L 62 -27.63 -36.53 -7.10
C GLN L 62 -28.75 -35.56 -7.46
N LYS L 63 -28.45 -34.27 -7.66
CA LYS L 63 -29.48 -33.30 -8.02
C LYS L 63 -30.10 -33.59 -9.38
N PHE L 64 -29.32 -34.15 -10.31
CA PHE L 64 -29.78 -34.37 -11.69
C PHE L 64 -29.89 -35.84 -12.05
N GLN L 65 -29.97 -36.73 -11.05
CA GLN L 65 -29.84 -38.16 -11.30
C GLN L 65 -30.85 -38.64 -12.34
N GLY L 66 -32.10 -38.24 -12.20
CA GLY L 66 -33.14 -38.67 -13.13
C GLY L 66 -33.24 -37.85 -14.39
N ARG L 67 -32.54 -36.72 -14.47
CA ARG L 67 -32.77 -35.74 -15.53
C ARG L 67 -31.58 -35.53 -16.45
N VAL L 68 -30.40 -36.06 -16.14
CA VAL L 68 -29.24 -35.83 -16.98
C VAL L 68 -28.75 -37.16 -17.55
N THR L 69 -28.21 -37.10 -18.76
CA THR L 69 -27.64 -38.26 -19.44
C THR L 69 -26.41 -37.80 -20.22
N MET L 70 -25.29 -38.50 -20.03
CA MET L 70 -24.05 -38.16 -20.70
C MET L 70 -23.60 -39.31 -21.58
N THR L 71 -23.25 -38.99 -22.82
CA THR L 71 -22.70 -39.94 -23.77
C THR L 71 -21.49 -39.30 -24.44
N ARG L 72 -20.79 -40.10 -25.24
CA ARG L 72 -19.61 -39.61 -25.93
C ARG L 72 -19.43 -40.39 -27.23
N ASP L 73 -18.74 -39.77 -28.18
CA ASP L 73 -18.41 -40.39 -29.45
C ASP L 73 -16.89 -40.35 -29.58
N THR L 74 -16.25 -41.49 -29.34
CA THR L 74 -14.78 -41.54 -29.34
C THR L 74 -14.22 -41.36 -30.74
N SER L 75 -14.97 -41.76 -31.78
CA SER L 75 -14.46 -41.63 -33.14
C SER L 75 -14.24 -40.16 -33.53
N ILE L 76 -15.00 -39.23 -32.92
CA ILE L 76 -14.87 -37.80 -33.20
C ILE L 76 -14.49 -37.02 -31.96
N SER L 77 -14.23 -37.68 -30.84
CA SER L 77 -13.84 -37.04 -29.59
C SER L 77 -14.81 -35.92 -29.21
N THR L 78 -16.09 -36.30 -29.06
CA THR L 78 -17.14 -35.35 -28.72
C THR L 78 -17.97 -35.91 -27.58
N ALA L 79 -18.11 -35.15 -26.50
CA ALA L 79 -18.98 -35.50 -25.38
C ALA L 79 -20.31 -34.76 -25.48
N TYR L 80 -21.36 -35.41 -25.02
CA TYR L 80 -22.71 -34.85 -25.05
C TYR L 80 -23.30 -34.89 -23.64
N MET L 81 -24.15 -33.92 -23.34
CA MET L 81 -24.90 -33.89 -22.11
C MET L 81 -26.34 -33.48 -22.42
N GLU L 82 -27.29 -34.28 -21.96
CA GLU L 82 -28.71 -34.07 -22.19
C GLU L 82 -29.43 -33.86 -20.86
N LEU L 83 -30.07 -32.72 -20.71
CA LEU L 83 -30.85 -32.41 -19.51
C LEU L 83 -32.33 -32.46 -19.87
N SER L 84 -33.07 -33.37 -19.26
CA SER L 84 -34.48 -33.55 -19.59
C SER L 84 -35.38 -32.97 -18.52
N ARG L 85 -36.64 -32.74 -18.90
CA ARG L 85 -37.65 -32.16 -18.02
C ARG L 85 -37.15 -30.87 -17.39
N LEU L 86 -36.85 -29.91 -18.26
CA LEU L 86 -36.21 -28.65 -17.85
C LEU L 86 -37.10 -27.82 -16.93
N ARG L 87 -36.45 -27.08 -16.04
CA ARG L 87 -37.08 -26.12 -15.14
C ARG L 87 -36.34 -24.79 -15.24
N SER L 88 -36.97 -23.73 -14.70
CA SER L 88 -36.39 -22.39 -14.82
C SER L 88 -35.05 -22.30 -14.10
N ASP L 89 -34.87 -23.13 -13.07
CA ASP L 89 -33.62 -23.15 -12.32
C ASP L 89 -32.45 -23.66 -13.17
N ASP L 90 -32.74 -24.34 -14.27
CA ASP L 90 -31.69 -24.89 -15.12
C ASP L 90 -31.11 -23.86 -16.07
N THR L 91 -31.69 -22.66 -16.13
CA THR L 91 -31.10 -21.59 -16.94
C THR L 91 -29.73 -21.23 -16.38
N ALA L 92 -28.69 -21.53 -17.14
CA ALA L 92 -27.31 -21.35 -16.67
C ALA L 92 -26.38 -21.47 -17.86
N VAL L 93 -25.11 -21.22 -17.61
CA VAL L 93 -24.04 -21.46 -18.57
C VAL L 93 -23.42 -22.82 -18.25
N TYR L 94 -23.43 -23.72 -19.23
CA TYR L 94 -22.95 -25.08 -19.05
C TYR L 94 -21.57 -25.22 -19.69
N TYR L 95 -20.58 -25.57 -18.88
CA TYR L 95 -19.22 -25.77 -19.34
C TYR L 95 -18.88 -27.26 -19.34
N CYS L 96 -17.96 -27.63 -20.22
CA CYS L 96 -17.29 -28.92 -20.14
C CYS L 96 -15.81 -28.67 -19.88
N ALA L 97 -15.18 -29.59 -19.16
CA ALA L 97 -13.79 -29.41 -18.77
C ALA L 97 -13.08 -30.75 -18.76
N ARG L 98 -11.75 -30.69 -18.84
CA ARG L 98 -10.89 -31.85 -18.86
C ARG L 98 -10.35 -32.10 -17.45
N VAL L 99 -10.32 -33.36 -17.04
CA VAL L 99 -9.71 -33.76 -15.77
C VAL L 99 -8.89 -35.02 -16.03
N SER L 100 -7.62 -35.00 -15.60
CA SER L 100 -6.73 -36.12 -15.84
C SER L 100 -7.22 -37.35 -15.08
N GLN L 101 -7.25 -38.49 -15.77
CA GLN L 101 -7.67 -39.74 -15.13
C GLN L 101 -6.60 -40.26 -14.18
N TYR L 102 -5.33 -40.05 -14.52
CA TYR L 102 -4.22 -40.58 -13.73
C TYR L 102 -3.78 -39.65 -12.62
N SER L 103 -4.40 -38.48 -12.48
CA SER L 103 -4.02 -37.52 -11.46
C SER L 103 -4.65 -37.88 -10.12
N SER L 104 -3.97 -37.49 -9.04
CA SER L 104 -4.49 -37.75 -7.70
C SER L 104 -5.66 -36.84 -7.35
N GLY L 105 -5.78 -35.69 -8.01
CA GLY L 105 -6.87 -34.77 -7.76
C GLY L 105 -7.52 -34.31 -9.07
N TRP L 106 -8.60 -33.54 -8.90
CA TRP L 106 -9.36 -33.02 -10.02
C TRP L 106 -8.83 -31.63 -10.37
N TYR L 107 -8.18 -31.51 -11.53
CA TYR L 107 -7.69 -30.23 -12.03
C TYR L 107 -8.46 -29.92 -13.31
N PHE L 108 -9.48 -29.09 -13.19
CA PHE L 108 -10.29 -28.71 -14.34
C PHE L 108 -9.47 -27.87 -15.31
N GLY L 109 -9.26 -28.40 -16.52
CA GLY L 109 -8.51 -27.69 -17.53
C GLY L 109 -9.21 -27.76 -18.87
N TYR L 110 -8.83 -26.84 -19.76
CA TYR L 110 -9.37 -26.75 -21.11
C TYR L 110 -10.91 -26.72 -21.09
N TRP L 111 -11.43 -25.73 -20.39
CA TRP L 111 -12.86 -25.51 -20.35
C TRP L 111 -13.39 -25.13 -21.72
N GLY L 112 -14.66 -25.47 -21.97
CA GLY L 112 -15.33 -24.96 -23.13
C GLY L 112 -15.64 -23.49 -22.99
N GLN L 113 -16.04 -22.88 -24.11
CA GLN L 113 -16.39 -21.46 -24.09
C GLN L 113 -17.70 -21.19 -23.35
N GLY L 114 -18.45 -22.23 -23.02
CA GLY L 114 -19.72 -22.09 -22.34
C GLY L 114 -20.88 -22.13 -23.30
N THR L 115 -22.00 -22.64 -22.83
CA THR L 115 -23.23 -22.71 -23.60
C THR L 115 -24.37 -22.21 -22.73
N LEU L 116 -24.97 -21.09 -23.11
CA LEU L 116 -26.07 -20.52 -22.34
C LEU L 116 -27.37 -21.22 -22.74
N VAL L 117 -27.98 -21.89 -21.78
CA VAL L 117 -29.26 -22.57 -21.98
C VAL L 117 -30.30 -21.82 -21.16
N THR L 118 -31.33 -21.30 -21.83
CA THR L 118 -32.36 -20.52 -21.19
C THR L 118 -33.68 -21.29 -21.19
N VAL L 119 -34.27 -21.46 -20.02
CA VAL L 119 -35.60 -22.02 -19.88
C VAL L 119 -36.58 -20.88 -19.64
N SER L 120 -37.51 -20.71 -20.56
CA SER L 120 -38.50 -19.65 -20.49
C SER L 120 -39.65 -20.02 -21.42
N SER L 121 -40.86 -19.64 -21.04
CA SER L 121 -42.04 -19.88 -21.85
C SER L 121 -42.17 -18.88 -22.99
N ALA L 122 -41.19 -18.01 -23.19
CA ALA L 122 -41.21 -17.04 -24.27
C ALA L 122 -40.58 -17.65 -25.51
N SER L 123 -40.89 -17.05 -26.66
CA SER L 123 -40.41 -17.56 -27.94
C SER L 123 -39.22 -16.76 -28.45
N THR L 124 -38.50 -17.39 -29.38
CA THR L 124 -37.31 -16.79 -29.96
C THR L 124 -37.69 -15.62 -30.87
N LYS L 125 -37.04 -14.47 -30.66
CA LYS L 125 -37.29 -13.28 -31.45
C LYS L 125 -35.97 -12.67 -31.91
N GLY L 126 -35.89 -12.32 -33.20
CA GLY L 126 -34.71 -11.70 -33.74
C GLY L 126 -34.57 -10.24 -33.34
N PRO L 127 -33.34 -9.74 -33.29
CA PRO L 127 -33.10 -8.35 -32.87
C PRO L 127 -33.20 -7.36 -34.01
N SER L 128 -33.71 -6.17 -33.67
CA SER L 128 -33.67 -5.02 -34.56
C SER L 128 -32.47 -4.15 -34.20
N VAL L 129 -31.69 -3.78 -35.21
CA VAL L 129 -30.47 -3.00 -35.02
C VAL L 129 -30.69 -1.60 -35.57
N PHE L 130 -30.38 -0.60 -34.75
CA PHE L 130 -30.51 0.81 -35.13
C PHE L 130 -29.21 1.53 -34.84
N PRO L 131 -28.80 2.46 -35.70
CA PRO L 131 -27.52 3.15 -35.49
C PRO L 131 -27.61 4.30 -34.50
N LEU L 132 -26.48 4.56 -33.85
CA LEU L 132 -26.30 5.70 -32.95
C LEU L 132 -25.37 6.66 -33.68
N ALA L 133 -25.96 7.65 -34.35
CA ALA L 133 -25.17 8.53 -35.20
C ALA L 133 -24.33 9.51 -34.36
N PRO L 134 -23.04 9.66 -34.66
CA PRO L 134 -22.25 10.67 -33.96
C PRO L 134 -22.67 12.08 -34.35
N SER L 135 -22.32 13.04 -33.48
CA SER L 135 -22.71 14.42 -33.66
C SER L 135 -21.93 15.27 -32.67
N SER L 136 -22.07 16.58 -32.80
CA SER L 136 -21.41 17.55 -31.92
C SER L 136 -19.89 17.46 -32.05
N SER L 140 -17.61 15.47 -27.59
CA SER L 140 -16.86 15.86 -26.41
C SER L 140 -15.34 15.87 -26.66
N GLY L 141 -14.80 17.05 -26.97
CA GLY L 141 -13.37 17.12 -27.18
C GLY L 141 -12.96 16.52 -28.53
N GLY L 142 -11.78 15.94 -28.55
CA GLY L 142 -11.21 15.36 -29.75
C GLY L 142 -11.70 13.97 -30.10
N THR L 143 -12.53 13.37 -29.26
CA THR L 143 -13.02 12.02 -29.46
C THR L 143 -14.54 12.06 -29.64
N ALA L 144 -15.02 11.36 -30.67
CA ALA L 144 -16.43 11.24 -30.96
C ALA L 144 -16.90 9.83 -30.63
N ALA L 145 -18.19 9.71 -30.31
CA ALA L 145 -18.79 8.45 -29.91
C ALA L 145 -19.86 8.03 -30.90
N LEU L 146 -19.85 6.74 -31.25
CA LEU L 146 -20.83 6.15 -32.14
C LEU L 146 -21.11 4.73 -31.67
N GLY L 147 -22.30 4.24 -31.99
CA GLY L 147 -22.65 2.92 -31.53
C GLY L 147 -23.83 2.33 -32.28
N CYS L 148 -24.26 1.16 -31.81
CA CYS L 148 -25.42 0.47 -32.36
C CYS L 148 -26.38 0.13 -31.24
N LEU L 149 -27.66 0.15 -31.57
CA LEU L 149 -28.74 -0.16 -30.63
C LEU L 149 -29.34 -1.50 -31.05
N VAL L 150 -29.13 -2.52 -30.23
CA VAL L 150 -29.67 -3.85 -30.46
C VAL L 150 -30.90 -3.95 -29.56
N LYS L 151 -32.09 -3.82 -30.16
CA LYS L 151 -33.31 -3.74 -29.39
C LYS L 151 -34.23 -4.91 -29.71
N ASP L 152 -35.01 -5.32 -28.71
CA ASP L 152 -36.10 -6.28 -28.88
C ASP L 152 -35.63 -7.63 -29.42
N TYR L 153 -35.06 -8.46 -28.55
CA TYR L 153 -34.68 -9.81 -28.92
C TYR L 153 -34.86 -10.73 -27.71
N PHE L 154 -34.91 -12.03 -27.99
CA PHE L 154 -35.01 -13.05 -26.96
C PHE L 154 -34.64 -14.39 -27.58
N PRO L 155 -33.83 -15.22 -26.91
CA PRO L 155 -33.19 -14.93 -25.62
C PRO L 155 -31.75 -14.46 -25.77
N GLU L 156 -31.06 -14.41 -24.64
CA GLU L 156 -29.64 -14.15 -24.63
C GLU L 156 -28.88 -15.33 -25.27
N PRO L 157 -27.66 -15.08 -25.78
CA PRO L 157 -26.94 -13.81 -25.84
C PRO L 157 -26.86 -13.25 -27.25
N VAL L 158 -26.28 -12.05 -27.36
CA VAL L 158 -25.96 -11.44 -28.64
C VAL L 158 -24.49 -11.08 -28.64
N THR L 159 -23.80 -11.40 -29.72
CA THR L 159 -22.39 -11.04 -29.87
C THR L 159 -22.32 -9.84 -30.81
N VAL L 160 -21.59 -8.81 -30.39
CA VAL L 160 -21.44 -7.59 -31.16
C VAL L 160 -19.96 -7.35 -31.39
N SER L 161 -19.55 -7.40 -32.65
CA SER L 161 -18.20 -7.03 -33.05
C SER L 161 -18.25 -5.76 -33.89
N TRP L 162 -17.11 -5.08 -33.98
CA TRP L 162 -17.01 -3.83 -34.71
C TRP L 162 -16.00 -4.01 -35.83
N ASN L 163 -16.44 -3.76 -37.07
CA ASN L 163 -15.60 -3.91 -38.26
C ASN L 163 -15.04 -5.32 -38.36
N SER L 164 -15.93 -6.29 -38.14
CA SER L 164 -15.61 -7.72 -38.25
C SER L 164 -14.51 -8.13 -37.27
N GLY L 165 -14.52 -7.53 -36.07
CA GLY L 165 -13.58 -7.86 -35.04
C GLY L 165 -12.28 -7.09 -35.06
N ALA L 166 -12.10 -6.19 -36.03
CA ALA L 166 -10.85 -5.44 -36.13
C ALA L 166 -10.79 -4.28 -35.16
N LEU L 167 -11.94 -3.68 -34.82
CA LEU L 167 -12.00 -2.55 -33.90
C LEU L 167 -12.37 -3.06 -32.51
N THR L 168 -11.40 -3.04 -31.60
CA THR L 168 -11.63 -3.48 -30.22
C THR L 168 -11.23 -2.46 -29.16
N SER L 169 -10.59 -1.36 -29.53
CA SER L 169 -10.20 -0.35 -28.56
C SER L 169 -11.32 0.66 -28.35
N GLY L 170 -11.56 0.99 -27.09
CA GLY L 170 -12.61 1.94 -26.77
C GLY L 170 -14.02 1.42 -26.93
N VAL L 171 -14.18 0.13 -27.22
CA VAL L 171 -15.50 -0.46 -27.37
C VAL L 171 -16.05 -0.81 -25.99
N HIS L 172 -17.29 -0.37 -25.72
CA HIS L 172 -17.98 -0.69 -24.48
C HIS L 172 -19.33 -1.29 -24.87
N THR L 173 -19.42 -2.63 -24.83
CA THR L 173 -20.68 -3.31 -25.11
C THR L 173 -21.40 -3.54 -23.78
N PHE L 174 -22.56 -2.94 -23.62
CA PHE L 174 -23.25 -2.94 -22.34
C PHE L 174 -24.03 -4.23 -22.14
N PRO L 175 -24.16 -4.68 -20.89
CA PRO L 175 -24.99 -5.86 -20.62
C PRO L 175 -26.44 -5.60 -21.00
N ALA L 176 -27.10 -6.66 -21.45
CA ALA L 176 -28.49 -6.52 -21.88
C ALA L 176 -29.39 -6.16 -20.71
N VAL L 177 -30.51 -5.52 -21.03
CA VAL L 177 -31.51 -5.12 -20.06
C VAL L 177 -32.86 -5.65 -20.53
N LEU L 178 -33.60 -6.27 -19.61
CA LEU L 178 -34.94 -6.74 -19.91
C LEU L 178 -35.90 -5.56 -19.85
N GLN L 179 -36.61 -5.32 -20.95
CA GLN L 179 -37.54 -4.19 -21.03
C GLN L 179 -38.90 -4.56 -20.46
N SER L 180 -39.74 -3.52 -20.31
CA SER L 180 -41.09 -3.75 -19.82
C SER L 180 -41.90 -4.60 -20.79
N SER L 181 -41.55 -4.53 -22.08
CA SER L 181 -42.19 -5.37 -23.08
C SER L 181 -41.79 -6.83 -22.95
N GLY L 182 -40.76 -7.14 -22.16
CA GLY L 182 -40.31 -8.49 -21.96
C GLY L 182 -39.16 -8.95 -22.84
N LEU L 183 -38.60 -8.06 -23.65
CA LEU L 183 -37.49 -8.38 -24.53
C LEU L 183 -36.23 -7.69 -24.02
N TYR L 184 -35.09 -8.21 -24.47
CA TYR L 184 -33.80 -7.67 -24.07
C TYR L 184 -33.36 -6.56 -25.03
N SER L 185 -32.51 -5.68 -24.52
CA SER L 185 -31.95 -4.59 -25.32
C SER L 185 -30.60 -4.20 -24.73
N LEU L 186 -29.60 -4.09 -25.59
CA LEU L 186 -28.27 -3.66 -25.19
C LEU L 186 -27.79 -2.58 -26.14
N SER L 187 -26.72 -1.89 -25.72
CA SER L 187 -26.07 -0.90 -26.56
C SER L 187 -24.59 -1.24 -26.66
N SER L 188 -24.04 -1.08 -27.86
CA SER L 188 -22.61 -1.27 -28.10
C SER L 188 -22.07 0.02 -28.68
N VAL L 189 -21.13 0.65 -27.98
CA VAL L 189 -20.58 1.93 -28.39
C VAL L 189 -19.07 1.79 -28.54
N VAL L 190 -18.47 2.76 -29.22
CA VAL L 190 -17.03 2.81 -29.39
C VAL L 190 -16.62 4.27 -29.53
N THR L 191 -15.53 4.64 -28.86
CA THR L 191 -14.97 5.99 -28.95
C THR L 191 -13.80 5.96 -29.93
N VAL L 192 -13.86 6.83 -30.93
CA VAL L 192 -12.83 6.89 -31.96
C VAL L 192 -12.38 8.34 -32.09
N PRO L 193 -11.17 8.55 -32.60
CA PRO L 193 -10.73 9.93 -32.86
C PRO L 193 -11.66 10.61 -33.87
N SER L 194 -11.94 11.88 -33.63
CA SER L 194 -12.86 12.62 -34.48
C SER L 194 -12.35 12.77 -35.91
N SER L 195 -11.02 12.70 -36.11
CA SER L 195 -10.47 12.82 -37.46
C SER L 195 -10.82 11.62 -38.33
N SER L 196 -10.94 10.43 -37.73
CA SER L 196 -11.23 9.23 -38.50
C SER L 196 -12.65 9.21 -39.05
N LEU L 197 -13.52 10.08 -38.57
CA LEU L 197 -14.88 10.17 -39.11
C LEU L 197 -14.84 10.69 -40.55
N GLY L 198 -15.58 10.04 -41.44
CA GLY L 198 -15.59 10.37 -42.84
C GLY L 198 -14.53 9.67 -43.66
N THR L 199 -13.44 9.22 -43.03
CA THR L 199 -12.39 8.47 -43.71
C THR L 199 -12.32 7.01 -43.30
N GLN L 200 -13.14 6.57 -42.34
CA GLN L 200 -13.11 5.18 -41.93
C GLN L 200 -14.55 4.70 -41.80
N THR L 201 -14.85 3.54 -42.38
CA THR L 201 -16.21 2.99 -42.37
C THR L 201 -16.41 2.13 -41.13
N TYR L 202 -17.38 2.50 -40.30
CA TYR L 202 -17.65 1.81 -39.04
C TYR L 202 -18.93 0.99 -39.17
N ILE L 203 -18.82 -0.31 -38.99
CA ILE L 203 -19.94 -1.25 -39.10
C ILE L 203 -19.97 -2.13 -37.86
N CYS L 204 -21.15 -2.29 -37.28
CA CYS L 204 -21.35 -3.19 -36.16
C CYS L 204 -21.96 -4.50 -36.65
N ASN L 205 -21.48 -5.61 -36.11
CA ASN L 205 -21.87 -6.95 -36.54
C ASN L 205 -22.63 -7.63 -35.41
N VAL L 206 -23.94 -7.76 -35.57
CA VAL L 206 -24.83 -8.31 -34.56
C VAL L 206 -25.17 -9.75 -34.94
N ASN L 207 -24.91 -10.68 -34.02
CA ASN L 207 -25.23 -12.10 -34.21
C ASN L 207 -26.20 -12.53 -33.11
N HIS L 208 -27.34 -13.09 -33.52
CA HIS L 208 -28.31 -13.66 -32.60
C HIS L 208 -28.58 -15.06 -33.11
N LYS L 209 -27.84 -16.02 -32.58
CA LYS L 209 -27.84 -17.41 -33.05
C LYS L 209 -29.14 -18.16 -32.73
N PRO L 210 -29.85 -17.86 -31.63
CA PRO L 210 -31.15 -18.49 -31.43
C PRO L 210 -32.12 -18.26 -32.58
N SER L 211 -31.99 -17.14 -33.29
CA SER L 211 -32.84 -16.85 -34.45
C SER L 211 -32.12 -16.92 -35.79
N ASN L 212 -30.81 -17.20 -35.81
CA ASN L 212 -30.05 -17.28 -37.06
C ASN L 212 -30.16 -15.98 -37.85
N THR L 213 -29.83 -14.87 -37.21
CA THR L 213 -29.85 -13.56 -37.86
C THR L 213 -28.48 -12.93 -37.74
N LYS L 214 -27.90 -12.55 -38.87
CA LYS L 214 -26.66 -11.79 -38.89
C LYS L 214 -26.88 -10.58 -39.77
N VAL L 215 -26.71 -9.39 -39.19
CA VAL L 215 -26.94 -8.12 -39.87
C VAL L 215 -25.75 -7.22 -39.63
N ASP L 216 -25.19 -6.67 -40.69
CA ASP L 216 -24.11 -5.70 -40.61
C ASP L 216 -24.68 -4.31 -40.88
N LYS L 217 -24.47 -3.39 -39.95
CA LYS L 217 -25.05 -2.05 -40.00
C LYS L 217 -23.92 -1.02 -40.08
N LYS L 218 -23.93 -0.22 -41.15
CA LYS L 218 -22.98 0.87 -41.26
C LYS L 218 -23.51 2.06 -40.47
N VAL L 219 -22.68 2.60 -39.59
CA VAL L 219 -23.08 3.74 -38.77
C VAL L 219 -22.43 4.96 -39.40
N GLU L 220 -23.25 5.86 -39.92
CA GLU L 220 -22.89 7.08 -40.63
C GLU L 220 -23.03 8.30 -39.73
N PRO L 221 -22.15 9.29 -39.87
CA PRO L 221 -22.33 10.53 -39.12
C PRO L 221 -23.34 11.44 -39.77
N LYS L 222 -23.30 12.74 -39.44
CA LYS L 222 -24.22 13.78 -39.92
C LYS L 222 -25.28 13.34 -40.93
#